data_3LQH
# 
_entry.id   3LQH 
# 
_audit_conform.dict_name       mmcif_pdbx.dic 
_audit_conform.dict_version    5.387 
_audit_conform.dict_location   http://mmcif.pdb.org/dictionaries/ascii/mmcif_pdbx.dic 
# 
loop_
_database_2.database_id 
_database_2.database_code 
_database_2.pdbx_database_accession 
_database_2.pdbx_DOI 
PDB   3LQH         pdb_00003lqh 10.2210/pdb3lqh/pdb 
RCSB  RCSB057602   ?            ?                   
WWPDB D_1000057602 ?            ?                   
# 
loop_
_pdbx_audit_revision_history.ordinal 
_pdbx_audit_revision_history.data_content_type 
_pdbx_audit_revision_history.major_revision 
_pdbx_audit_revision_history.minor_revision 
_pdbx_audit_revision_history.revision_date 
1 'Structure model' 1 0 2010-07-07 
2 'Structure model' 1 1 2011-07-13 
3 'Structure model' 1 2 2017-07-26 
4 'Structure model' 1 3 2024-02-21 
# 
_pdbx_audit_revision_details.ordinal             1 
_pdbx_audit_revision_details.revision_ordinal    1 
_pdbx_audit_revision_details.data_content_type   'Structure model' 
_pdbx_audit_revision_details.provider            repository 
_pdbx_audit_revision_details.type                'Initial release' 
_pdbx_audit_revision_details.description         ? 
_pdbx_audit_revision_details.details             ? 
# 
loop_
_pdbx_audit_revision_group.ordinal 
_pdbx_audit_revision_group.revision_ordinal 
_pdbx_audit_revision_group.data_content_type 
_pdbx_audit_revision_group.group 
1 2 'Structure model' 'Version format compliance' 
2 3 'Structure model' 'Refinement description'    
3 3 'Structure model' 'Source and taxonomy'       
4 4 'Structure model' 'Data collection'           
5 4 'Structure model' 'Database references'       
6 4 'Structure model' 'Derived calculations'      
# 
loop_
_pdbx_audit_revision_category.ordinal 
_pdbx_audit_revision_category.revision_ordinal 
_pdbx_audit_revision_category.data_content_type 
_pdbx_audit_revision_category.category 
1 3 'Structure model' entity_src_gen         
2 3 'Structure model' software               
3 4 'Structure model' chem_comp_atom         
4 4 'Structure model' chem_comp_bond         
5 4 'Structure model' database_2             
6 4 'Structure model' pdbx_struct_conn_angle 
7 4 'Structure model' struct_conn            
8 4 'Structure model' struct_ref_seq_dif     
9 4 'Structure model' struct_site            
# 
loop_
_pdbx_audit_revision_item.ordinal 
_pdbx_audit_revision_item.revision_ordinal 
_pdbx_audit_revision_item.data_content_type 
_pdbx_audit_revision_item.item 
1  4 'Structure model' '_database_2.pdbx_DOI'                        
2  4 'Structure model' '_database_2.pdbx_database_accession'         
3  4 'Structure model' '_pdbx_struct_conn_angle.ptnr1_auth_comp_id'  
4  4 'Structure model' '_pdbx_struct_conn_angle.ptnr1_auth_seq_id'   
5  4 'Structure model' '_pdbx_struct_conn_angle.ptnr1_label_atom_id' 
6  4 'Structure model' '_pdbx_struct_conn_angle.ptnr1_label_comp_id' 
7  4 'Structure model' '_pdbx_struct_conn_angle.ptnr1_label_seq_id'  
8  4 'Structure model' '_pdbx_struct_conn_angle.ptnr3_auth_comp_id'  
9  4 'Structure model' '_pdbx_struct_conn_angle.ptnr3_auth_seq_id'   
10 4 'Structure model' '_pdbx_struct_conn_angle.ptnr3_label_atom_id' 
11 4 'Structure model' '_pdbx_struct_conn_angle.ptnr3_label_comp_id' 
12 4 'Structure model' '_pdbx_struct_conn_angle.ptnr3_label_seq_id'  
13 4 'Structure model' '_pdbx_struct_conn_angle.value'               
14 4 'Structure model' '_struct_conn.pdbx_dist_value'                
15 4 'Structure model' '_struct_conn.ptnr1_auth_comp_id'             
16 4 'Structure model' '_struct_conn.ptnr1_auth_seq_id'              
17 4 'Structure model' '_struct_conn.ptnr1_label_asym_id'            
18 4 'Structure model' '_struct_conn.ptnr1_label_atom_id'            
19 4 'Structure model' '_struct_conn.ptnr1_label_comp_id'            
20 4 'Structure model' '_struct_conn.ptnr1_label_seq_id'             
21 4 'Structure model' '_struct_conn.ptnr2_auth_comp_id'             
22 4 'Structure model' '_struct_conn.ptnr2_auth_seq_id'              
23 4 'Structure model' '_struct_conn.ptnr2_label_asym_id'            
24 4 'Structure model' '_struct_conn.ptnr2_label_atom_id'            
25 4 'Structure model' '_struct_conn.ptnr2_label_comp_id'            
26 4 'Structure model' '_struct_conn.ptnr2_label_seq_id'             
27 4 'Structure model' '_struct_ref_seq_dif.details'                 
28 4 'Structure model' '_struct_site.pdbx_auth_asym_id'              
29 4 'Structure model' '_struct_site.pdbx_auth_comp_id'              
30 4 'Structure model' '_struct_site.pdbx_auth_seq_id'               
# 
_pdbx_database_status.status_code                     REL 
_pdbx_database_status.entry_id                        3LQH 
_pdbx_database_status.recvd_initial_deposition_date   2010-02-09 
_pdbx_database_status.deposit_site                    RCSB 
_pdbx_database_status.process_site                    RCSB 
_pdbx_database_status.status_code_sf                  REL 
_pdbx_database_status.status_code_mr                  ? 
_pdbx_database_status.SG_entry                        ? 
_pdbx_database_status.pdb_format_compatible           Y 
_pdbx_database_status.status_code_cs                  ? 
_pdbx_database_status.methods_development_category    ? 
_pdbx_database_status.status_code_nmr_data            ? 
# 
loop_
_pdbx_database_related.db_name 
_pdbx_database_related.db_id 
_pdbx_database_related.details 
_pdbx_database_related.content_type 
PDB 3LQI . unspecified 
PDB 3LQJ . unspecified 
# 
loop_
_audit_author.name 
_audit_author.pdbx_ordinal 
'Wang, Z.'    1 
'Patel, D.J.' 2 
# 
_citation.id                        primary 
_citation.title                     
'Pro isomerization in MLL1 PHD3-bromo cassette connects H3K4me readout to CyP33 and HDAC-mediated repression.' 
_citation.journal_abbrev            'Cell(Cambridge,Mass.)' 
_citation.journal_volume            141 
_citation.page_first                1183 
_citation.page_last                 1194 
_citation.year                      2010 
_citation.journal_id_ASTM           CELLB5 
_citation.country                   US 
_citation.journal_id_ISSN           0092-8674 
_citation.journal_id_CSD            0998 
_citation.book_publisher            ? 
_citation.pdbx_database_id_PubMed   20541251 
_citation.pdbx_database_id_DOI      10.1016/j.cell.2010.05.016 
# 
loop_
_citation_author.citation_id 
_citation_author.name 
_citation_author.ordinal 
_citation_author.identifier_ORCID 
primary 'Wang, Z.'    1 ? 
primary 'Song, J.'    2 ? 
primary 'Milne, T.A.' 3 ? 
primary 'Wang, G.G.'  4 ? 
primary 'Li, H.'      5 ? 
primary 'Allis, C.D.' 6 ? 
primary 'Patel, D.J.' 7 ? 
# 
loop_
_entity.id 
_entity.type 
_entity.src_method 
_entity.pdbx_description 
_entity.formula_weight 
_entity.pdbx_number_of_molecules 
_entity.pdbx_ec 
_entity.pdbx_mutation 
_entity.pdbx_fragment 
_entity.details 
1 polymer     man 'Histone-lysine N-methyltransferase MLL' 21305.293 1   2.1.1.43 ? 'Third PHD finger and Bromodomain of MLL1' ? 
2 non-polymer syn 'ZINC ION'                               65.409    2   ?        ? ?                                          ? 
3 water       nat water                                    18.015    149 ?        ? ?                                          ? 
# 
_entity_name_com.entity_id   1 
_entity_name_com.name        
;Zinc finger protein HRX, ALL-1, Trithorax-like protein, Lysine N-methyltransferase 2A, KMT2A, CXXC-type zinc finger protein 7, MLL cleavage product N320, N-terminal cleavage product of 320 kDa, p320, MLL cleavage product C180, C-terminal cleavage product of 180 kDa, p180
;
# 
_entity_poly.entity_id                      1 
_entity_poly.type                           'polypeptide(L)' 
_entity_poly.nstd_linkage                   no 
_entity_poly.nstd_monomer                   no 
_entity_poly.pdbx_seq_one_letter_code       
;SGNFCPLCDKCYDDDDYESKMMQCGKCDRWVHSKCENLSDEMYEILSNLPESVAYTCVNCTERHPAEWRLALEKELQISL
KQVLTALLNSRTTSHLLRYRQQQPLDLEGVKRKMDQGNYTSVLEFSDDIVKIIQAAINSDGGQPEIKKANSMVKSFFIRQ
MERVFPWFSVKKSRFWEPNKVSS
;
_entity_poly.pdbx_seq_one_letter_code_can   
;SGNFCPLCDKCYDDDDYESKMMQCGKCDRWVHSKCENLSDEMYEILSNLPESVAYTCVNCTERHPAEWRLALEKELQISL
KQVLTALLNSRTTSHLLRYRQQQPLDLEGVKRKMDQGNYTSVLEFSDDIVKIIQAAINSDGGQPEIKKANSMVKSFFIRQ
MERVFPWFSVKKSRFWEPNKVSS
;
_entity_poly.pdbx_strand_id                 A 
_entity_poly.pdbx_target_identifier         ? 
# 
loop_
_pdbx_entity_nonpoly.entity_id 
_pdbx_entity_nonpoly.name 
_pdbx_entity_nonpoly.comp_id 
2 'ZINC ION' ZN  
3 water      HOH 
# 
loop_
_entity_poly_seq.entity_id 
_entity_poly_seq.num 
_entity_poly_seq.mon_id 
_entity_poly_seq.hetero 
1 1   SER n 
1 2   GLY n 
1 3   ASN n 
1 4   PHE n 
1 5   CYS n 
1 6   PRO n 
1 7   LEU n 
1 8   CYS n 
1 9   ASP n 
1 10  LYS n 
1 11  CYS n 
1 12  TYR n 
1 13  ASP n 
1 14  ASP n 
1 15  ASP n 
1 16  ASP n 
1 17  TYR n 
1 18  GLU n 
1 19  SER n 
1 20  LYS n 
1 21  MET n 
1 22  MET n 
1 23  GLN n 
1 24  CYS n 
1 25  GLY n 
1 26  LYS n 
1 27  CYS n 
1 28  ASP n 
1 29  ARG n 
1 30  TRP n 
1 31  VAL n 
1 32  HIS n 
1 33  SER n 
1 34  LYS n 
1 35  CYS n 
1 36  GLU n 
1 37  ASN n 
1 38  LEU n 
1 39  SER n 
1 40  ASP n 
1 41  GLU n 
1 42  MET n 
1 43  TYR n 
1 44  GLU n 
1 45  ILE n 
1 46  LEU n 
1 47  SER n 
1 48  ASN n 
1 49  LEU n 
1 50  PRO n 
1 51  GLU n 
1 52  SER n 
1 53  VAL n 
1 54  ALA n 
1 55  TYR n 
1 56  THR n 
1 57  CYS n 
1 58  VAL n 
1 59  ASN n 
1 60  CYS n 
1 61  THR n 
1 62  GLU n 
1 63  ARG n 
1 64  HIS n 
1 65  PRO n 
1 66  ALA n 
1 67  GLU n 
1 68  TRP n 
1 69  ARG n 
1 70  LEU n 
1 71  ALA n 
1 72  LEU n 
1 73  GLU n 
1 74  LYS n 
1 75  GLU n 
1 76  LEU n 
1 77  GLN n 
1 78  ILE n 
1 79  SER n 
1 80  LEU n 
1 81  LYS n 
1 82  GLN n 
1 83  VAL n 
1 84  LEU n 
1 85  THR n 
1 86  ALA n 
1 87  LEU n 
1 88  LEU n 
1 89  ASN n 
1 90  SER n 
1 91  ARG n 
1 92  THR n 
1 93  THR n 
1 94  SER n 
1 95  HIS n 
1 96  LEU n 
1 97  LEU n 
1 98  ARG n 
1 99  TYR n 
1 100 ARG n 
1 101 GLN n 
1 102 GLN n 
1 103 GLN n 
1 104 PRO n 
1 105 LEU n 
1 106 ASP n 
1 107 LEU n 
1 108 GLU n 
1 109 GLY n 
1 110 VAL n 
1 111 LYS n 
1 112 ARG n 
1 113 LYS n 
1 114 MET n 
1 115 ASP n 
1 116 GLN n 
1 117 GLY n 
1 118 ASN n 
1 119 TYR n 
1 120 THR n 
1 121 SER n 
1 122 VAL n 
1 123 LEU n 
1 124 GLU n 
1 125 PHE n 
1 126 SER n 
1 127 ASP n 
1 128 ASP n 
1 129 ILE n 
1 130 VAL n 
1 131 LYS n 
1 132 ILE n 
1 133 ILE n 
1 134 GLN n 
1 135 ALA n 
1 136 ALA n 
1 137 ILE n 
1 138 ASN n 
1 139 SER n 
1 140 ASP n 
1 141 GLY n 
1 142 GLY n 
1 143 GLN n 
1 144 PRO n 
1 145 GLU n 
1 146 ILE n 
1 147 LYS n 
1 148 LYS n 
1 149 ALA n 
1 150 ASN n 
1 151 SER n 
1 152 MET n 
1 153 VAL n 
1 154 LYS n 
1 155 SER n 
1 156 PHE n 
1 157 PHE n 
1 158 ILE n 
1 159 ARG n 
1 160 GLN n 
1 161 MET n 
1 162 GLU n 
1 163 ARG n 
1 164 VAL n 
1 165 PHE n 
1 166 PRO n 
1 167 TRP n 
1 168 PHE n 
1 169 SER n 
1 170 VAL n 
1 171 LYS n 
1 172 LYS n 
1 173 SER n 
1 174 ARG n 
1 175 PHE n 
1 176 TRP n 
1 177 GLU n 
1 178 PRO n 
1 179 ASN n 
1 180 LYS n 
1 181 VAL n 
1 182 SER n 
1 183 SER n 
# 
loop_
_entity_src_gen.entity_id 
_entity_src_gen.pdbx_src_id 
_entity_src_gen.pdbx_alt_source_flag 
_entity_src_gen.pdbx_seq_type 
_entity_src_gen.pdbx_beg_seq_num 
_entity_src_gen.pdbx_end_seq_num 
_entity_src_gen.gene_src_common_name 
_entity_src_gen.gene_src_genus 
_entity_src_gen.pdbx_gene_src_gene 
_entity_src_gen.gene_src_species 
_entity_src_gen.gene_src_strain 
_entity_src_gen.gene_src_tissue 
_entity_src_gen.gene_src_tissue_fraction 
_entity_src_gen.gene_src_details 
_entity_src_gen.pdbx_gene_src_fragment 
_entity_src_gen.pdbx_gene_src_scientific_name 
_entity_src_gen.pdbx_gene_src_ncbi_taxonomy_id 
_entity_src_gen.pdbx_gene_src_variant 
_entity_src_gen.pdbx_gene_src_cell_line 
_entity_src_gen.pdbx_gene_src_atcc 
_entity_src_gen.pdbx_gene_src_organ 
_entity_src_gen.pdbx_gene_src_organelle 
_entity_src_gen.pdbx_gene_src_cell 
_entity_src_gen.pdbx_gene_src_cellular_location 
_entity_src_gen.host_org_common_name 
_entity_src_gen.pdbx_host_org_scientific_name 
_entity_src_gen.pdbx_host_org_ncbi_taxonomy_id 
_entity_src_gen.host_org_genus 
_entity_src_gen.pdbx_host_org_gene 
_entity_src_gen.pdbx_host_org_organ 
_entity_src_gen.host_org_species 
_entity_src_gen.pdbx_host_org_tissue 
_entity_src_gen.pdbx_host_org_tissue_fraction 
_entity_src_gen.pdbx_host_org_strain 
_entity_src_gen.pdbx_host_org_variant 
_entity_src_gen.pdbx_host_org_cell_line 
_entity_src_gen.pdbx_host_org_atcc 
_entity_src_gen.pdbx_host_org_culture_collection 
_entity_src_gen.pdbx_host_org_cell 
_entity_src_gen.pdbx_host_org_organelle 
_entity_src_gen.pdbx_host_org_cellular_location 
_entity_src_gen.pdbx_host_org_vector_type 
_entity_src_gen.pdbx_host_org_vector 
_entity_src_gen.host_org_details 
_entity_src_gen.expression_system_id 
_entity_src_gen.plasmid_name 
_entity_src_gen.plasmid_details 
_entity_src_gen.pdbx_description 
1 1 sample ? 2   101 human ? 'MLL, ALL1, CXXC7, HRX, HTRX, KMT2A, MLL1, TRX1' ? ? ? ? ? ? 'Homo sapiens' 9606 ? ? ? ? ? ? ? ? 
'Escherichia coli' 562 ? ? ? ? ? ? 'BL21 (DE3)' ? ? ? ? ? ? ? plasmid ? ? ? pRSFDuet-1 ? ? 
1 2 sample ? 102 183 human ? 'MLL, ALL1, CXXC7, HRX, HTRX, KMT2A, MLL1, TRX1' ? ? ? ? ? ? 'Homo sapiens' 9606 ? ? ? ? ? ? ? ? 
'Escherichia coli' 562 ? ? ? ? ? ? 'BL21 (DE3)' ? ? ? ? ? ? ? plasmid ? ? ? pRSFDuet-1 ? ? 
# 
loop_
_chem_comp.id 
_chem_comp.type 
_chem_comp.mon_nstd_flag 
_chem_comp.name 
_chem_comp.pdbx_synonyms 
_chem_comp.formula 
_chem_comp.formula_weight 
ALA 'L-peptide linking' y ALANINE         ? 'C3 H7 N O2'     89.093  
ARG 'L-peptide linking' y ARGININE        ? 'C6 H15 N4 O2 1' 175.209 
ASN 'L-peptide linking' y ASPARAGINE      ? 'C4 H8 N2 O3'    132.118 
ASP 'L-peptide linking' y 'ASPARTIC ACID' ? 'C4 H7 N O4'     133.103 
CYS 'L-peptide linking' y CYSTEINE        ? 'C3 H7 N O2 S'   121.158 
GLN 'L-peptide linking' y GLUTAMINE       ? 'C5 H10 N2 O3'   146.144 
GLU 'L-peptide linking' y 'GLUTAMIC ACID' ? 'C5 H9 N O4'     147.129 
GLY 'peptide linking'   y GLYCINE         ? 'C2 H5 N O2'     75.067  
HIS 'L-peptide linking' y HISTIDINE       ? 'C6 H10 N3 O2 1' 156.162 
HOH non-polymer         . WATER           ? 'H2 O'           18.015  
ILE 'L-peptide linking' y ISOLEUCINE      ? 'C6 H13 N O2'    131.173 
LEU 'L-peptide linking' y LEUCINE         ? 'C6 H13 N O2'    131.173 
LYS 'L-peptide linking' y LYSINE          ? 'C6 H15 N2 O2 1' 147.195 
MET 'L-peptide linking' y METHIONINE      ? 'C5 H11 N O2 S'  149.211 
PHE 'L-peptide linking' y PHENYLALANINE   ? 'C9 H11 N O2'    165.189 
PRO 'L-peptide linking' y PROLINE         ? 'C5 H9 N O2'     115.130 
SER 'L-peptide linking' y SERINE          ? 'C3 H7 N O3'     105.093 
THR 'L-peptide linking' y THREONINE       ? 'C4 H9 N O3'     119.119 
TRP 'L-peptide linking' y TRYPTOPHAN      ? 'C11 H12 N2 O2'  204.225 
TYR 'L-peptide linking' y TYROSINE        ? 'C9 H11 N O3'    181.189 
VAL 'L-peptide linking' y VALINE          ? 'C5 H11 N O2'    117.146 
ZN  non-polymer         . 'ZINC ION'      ? 'Zn 2'           65.409  
# 
loop_
_pdbx_poly_seq_scheme.asym_id 
_pdbx_poly_seq_scheme.entity_id 
_pdbx_poly_seq_scheme.seq_id 
_pdbx_poly_seq_scheme.mon_id 
_pdbx_poly_seq_scheme.ndb_seq_num 
_pdbx_poly_seq_scheme.pdb_seq_num 
_pdbx_poly_seq_scheme.auth_seq_num 
_pdbx_poly_seq_scheme.pdb_mon_id 
_pdbx_poly_seq_scheme.auth_mon_id 
_pdbx_poly_seq_scheme.pdb_strand_id 
_pdbx_poly_seq_scheme.pdb_ins_code 
_pdbx_poly_seq_scheme.hetero 
A 1 1   SER 1   1565 ?    ?   ?   A . n 
A 1 2   GLY 2   1566 1566 GLY GLY A . n 
A 1 3   ASN 3   1567 1567 ASN ASN A . n 
A 1 4   PHE 4   1568 1568 PHE PHE A . n 
A 1 5   CYS 5   1569 1569 CYS CYS A . n 
A 1 6   PRO 6   1570 1570 PRO PRO A . n 
A 1 7   LEU 7   1571 1571 LEU LEU A . n 
A 1 8   CYS 8   1572 1572 CYS CYS A . n 
A 1 9   ASP 9   1573 1573 ASP ASP A . n 
A 1 10  LYS 10  1574 1574 LYS LYS A . n 
A 1 11  CYS 11  1575 1575 CYS CYS A . n 
A 1 12  TYR 12  1576 1576 TYR TYR A . n 
A 1 13  ASP 13  1577 1577 ASP ASP A . n 
A 1 14  ASP 14  1578 1578 ASP ASP A . n 
A 1 15  ASP 15  1579 1579 ASP ASP A . n 
A 1 16  ASP 16  1580 1580 ASP ASP A . n 
A 1 17  TYR 17  1581 1581 TYR TYR A . n 
A 1 18  GLU 18  1582 1582 GLU GLU A . n 
A 1 19  SER 19  1583 1583 SER SER A . n 
A 1 20  LYS 20  1584 1584 LYS LYS A . n 
A 1 21  MET 21  1585 1585 MET MET A . n 
A 1 22  MET 22  1586 1586 MET MET A . n 
A 1 23  GLN 23  1587 1587 GLN GLN A . n 
A 1 24  CYS 24  1588 1588 CYS CYS A . n 
A 1 25  GLY 25  1589 1589 GLY GLY A . n 
A 1 26  LYS 26  1590 1590 LYS LYS A . n 
A 1 27  CYS 27  1591 1591 CYS CYS A . n 
A 1 28  ASP 28  1592 1592 ASP ASP A . n 
A 1 29  ARG 29  1593 1593 ARG ARG A . n 
A 1 30  TRP 30  1594 1594 TRP TRP A . n 
A 1 31  VAL 31  1595 1595 VAL VAL A . n 
A 1 32  HIS 32  1596 1596 HIS HIS A . n 
A 1 33  SER 33  1597 1597 SER SER A . n 
A 1 34  LYS 34  1598 1598 LYS LYS A . n 
A 1 35  CYS 35  1599 1599 CYS CYS A . n 
A 1 36  GLU 36  1600 1600 GLU GLU A . n 
A 1 37  ASN 37  1601 1601 ASN ASN A . n 
A 1 38  LEU 38  1602 1602 LEU LEU A . n 
A 1 39  SER 39  1603 1603 SER SER A . n 
A 1 40  ASP 40  1604 1604 ASP ASP A . n 
A 1 41  GLU 41  1605 1605 GLU GLU A . n 
A 1 42  MET 42  1606 1606 MET MET A . n 
A 1 43  TYR 43  1607 1607 TYR TYR A . n 
A 1 44  GLU 44  1608 1608 GLU GLU A . n 
A 1 45  ILE 45  1609 1609 ILE ILE A . n 
A 1 46  LEU 46  1610 1610 LEU LEU A . n 
A 1 47  SER 47  1611 1611 SER SER A . n 
A 1 48  ASN 48  1612 1612 ASN ASN A . n 
A 1 49  LEU 49  1613 1613 LEU LEU A . n 
A 1 50  PRO 50  1614 1614 PRO PRO A . n 
A 1 51  GLU 51  1615 1615 GLU GLU A . n 
A 1 52  SER 52  1616 1616 SER SER A . n 
A 1 53  VAL 53  1617 1617 VAL VAL A . n 
A 1 54  ALA 54  1618 1618 ALA ALA A . n 
A 1 55  TYR 55  1619 1619 TYR TYR A . n 
A 1 56  THR 56  1620 1620 THR THR A . n 
A 1 57  CYS 57  1621 1621 CYS CYS A . n 
A 1 58  VAL 58  1622 1622 VAL VAL A . n 
A 1 59  ASN 59  1623 1623 ASN ASN A . n 
A 1 60  CYS 60  1624 1624 CYS CYS A . n 
A 1 61  THR 61  1625 1625 THR THR A . n 
A 1 62  GLU 62  1626 1626 GLU GLU A . n 
A 1 63  ARG 63  1627 1627 ARG ARG A . n 
A 1 64  HIS 64  1628 1628 HIS HIS A . n 
A 1 65  PRO 65  1629 1629 PRO PRO A . n 
A 1 66  ALA 66  1630 1630 ALA ALA A . n 
A 1 67  GLU 67  1631 1631 GLU GLU A . n 
A 1 68  TRP 68  1632 1632 TRP TRP A . n 
A 1 69  ARG 69  1633 1633 ARG ARG A . n 
A 1 70  LEU 70  1634 1634 LEU LEU A . n 
A 1 71  ALA 71  1635 1635 ALA ALA A . n 
A 1 72  LEU 72  1636 1636 LEU LEU A . n 
A 1 73  GLU 73  1637 1637 GLU GLU A . n 
A 1 74  LYS 74  1638 1638 LYS LYS A . n 
A 1 75  GLU 75  1639 1639 GLU GLU A . n 
A 1 76  LEU 76  1640 1640 LEU LEU A . n 
A 1 77  GLN 77  1641 1641 GLN GLN A . n 
A 1 78  ILE 78  1642 1642 ILE ILE A . n 
A 1 79  SER 79  1643 1643 SER SER A . n 
A 1 80  LEU 80  1644 1644 LEU LEU A . n 
A 1 81  LYS 81  1645 1645 LYS LYS A . n 
A 1 82  GLN 82  1646 1646 GLN GLN A . n 
A 1 83  VAL 83  1647 1647 VAL VAL A . n 
A 1 84  LEU 84  1648 1648 LEU LEU A . n 
A 1 85  THR 85  1649 1649 THR THR A . n 
A 1 86  ALA 86  1650 1650 ALA ALA A . n 
A 1 87  LEU 87  1651 1651 LEU LEU A . n 
A 1 88  LEU 88  1652 1652 LEU LEU A . n 
A 1 89  ASN 89  1653 1653 ASN ASN A . n 
A 1 90  SER 90  1654 1654 SER SER A . n 
A 1 91  ARG 91  1655 1655 ARG ARG A . n 
A 1 92  THR 92  1656 1656 THR THR A . n 
A 1 93  THR 93  1657 1657 THR THR A . n 
A 1 94  SER 94  1658 1658 SER SER A . n 
A 1 95  HIS 95  1659 1659 HIS HIS A . n 
A 1 96  LEU 96  1660 1660 LEU LEU A . n 
A 1 97  LEU 97  1661 1661 LEU LEU A . n 
A 1 98  ARG 98  1662 1662 ARG ARG A . n 
A 1 99  TYR 99  1663 1663 TYR TYR A . n 
A 1 100 ARG 100 1664 1664 ARG ARG A . n 
A 1 101 GLN 101 1665 ?    ?   ?   A . n 
A 1 102 GLN 102 1703 ?    ?   ?   A . n 
A 1 103 GLN 103 1704 1704 GLN GLN A . n 
A 1 104 PRO 104 1705 1705 PRO PRO A . n 
A 1 105 LEU 105 1706 1706 LEU LEU A . n 
A 1 106 ASP 106 1707 1707 ASP ASP A . n 
A 1 107 LEU 107 1708 1708 LEU LEU A . n 
A 1 108 GLU 108 1709 1709 GLU GLU A . n 
A 1 109 GLY 109 1710 1710 GLY GLY A . n 
A 1 110 VAL 110 1711 1711 VAL VAL A . n 
A 1 111 LYS 111 1712 1712 LYS LYS A . n 
A 1 112 ARG 112 1713 1713 ARG ARG A . n 
A 1 113 LYS 113 1714 1714 LYS LYS A . n 
A 1 114 MET 114 1715 1715 MET MET A . n 
A 1 115 ASP 115 1716 1716 ASP ASP A . n 
A 1 116 GLN 116 1717 1717 GLN GLN A . n 
A 1 117 GLY 117 1718 1718 GLY GLY A . n 
A 1 118 ASN 118 1719 1719 ASN ASN A . n 
A 1 119 TYR 119 1720 1720 TYR TYR A . n 
A 1 120 THR 120 1721 1721 THR THR A . n 
A 1 121 SER 121 1722 1722 SER SER A . n 
A 1 122 VAL 122 1723 1723 VAL VAL A . n 
A 1 123 LEU 123 1724 1724 LEU LEU A . n 
A 1 124 GLU 124 1725 1725 GLU GLU A . n 
A 1 125 PHE 125 1726 1726 PHE PHE A . n 
A 1 126 SER 126 1727 1727 SER SER A . n 
A 1 127 ASP 127 1728 1728 ASP ASP A . n 
A 1 128 ASP 128 1729 1729 ASP ASP A . n 
A 1 129 ILE 129 1730 1730 ILE ILE A . n 
A 1 130 VAL 130 1731 1731 VAL VAL A . n 
A 1 131 LYS 131 1732 1732 LYS LYS A . n 
A 1 132 ILE 132 1733 1733 ILE ILE A . n 
A 1 133 ILE 133 1734 1734 ILE ILE A . n 
A 1 134 GLN 134 1735 1735 GLN GLN A . n 
A 1 135 ALA 135 1736 1736 ALA ALA A . n 
A 1 136 ALA 136 1737 1737 ALA ALA A . n 
A 1 137 ILE 137 1738 1738 ILE ILE A . n 
A 1 138 ASN 138 1739 1739 ASN ASN A . n 
A 1 139 SER 139 1740 1740 SER SER A . n 
A 1 140 ASP 140 1741 1741 ASP ASP A . n 
A 1 141 GLY 141 1742 1742 GLY GLY A . n 
A 1 142 GLY 142 1743 1743 GLY GLY A . n 
A 1 143 GLN 143 1744 1744 GLN GLN A . n 
A 1 144 PRO 144 1745 1745 PRO PRO A . n 
A 1 145 GLU 145 1746 1746 GLU GLU A . n 
A 1 146 ILE 146 1747 1747 ILE ILE A . n 
A 1 147 LYS 147 1748 1748 LYS LYS A . n 
A 1 148 LYS 148 1749 1749 LYS LYS A . n 
A 1 149 ALA 149 1750 1750 ALA ALA A . n 
A 1 150 ASN 150 1751 1751 ASN ASN A . n 
A 1 151 SER 151 1752 1752 SER SER A . n 
A 1 152 MET 152 1753 1753 MET MET A . n 
A 1 153 VAL 153 1754 1754 VAL VAL A . n 
A 1 154 LYS 154 1755 1755 LYS LYS A . n 
A 1 155 SER 155 1756 1756 SER SER A . n 
A 1 156 PHE 156 1757 1757 PHE PHE A . n 
A 1 157 PHE 157 1758 1758 PHE PHE A . n 
A 1 158 ILE 158 1759 1759 ILE ILE A . n 
A 1 159 ARG 159 1760 1760 ARG ARG A . n 
A 1 160 GLN 160 1761 1761 GLN GLN A . n 
A 1 161 MET 161 1762 1762 MET MET A . n 
A 1 162 GLU 162 1763 1763 GLU GLU A . n 
A 1 163 ARG 163 1764 1764 ARG ARG A . n 
A 1 164 VAL 164 1765 1765 VAL VAL A . n 
A 1 165 PHE 165 1766 1766 PHE PHE A . n 
A 1 166 PRO 166 1767 1767 PRO PRO A . n 
A 1 167 TRP 167 1768 1768 TRP TRP A . n 
A 1 168 PHE 168 1769 1769 PHE PHE A . n 
A 1 169 SER 169 1770 1770 SER SER A . n 
A 1 170 VAL 170 1771 1771 VAL VAL A . n 
A 1 171 LYS 171 1772 1772 LYS LYS A . n 
A 1 172 LYS 172 1773 1773 LYS LYS A . n 
A 1 173 SER 173 1774 1774 SER SER A . n 
A 1 174 ARG 174 1775 1775 ARG ARG A . n 
A 1 175 PHE 175 1776 1776 PHE PHE A . n 
A 1 176 TRP 176 1777 1777 TRP TRP A . n 
A 1 177 GLU 177 1778 1778 GLU GLU A . n 
A 1 178 PRO 178 1779 ?    ?   ?   A . n 
A 1 179 ASN 179 1780 ?    ?   ?   A . n 
A 1 180 LYS 180 1781 ?    ?   ?   A . n 
A 1 181 VAL 181 1782 ?    ?   ?   A . n 
A 1 182 SER 182 1783 ?    ?   ?   A . n 
A 1 183 SER 183 1784 ?    ?   ?   A . n 
# 
loop_
_pdbx_nonpoly_scheme.asym_id 
_pdbx_nonpoly_scheme.entity_id 
_pdbx_nonpoly_scheme.mon_id 
_pdbx_nonpoly_scheme.ndb_seq_num 
_pdbx_nonpoly_scheme.pdb_seq_num 
_pdbx_nonpoly_scheme.auth_seq_num 
_pdbx_nonpoly_scheme.pdb_mon_id 
_pdbx_nonpoly_scheme.auth_mon_id 
_pdbx_nonpoly_scheme.pdb_strand_id 
_pdbx_nonpoly_scheme.pdb_ins_code 
B 2 ZN  1   1001 1001 ZN  ZN  A . 
C 2 ZN  1   1002 1002 ZN  ZN  A . 
D 3 HOH 1   1    1    HOH HOH A . 
D 3 HOH 2   2    2    HOH HOH A . 
D 3 HOH 3   3    3    HOH HOH A . 
D 3 HOH 4   4    4    HOH HOH A . 
D 3 HOH 5   5    5    HOH HOH A . 
D 3 HOH 6   6    6    HOH HOH A . 
D 3 HOH 7   7    7    HOH HOH A . 
D 3 HOH 8   8    8    HOH HOH A . 
D 3 HOH 9   9    9    HOH HOH A . 
D 3 HOH 10  10   10   HOH HOH A . 
D 3 HOH 11  11   11   HOH HOH A . 
D 3 HOH 12  12   12   HOH HOH A . 
D 3 HOH 13  13   13   HOH HOH A . 
D 3 HOH 14  14   14   HOH HOH A . 
D 3 HOH 15  15   15   HOH HOH A . 
D 3 HOH 16  16   16   HOH HOH A . 
D 3 HOH 17  17   17   HOH HOH A . 
D 3 HOH 18  18   18   HOH HOH A . 
D 3 HOH 19  19   19   HOH HOH A . 
D 3 HOH 20  20   20   HOH HOH A . 
D 3 HOH 21  21   21   HOH HOH A . 
D 3 HOH 22  22   22   HOH HOH A . 
D 3 HOH 23  23   23   HOH HOH A . 
D 3 HOH 24  24   24   HOH HOH A . 
D 3 HOH 25  25   25   HOH HOH A . 
D 3 HOH 26  26   26   HOH HOH A . 
D 3 HOH 27  27   27   HOH HOH A . 
D 3 HOH 28  28   28   HOH HOH A . 
D 3 HOH 29  29   29   HOH HOH A . 
D 3 HOH 30  30   30   HOH HOH A . 
D 3 HOH 31  31   31   HOH HOH A . 
D 3 HOH 32  32   32   HOH HOH A . 
D 3 HOH 33  33   33   HOH HOH A . 
D 3 HOH 34  34   34   HOH HOH A . 
D 3 HOH 35  35   35   HOH HOH A . 
D 3 HOH 36  36   36   HOH HOH A . 
D 3 HOH 37  37   37   HOH HOH A . 
D 3 HOH 38  38   38   HOH HOH A . 
D 3 HOH 39  39   39   HOH HOH A . 
D 3 HOH 40  40   40   HOH HOH A . 
D 3 HOH 41  41   41   HOH HOH A . 
D 3 HOH 42  42   42   HOH HOH A . 
D 3 HOH 43  43   43   HOH HOH A . 
D 3 HOH 44  44   44   HOH HOH A . 
D 3 HOH 45  45   45   HOH HOH A . 
D 3 HOH 46  46   46   HOH HOH A . 
D 3 HOH 47  47   47   HOH HOH A . 
D 3 HOH 48  48   48   HOH HOH A . 
D 3 HOH 49  49   49   HOH HOH A . 
D 3 HOH 50  50   50   HOH HOH A . 
D 3 HOH 51  51   51   HOH HOH A . 
D 3 HOH 52  52   52   HOH HOH A . 
D 3 HOH 53  53   53   HOH HOH A . 
D 3 HOH 54  54   54   HOH HOH A . 
D 3 HOH 55  55   55   HOH HOH A . 
D 3 HOH 56  56   56   HOH HOH A . 
D 3 HOH 57  57   57   HOH HOH A . 
D 3 HOH 58  58   58   HOH HOH A . 
D 3 HOH 59  59   59   HOH HOH A . 
D 3 HOH 60  60   60   HOH HOH A . 
D 3 HOH 61  61   61   HOH HOH A . 
D 3 HOH 62  62   62   HOH HOH A . 
D 3 HOH 63  63   63   HOH HOH A . 
D 3 HOH 64  64   64   HOH HOH A . 
D 3 HOH 65  65   65   HOH HOH A . 
D 3 HOH 66  66   66   HOH HOH A . 
D 3 HOH 67  67   67   HOH HOH A . 
D 3 HOH 68  68   68   HOH HOH A . 
D 3 HOH 69  69   69   HOH HOH A . 
D 3 HOH 70  70   70   HOH HOH A . 
D 3 HOH 71  71   71   HOH HOH A . 
D 3 HOH 72  72   72   HOH HOH A . 
D 3 HOH 73  73   73   HOH HOH A . 
D 3 HOH 74  74   74   HOH HOH A . 
D 3 HOH 75  75   75   HOH HOH A . 
D 3 HOH 76  76   76   HOH HOH A . 
D 3 HOH 77  77   77   HOH HOH A . 
D 3 HOH 78  78   78   HOH HOH A . 
D 3 HOH 79  79   79   HOH HOH A . 
D 3 HOH 80  80   80   HOH HOH A . 
D 3 HOH 81  81   81   HOH HOH A . 
D 3 HOH 82  82   82   HOH HOH A . 
D 3 HOH 83  83   83   HOH HOH A . 
D 3 HOH 84  84   84   HOH HOH A . 
D 3 HOH 85  85   85   HOH HOH A . 
D 3 HOH 86  86   86   HOH HOH A . 
D 3 HOH 87  87   87   HOH HOH A . 
D 3 HOH 88  88   88   HOH HOH A . 
D 3 HOH 89  89   89   HOH HOH A . 
D 3 HOH 90  90   90   HOH HOH A . 
D 3 HOH 91  91   91   HOH HOH A . 
D 3 HOH 92  92   92   HOH HOH A . 
D 3 HOH 93  93   93   HOH HOH A . 
D 3 HOH 94  94   94   HOH HOH A . 
D 3 HOH 95  95   95   HOH HOH A . 
D 3 HOH 96  96   96   HOH HOH A . 
D 3 HOH 97  97   97   HOH HOH A . 
D 3 HOH 98  98   98   HOH HOH A . 
D 3 HOH 99  99   99   HOH HOH A . 
D 3 HOH 100 100  100  HOH HOH A . 
D 3 HOH 101 101  101  HOH HOH A . 
D 3 HOH 102 102  102  HOH HOH A . 
D 3 HOH 103 103  103  HOH HOH A . 
D 3 HOH 104 104  104  HOH HOH A . 
D 3 HOH 105 105  105  HOH HOH A . 
D 3 HOH 106 106  106  HOH HOH A . 
D 3 HOH 107 107  107  HOH HOH A . 
D 3 HOH 108 108  108  HOH HOH A . 
D 3 HOH 109 109  109  HOH HOH A . 
D 3 HOH 110 110  110  HOH HOH A . 
D 3 HOH 111 111  111  HOH HOH A . 
D 3 HOH 112 112  112  HOH HOH A . 
D 3 HOH 113 113  113  HOH HOH A . 
D 3 HOH 114 114  114  HOH HOH A . 
D 3 HOH 115 115  115  HOH HOH A . 
D 3 HOH 116 116  116  HOH HOH A . 
D 3 HOH 117 117  117  HOH HOH A . 
D 3 HOH 118 118  118  HOH HOH A . 
D 3 HOH 119 119  119  HOH HOH A . 
D 3 HOH 120 120  120  HOH HOH A . 
D 3 HOH 121 121  121  HOH HOH A . 
D 3 HOH 122 122  122  HOH HOH A . 
D 3 HOH 123 123  123  HOH HOH A . 
D 3 HOH 124 124  124  HOH HOH A . 
D 3 HOH 125 125  125  HOH HOH A . 
D 3 HOH 126 126  126  HOH HOH A . 
D 3 HOH 127 127  127  HOH HOH A . 
D 3 HOH 128 128  128  HOH HOH A . 
D 3 HOH 129 129  129  HOH HOH A . 
D 3 HOH 130 130  130  HOH HOH A . 
D 3 HOH 131 131  131  HOH HOH A . 
D 3 HOH 132 132  132  HOH HOH A . 
D 3 HOH 133 133  133  HOH HOH A . 
D 3 HOH 134 134  134  HOH HOH A . 
D 3 HOH 135 135  135  HOH HOH A . 
D 3 HOH 136 136  136  HOH HOH A . 
D 3 HOH 137 137  137  HOH HOH A . 
D 3 HOH 138 138  138  HOH HOH A . 
D 3 HOH 139 139  139  HOH HOH A . 
D 3 HOH 140 140  140  HOH HOH A . 
D 3 HOH 141 141  141  HOH HOH A . 
D 3 HOH 142 142  142  HOH HOH A . 
D 3 HOH 143 143  143  HOH HOH A . 
D 3 HOH 144 144  144  HOH HOH A . 
D 3 HOH 145 145  145  HOH HOH A . 
D 3 HOH 146 146  146  HOH HOH A . 
D 3 HOH 147 147  147  HOH HOH A . 
D 3 HOH 148 148  148  HOH HOH A . 
D 3 HOH 149 149  149  HOH HOH A . 
# 
loop_
_software.name 
_software.classification 
_software.version 
_software.citation_id 
_software.pdbx_ordinal 
MAR345dtb 'data collection' . ? 1 
CNS       refinement        . ? 2 
HKL-2000  'data reduction'  . ? 3 
HKL-2000  'data scaling'    . ? 4 
CNS       phasing           . ? 5 
# 
_cell.entry_id           3LQH 
_cell.length_a           63.219 
_cell.length_b           71.879 
_cell.length_c           93.867 
_cell.angle_alpha        90.00 
_cell.angle_beta         90.00 
_cell.angle_gamma        90.00 
_cell.Z_PDB              8 
_cell.pdbx_unique_axis   ? 
_cell.length_a_esd       ? 
_cell.length_b_esd       ? 
_cell.length_c_esd       ? 
_cell.angle_alpha_esd    ? 
_cell.angle_beta_esd     ? 
_cell.angle_gamma_esd    ? 
# 
_symmetry.entry_id                         3LQH 
_symmetry.space_group_name_H-M             'I 2 2 2' 
_symmetry.pdbx_full_space_group_name_H-M   ? 
_symmetry.cell_setting                     ? 
_symmetry.Int_Tables_number                23 
_symmetry.space_group_name_Hall            ? 
# 
_exptl.entry_id          3LQH 
_exptl.method            'X-RAY DIFFRACTION' 
_exptl.crystals_number   1 
# 
_exptl_crystal.id                    1 
_exptl_crystal.density_meas          ? 
_exptl_crystal.density_Matthews      2.50 
_exptl_crystal.density_percent_sol   50.85 
_exptl_crystal.description           ? 
_exptl_crystal.F_000                 ? 
_exptl_crystal.preparation           ? 
# 
_exptl_crystal_grow.crystal_id      1 
_exptl_crystal_grow.method          ? 
_exptl_crystal_grow.temp            293 
_exptl_crystal_grow.temp_details    ? 
_exptl_crystal_grow.pH              5.3 
_exptl_crystal_grow.pdbx_pH_range   ? 
_exptl_crystal_grow.pdbx_details    
'0.1M Sodium acetate, 50 mM NaCl, 15% PEG3350, pH 5.3, VAPOR DIFFUSION, HANGING DROP, temperature 293K' 
# 
_diffrn.id                     1 
_diffrn.ambient_temp           197 
_diffrn.ambient_temp_details   ? 
_diffrn.crystal_id             1 
# 
_diffrn_detector.diffrn_id              1 
_diffrn_detector.detector               CCD 
_diffrn_detector.type                   'ADSC QUANTUM 315' 
_diffrn_detector.pdbx_collection_date   2007-10-29 
_diffrn_detector.details                ? 
# 
_diffrn_radiation.diffrn_id                        1 
_diffrn_radiation.wavelength_id                    1 
_diffrn_radiation.pdbx_monochromatic_or_laue_m_l   M 
_diffrn_radiation.monochromator                    'SI MIRRORS' 
_diffrn_radiation.pdbx_diffrn_protocol             'SINGLE WAVELENGTH' 
_diffrn_radiation.pdbx_scattering_type             x-ray 
# 
_diffrn_radiation_wavelength.id           1 
_diffrn_radiation_wavelength.wavelength   0.97918 
_diffrn_radiation_wavelength.wt           1.0 
# 
_diffrn_source.diffrn_id                   1 
_diffrn_source.source                      SYNCHROTRON 
_diffrn_source.type                        'APS BEAMLINE 24-ID-E' 
_diffrn_source.pdbx_synchrotron_site       APS 
_diffrn_source.pdbx_synchrotron_beamline   24-ID-E 
_diffrn_source.pdbx_wavelength             0.97918 
_diffrn_source.pdbx_wavelength_list        ? 
# 
_reflns.entry_id                     3LQH 
_reflns.observed_criterion_sigma_I   -3.000 
_reflns.observed_criterion_sigma_F   ? 
_reflns.d_resolution_low             50.000 
_reflns.d_resolution_high            1.720 
_reflns.number_obs                   22519 
_reflns.number_all                   ? 
_reflns.percent_possible_obs         98.0 
_reflns.pdbx_Rmerge_I_obs            ? 
_reflns.pdbx_Rsym_value              0.10900 
_reflns.pdbx_netI_over_sigmaI        21.0000 
_reflns.B_iso_Wilson_estimate        14.70 
_reflns.pdbx_redundancy              12.200 
_reflns.R_free_details               ? 
_reflns.limit_h_max                  ? 
_reflns.limit_h_min                  ? 
_reflns.limit_k_max                  ? 
_reflns.limit_k_min                  ? 
_reflns.limit_l_max                  ? 
_reflns.limit_l_min                  ? 
_reflns.observed_criterion_F_max     ? 
_reflns.observed_criterion_F_min     ? 
_reflns.pdbx_chi_squared             ? 
_reflns.pdbx_scaling_rejects         ? 
_reflns.pdbx_diffrn_id               1 
_reflns.pdbx_ordinal                 1 
# 
_reflns_shell.d_res_high             1.72 
_reflns_shell.d_res_low              1.78 
_reflns_shell.percent_possible_all   89.9 
_reflns_shell.Rmerge_I_obs           ? 
_reflns_shell.pdbx_Rsym_value        0.35700 
_reflns_shell.meanI_over_sigI_obs    2.000 
_reflns_shell.pdbx_redundancy        4.10 
_reflns_shell.percent_possible_obs   ? 
_reflns_shell.number_unique_all      ? 
_reflns_shell.number_measured_all    ? 
_reflns_shell.number_measured_obs    ? 
_reflns_shell.number_unique_obs      ? 
_reflns_shell.pdbx_chi_squared       ? 
_reflns_shell.pdbx_diffrn_id         ? 
_reflns_shell.pdbx_ordinal           1 
# 
_refine.pdbx_refine_id                           'X-RAY DIFFRACTION' 
_refine.entry_id                                 3LQH 
_refine.ls_number_reflns_obs                     21611 
_refine.ls_number_reflns_all                     23083 
_refine.pdbx_ls_sigma_I                          ? 
_refine.pdbx_ls_sigma_F                          0.000 
_refine.pdbx_data_cutoff_high_absF               ? 
_refine.pdbx_data_cutoff_low_absF                ? 
_refine.pdbx_data_cutoff_high_rms_absF           ? 
_refine.ls_d_res_low                             50.00 
_refine.ls_d_res_high                            1.72 
_refine.ls_percent_reflns_obs                    93.6 
_refine.ls_R_factor_obs                          0.206 
_refine.ls_R_factor_all                          ? 
_refine.ls_R_factor_R_work                       0.206 
_refine.ls_R_factor_R_free                       0.234 
_refine.ls_R_factor_R_free_error                 ? 
_refine.ls_R_factor_R_free_error_details         ? 
_refine.ls_percent_reflns_R_free                 ? 
_refine.ls_number_reflns_R_free                  2139 
_refine.ls_number_parameters                     ? 
_refine.ls_number_restraints                     ? 
_refine.occupancy_min                            ? 
_refine.occupancy_max                            ? 
_refine.correlation_coeff_Fo_to_Fc               ? 
_refine.correlation_coeff_Fo_to_Fc_free          ? 
_refine.B_iso_mean                               ? 
_refine.aniso_B[1][1]                            ? 
_refine.aniso_B[2][2]                            ? 
_refine.aniso_B[3][3]                            ? 
_refine.aniso_B[1][2]                            ? 
_refine.aniso_B[1][3]                            ? 
_refine.aniso_B[2][3]                            ? 
_refine.solvent_model_details                    ? 
_refine.solvent_model_param_ksol                 ? 
_refine.solvent_model_param_bsol                 ? 
_refine.pdbx_solvent_vdw_probe_radii             ? 
_refine.pdbx_solvent_ion_probe_radii             ? 
_refine.pdbx_solvent_shrinkage_radii             ? 
_refine.pdbx_ls_cross_valid_method               ? 
_refine.details                                  ? 
_refine.pdbx_starting_model                      ? 
_refine.pdbx_method_to_determine_struct          'MOLECULAR REPLACEMENT' 
_refine.pdbx_isotropic_thermal_model             ? 
_refine.pdbx_stereochemistry_target_values       'ENGH & HUBER' 
_refine.pdbx_stereochem_target_val_spec_case     ? 
_refine.pdbx_R_Free_selection_details            RANDOM 
_refine.pdbx_overall_ESU_R_Free                  ? 
_refine.overall_SU_ML                            ? 
_refine.pdbx_overall_phase_error                 ? 
_refine.overall_SU_B                             ? 
_refine.overall_SU_R_Cruickshank_DPI             ? 
_refine.pdbx_overall_SU_R_free_Cruickshank_DPI   ? 
_refine.pdbx_overall_SU_R_Blow_DPI               ? 
_refine.pdbx_overall_SU_R_free_Blow_DPI          ? 
_refine.ls_redundancy_reflns_obs                 ? 
_refine.pdbx_overall_ESU_R                       ? 
_refine.B_iso_min                                ? 
_refine.B_iso_max                                ? 
_refine.overall_SU_R_free                        ? 
_refine.ls_wR_factor_R_free                      ? 
_refine.ls_wR_factor_R_work                      ? 
_refine.overall_FOM_free_R_set                   ? 
_refine.overall_FOM_work_R_set                   ? 
_refine.pdbx_diffrn_id                           1 
_refine.pdbx_TLS_residual_ADP_flag               ? 
# 
_refine_analyze.pdbx_refine_id                  'X-RAY DIFFRACTION' 
_refine_analyze.entry_id                        3LQH 
_refine_analyze.Luzzati_coordinate_error_obs    0.21 
_refine_analyze.Luzzati_sigma_a_obs             0.15 
_refine_analyze.Luzzati_d_res_low_obs           5.00 
_refine_analyze.Luzzati_coordinate_error_free   0.24 
_refine_analyze.Luzzati_sigma_a_free            0.15 
_refine_analyze.Luzzati_d_res_low_free          ? 
_refine_analyze.number_disordered_residues      ? 
_refine_analyze.occupancy_sum_hydrogen          ? 
_refine_analyze.occupancy_sum_non_hydrogen      ? 
_refine_analyze.pdbx_Luzzati_d_res_high_obs     ? 
# 
_refine_hist.pdbx_refine_id                   'X-RAY DIFFRACTION' 
_refine_hist.cycle_id                         LAST 
_refine_hist.pdbx_number_atoms_protein        1420 
_refine_hist.pdbx_number_atoms_nucleic_acid   0 
_refine_hist.pdbx_number_atoms_ligand         2 
_refine_hist.number_atoms_solvent             149 
_refine_hist.number_atoms_total               1571 
_refine_hist.d_res_high                       1.72 
_refine_hist.d_res_low                        50.00 
# 
loop_
_refine_ls_restr.type 
_refine_ls_restr.dev_ideal 
_refine_ls_restr.dev_ideal_target 
_refine_ls_restr.weight 
_refine_ls_restr.number 
_refine_ls_restr.pdbx_refine_id 
_refine_ls_restr.pdbx_restraint_function 
c_bond_d                0.004 ? ? ? 'X-RAY DIFFRACTION' ? 
c_bond_d_na             ?     ? ? ? 'X-RAY DIFFRACTION' ? 
c_bond_d_prot           ?     ? ? ? 'X-RAY DIFFRACTION' ? 
c_angle_d               ?     ? ? ? 'X-RAY DIFFRACTION' ? 
c_angle_d_na            ?     ? ? ? 'X-RAY DIFFRACTION' ? 
c_angle_d_prot          ?     ? ? ? 'X-RAY DIFFRACTION' ? 
c_angle_deg             1.11  ? ? ? 'X-RAY DIFFRACTION' ? 
c_angle_deg_na          ?     ? ? ? 'X-RAY DIFFRACTION' ? 
c_angle_deg_prot        ?     ? ? ? 'X-RAY DIFFRACTION' ? 
c_dihedral_angle_d      20.30 ? ? ? 'X-RAY DIFFRACTION' ? 
c_dihedral_angle_d_na   ?     ? ? ? 'X-RAY DIFFRACTION' ? 
c_dihedral_angle_d_prot ?     ? ? ? 'X-RAY DIFFRACTION' ? 
c_improper_angle_d      0.67  ? ? ? 'X-RAY DIFFRACTION' ? 
c_improper_angle_d_na   ?     ? ? ? 'X-RAY DIFFRACTION' ? 
c_improper_angle_d_prot ?     ? ? ? 'X-RAY DIFFRACTION' ? 
c_mcbond_it             ?     ? ? ? 'X-RAY DIFFRACTION' ? 
c_mcangle_it            ?     ? ? ? 'X-RAY DIFFRACTION' ? 
c_scbond_it             ?     ? ? ? 'X-RAY DIFFRACTION' ? 
c_scangle_it            ?     ? ? ? 'X-RAY DIFFRACTION' ? 
# 
_refine_ls_shell.pdbx_refine_id                   'X-RAY DIFFRACTION' 
_refine_ls_shell.pdbx_total_number_of_bins_used   ? 
_refine_ls_shell.d_res_high                       1.72 
_refine_ls_shell.d_res_low                        1.78 
_refine_ls_shell.number_reflns_R_work             ? 
_refine_ls_shell.R_factor_R_work                  0.2580 
_refine_ls_shell.percent_reflns_obs               76.40 
_refine_ls_shell.R_factor_R_free                  0.2660 
_refine_ls_shell.R_factor_R_free_error            ? 
_refine_ls_shell.percent_reflns_R_free            ? 
_refine_ls_shell.number_reflns_R_free             164 
_refine_ls_shell.number_reflns_all                ? 
_refine_ls_shell.R_factor_all                     ? 
_refine_ls_shell.redundancy_reflns_obs            ? 
_refine_ls_shell.number_reflns_obs                ? 
# 
_struct.entry_id                  3LQH 
_struct.title                     'Crystal structure of MLL1 PHD3-Bromo in the free form' 
_struct.pdbx_model_details        ? 
_struct.pdbx_CASP_flag            ? 
_struct.pdbx_model_type_details   ? 
# 
_struct_keywords.entry_id        3LQH 
_struct_keywords.pdbx_keywords   TRANSFERASE 
_struct_keywords.text            
;PHD finger, Bromodomain, MLL1, leukemia, Apoptosis, Chromatin regulator, DNA-binding, Isopeptide bond, Metal-binding, Methyltransferase, Nucleus, Phosphoprotein, Proto-oncogene, S-adenosyl-L-methionine, Transcription, Transcription regulation, Transferase, Zinc-finger
;
# 
loop_
_struct_asym.id 
_struct_asym.pdbx_blank_PDB_chainid_flag 
_struct_asym.pdbx_modified 
_struct_asym.entity_id 
_struct_asym.details 
A N N 1 ? 
B N N 2 ? 
C N N 2 ? 
D N N 3 ? 
# 
loop_
_struct_ref.id 
_struct_ref.db_name 
_struct_ref.db_code 
_struct_ref.pdbx_db_accession 
_struct_ref.entity_id 
_struct_ref.pdbx_seq_one_letter_code 
_struct_ref.pdbx_align_begin 
_struct_ref.pdbx_db_isoform 
1 UNP MLL1_HUMAN Q03164 1 
;GNFCPLCDKCYDDDDYESKMMQCGKCDRWVHSKCENLSDEMYEILSNLPESVAYTCVNCTERHPAEWRLALEKELQISLK
QVLTALLNSRTTSHLLRYRQ
;
1566 ? 
2 UNP MLL1_HUMAN Q03164 1 
;QQPLDLEGVKRKMDQGNYTSVLEFSDDIVKIIQAAINSDGGQPEIKKANSMVKSFFIRQMERVFPWFSVKKSRFWEPNKV
SS
;
1703 ? 
# 
loop_
_struct_ref_seq.align_id 
_struct_ref_seq.ref_id 
_struct_ref_seq.pdbx_PDB_id_code 
_struct_ref_seq.pdbx_strand_id 
_struct_ref_seq.seq_align_beg 
_struct_ref_seq.pdbx_seq_align_beg_ins_code 
_struct_ref_seq.seq_align_end 
_struct_ref_seq.pdbx_seq_align_end_ins_code 
_struct_ref_seq.pdbx_db_accession 
_struct_ref_seq.db_align_beg 
_struct_ref_seq.pdbx_db_align_beg_ins_code 
_struct_ref_seq.db_align_end 
_struct_ref_seq.pdbx_db_align_end_ins_code 
_struct_ref_seq.pdbx_auth_seq_align_beg 
_struct_ref_seq.pdbx_auth_seq_align_end 
1 1 3LQH A 2   ? 101 ? Q03164 1566 ? 1665 ? 1566 1665 
2 2 3LQH A 102 ? 183 ? Q03164 1703 ? 1784 ? 1703 1784 
# 
_struct_ref_seq_dif.align_id                     1 
_struct_ref_seq_dif.pdbx_pdb_id_code             3LQH 
_struct_ref_seq_dif.mon_id                       SER 
_struct_ref_seq_dif.pdbx_pdb_strand_id           A 
_struct_ref_seq_dif.seq_num                      1 
_struct_ref_seq_dif.pdbx_pdb_ins_code            ? 
_struct_ref_seq_dif.pdbx_seq_db_name             UNP 
_struct_ref_seq_dif.pdbx_seq_db_accession_code   Q03164 
_struct_ref_seq_dif.db_mon_id                    ? 
_struct_ref_seq_dif.pdbx_seq_db_seq_num          ? 
_struct_ref_seq_dif.details                      'expression tag' 
_struct_ref_seq_dif.pdbx_auth_seq_num            1565 
_struct_ref_seq_dif.pdbx_ordinal                 1 
# 
_pdbx_struct_assembly.id                   1 
_pdbx_struct_assembly.details              author_and_software_defined_assembly 
_pdbx_struct_assembly.method_details       PISA 
_pdbx_struct_assembly.oligomeric_details   monomeric 
_pdbx_struct_assembly.oligomeric_count     1 
# 
_pdbx_struct_assembly_gen.assembly_id       1 
_pdbx_struct_assembly_gen.oper_expression   1 
_pdbx_struct_assembly_gen.asym_id_list      A,B,C,D 
# 
_pdbx_struct_oper_list.id                   1 
_pdbx_struct_oper_list.type                 'identity operation' 
_pdbx_struct_oper_list.name                 1_555 
_pdbx_struct_oper_list.symmetry_operation   x,y,z 
_pdbx_struct_oper_list.matrix[1][1]         1.0000000000 
_pdbx_struct_oper_list.matrix[1][2]         0.0000000000 
_pdbx_struct_oper_list.matrix[1][3]         0.0000000000 
_pdbx_struct_oper_list.vector[1]            0.0000000000 
_pdbx_struct_oper_list.matrix[2][1]         0.0000000000 
_pdbx_struct_oper_list.matrix[2][2]         1.0000000000 
_pdbx_struct_oper_list.matrix[2][3]         0.0000000000 
_pdbx_struct_oper_list.vector[2]            0.0000000000 
_pdbx_struct_oper_list.matrix[3][1]         0.0000000000 
_pdbx_struct_oper_list.matrix[3][2]         0.0000000000 
_pdbx_struct_oper_list.matrix[3][3]         1.0000000000 
_pdbx_struct_oper_list.vector[3]            0.0000000000 
# 
_struct_biol.id        1 
_struct_biol.details   ? 
# 
loop_
_struct_conf.conf_type_id 
_struct_conf.id 
_struct_conf.pdbx_PDB_helix_id 
_struct_conf.beg_label_comp_id 
_struct_conf.beg_label_asym_id 
_struct_conf.beg_label_seq_id 
_struct_conf.pdbx_beg_PDB_ins_code 
_struct_conf.end_label_comp_id 
_struct_conf.end_label_asym_id 
_struct_conf.end_label_seq_id 
_struct_conf.pdbx_end_PDB_ins_code 
_struct_conf.beg_auth_comp_id 
_struct_conf.beg_auth_asym_id 
_struct_conf.beg_auth_seq_id 
_struct_conf.end_auth_comp_id 
_struct_conf.end_auth_asym_id 
_struct_conf.end_auth_seq_id 
_struct_conf.pdbx_PDB_helix_class 
_struct_conf.details 
_struct_conf.pdbx_PDB_helix_length 
HELX_P HELX_P1 1 LYS A 34  ? GLU A 36  ? LYS A 1598 GLU A 1600 5 ? 3  
HELX_P HELX_P2 2 SER A 39  ? LEU A 49  ? SER A 1603 LEU A 1613 1 ? 11 
HELX_P HELX_P3 3 LEU A 49  ? ALA A 54  ? LEU A 1613 ALA A 1618 1 ? 6  
HELX_P HELX_P4 4 ALA A 66  ? ASN A 89  ? ALA A 1630 ASN A 1653 1 ? 24 
HELX_P HELX_P5 5 SER A 90  ? ARG A 98  ? SER A 1654 ARG A 1662 1 ? 9  
HELX_P HELX_P6 6 ASP A 106 ? GLN A 116 ? ASP A 1707 GLN A 1717 1 ? 11 
HELX_P HELX_P7 7 SER A 121 ? ASP A 140 ? SER A 1722 ASP A 1741 1 ? 20 
HELX_P HELX_P8 8 GLN A 143 ? PHE A 165 ? GLN A 1744 PHE A 1766 1 ? 23 
HELX_P HELX_P9 9 SER A 169 ? SER A 173 ? SER A 1770 SER A 1774 5 ? 5  
# 
_struct_conf_type.id          HELX_P 
_struct_conf_type.criteria    ? 
_struct_conf_type.reference   ? 
# 
loop_
_struct_conn.id 
_struct_conn.conn_type_id 
_struct_conn.pdbx_leaving_atom_flag 
_struct_conn.pdbx_PDB_id 
_struct_conn.ptnr1_label_asym_id 
_struct_conn.ptnr1_label_comp_id 
_struct_conn.ptnr1_label_seq_id 
_struct_conn.ptnr1_label_atom_id 
_struct_conn.pdbx_ptnr1_label_alt_id 
_struct_conn.pdbx_ptnr1_PDB_ins_code 
_struct_conn.pdbx_ptnr1_standard_comp_id 
_struct_conn.ptnr1_symmetry 
_struct_conn.ptnr2_label_asym_id 
_struct_conn.ptnr2_label_comp_id 
_struct_conn.ptnr2_label_seq_id 
_struct_conn.ptnr2_label_atom_id 
_struct_conn.pdbx_ptnr2_label_alt_id 
_struct_conn.pdbx_ptnr2_PDB_ins_code 
_struct_conn.ptnr1_auth_asym_id 
_struct_conn.ptnr1_auth_comp_id 
_struct_conn.ptnr1_auth_seq_id 
_struct_conn.ptnr2_auth_asym_id 
_struct_conn.ptnr2_auth_comp_id 
_struct_conn.ptnr2_auth_seq_id 
_struct_conn.ptnr2_symmetry 
_struct_conn.pdbx_ptnr3_label_atom_id 
_struct_conn.pdbx_ptnr3_label_seq_id 
_struct_conn.pdbx_ptnr3_label_comp_id 
_struct_conn.pdbx_ptnr3_label_asym_id 
_struct_conn.pdbx_ptnr3_label_alt_id 
_struct_conn.pdbx_ptnr3_PDB_ins_code 
_struct_conn.details 
_struct_conn.pdbx_dist_value 
_struct_conn.pdbx_value_order 
_struct_conn.pdbx_role 
metalc1 metalc ? ? B ZN . ZN ? ? ? 1_555 A CYS 5  SG  ? ? A ZN 1001 A CYS 1569 1_555 ? ? ? ? ? ? ? 2.382 ? ? 
metalc2 metalc ? ? B ZN . ZN ? ? ? 1_555 A CYS 8  SG  ? ? A ZN 1001 A CYS 1572 1_555 ? ? ? ? ? ? ? 2.332 ? ? 
metalc3 metalc ? ? B ZN . ZN ? ? ? 1_555 A HIS 32 ND1 ? ? A ZN 1001 A HIS 1596 1_555 ? ? ? ? ? ? ? 2.288 ? ? 
metalc4 metalc ? ? B ZN . ZN ? ? ? 1_555 A CYS 35 SG  ? ? A ZN 1001 A CYS 1599 1_555 ? ? ? ? ? ? ? 2.337 ? ? 
metalc5 metalc ? ? C ZN . ZN ? ? ? 1_555 A CYS 24 SG  ? ? A ZN 1002 A CYS 1588 1_555 ? ? ? ? ? ? ? 2.402 ? ? 
metalc6 metalc ? ? C ZN . ZN ? ? ? 1_555 A CYS 27 SG  ? ? A ZN 1002 A CYS 1591 1_555 ? ? ? ? ? ? ? 2.365 ? ? 
metalc7 metalc ? ? C ZN . ZN ? ? ? 1_555 A CYS 57 SG  ? ? A ZN 1002 A CYS 1621 1_555 ? ? ? ? ? ? ? 2.391 ? ? 
metalc8 metalc ? ? C ZN . ZN ? ? ? 1_555 A CYS 60 SG  ? ? A ZN 1002 A CYS 1624 1_555 ? ? ? ? ? ? ? 2.393 ? ? 
# 
_struct_conn_type.id          metalc 
_struct_conn_type.criteria    ? 
_struct_conn_type.reference   ? 
# 
loop_
_pdbx_struct_conn_angle.id 
_pdbx_struct_conn_angle.ptnr1_label_atom_id 
_pdbx_struct_conn_angle.ptnr1_label_alt_id 
_pdbx_struct_conn_angle.ptnr1_label_asym_id 
_pdbx_struct_conn_angle.ptnr1_label_comp_id 
_pdbx_struct_conn_angle.ptnr1_label_seq_id 
_pdbx_struct_conn_angle.ptnr1_auth_atom_id 
_pdbx_struct_conn_angle.ptnr1_auth_asym_id 
_pdbx_struct_conn_angle.ptnr1_auth_comp_id 
_pdbx_struct_conn_angle.ptnr1_auth_seq_id 
_pdbx_struct_conn_angle.ptnr1_PDB_ins_code 
_pdbx_struct_conn_angle.ptnr1_symmetry 
_pdbx_struct_conn_angle.ptnr2_label_atom_id 
_pdbx_struct_conn_angle.ptnr2_label_alt_id 
_pdbx_struct_conn_angle.ptnr2_label_asym_id 
_pdbx_struct_conn_angle.ptnr2_label_comp_id 
_pdbx_struct_conn_angle.ptnr2_label_seq_id 
_pdbx_struct_conn_angle.ptnr2_auth_atom_id 
_pdbx_struct_conn_angle.ptnr2_auth_asym_id 
_pdbx_struct_conn_angle.ptnr2_auth_comp_id 
_pdbx_struct_conn_angle.ptnr2_auth_seq_id 
_pdbx_struct_conn_angle.ptnr2_PDB_ins_code 
_pdbx_struct_conn_angle.ptnr2_symmetry 
_pdbx_struct_conn_angle.ptnr3_label_atom_id 
_pdbx_struct_conn_angle.ptnr3_label_alt_id 
_pdbx_struct_conn_angle.ptnr3_label_asym_id 
_pdbx_struct_conn_angle.ptnr3_label_comp_id 
_pdbx_struct_conn_angle.ptnr3_label_seq_id 
_pdbx_struct_conn_angle.ptnr3_auth_atom_id 
_pdbx_struct_conn_angle.ptnr3_auth_asym_id 
_pdbx_struct_conn_angle.ptnr3_auth_comp_id 
_pdbx_struct_conn_angle.ptnr3_auth_seq_id 
_pdbx_struct_conn_angle.ptnr3_PDB_ins_code 
_pdbx_struct_conn_angle.ptnr3_symmetry 
_pdbx_struct_conn_angle.value 
_pdbx_struct_conn_angle.value_esd 
1  SG  ? A CYS 5  ? A CYS 1569 ? 1_555 ZN ? B ZN . ? A ZN 1001 ? 1_555 SG  ? A CYS 8  ? A CYS 1572 ? 1_555 108.4 ? 
2  SG  ? A CYS 5  ? A CYS 1569 ? 1_555 ZN ? B ZN . ? A ZN 1001 ? 1_555 ND1 ? A HIS 32 ? A HIS 1596 ? 1_555 99.9  ? 
3  SG  ? A CYS 8  ? A CYS 1572 ? 1_555 ZN ? B ZN . ? A ZN 1001 ? 1_555 ND1 ? A HIS 32 ? A HIS 1596 ? 1_555 103.4 ? 
4  SG  ? A CYS 5  ? A CYS 1569 ? 1_555 ZN ? B ZN . ? A ZN 1001 ? 1_555 SG  ? A CYS 35 ? A CYS 1599 ? 1_555 126.7 ? 
5  SG  ? A CYS 8  ? A CYS 1572 ? 1_555 ZN ? B ZN . ? A ZN 1001 ? 1_555 SG  ? A CYS 35 ? A CYS 1599 ? 1_555 107.9 ? 
6  ND1 ? A HIS 32 ? A HIS 1596 ? 1_555 ZN ? B ZN . ? A ZN 1001 ? 1_555 SG  ? A CYS 35 ? A CYS 1599 ? 1_555 108.1 ? 
7  SG  ? A CYS 24 ? A CYS 1588 ? 1_555 ZN ? C ZN . ? A ZN 1002 ? 1_555 SG  ? A CYS 27 ? A CYS 1591 ? 1_555 106.6 ? 
8  SG  ? A CYS 24 ? A CYS 1588 ? 1_555 ZN ? C ZN . ? A ZN 1002 ? 1_555 SG  ? A CYS 57 ? A CYS 1621 ? 1_555 114.0 ? 
9  SG  ? A CYS 27 ? A CYS 1591 ? 1_555 ZN ? C ZN . ? A ZN 1002 ? 1_555 SG  ? A CYS 57 ? A CYS 1621 ? 1_555 111.2 ? 
10 SG  ? A CYS 24 ? A CYS 1588 ? 1_555 ZN ? C ZN . ? A ZN 1002 ? 1_555 SG  ? A CYS 60 ? A CYS 1624 ? 1_555 106.8 ? 
11 SG  ? A CYS 27 ? A CYS 1591 ? 1_555 ZN ? C ZN . ? A ZN 1002 ? 1_555 SG  ? A CYS 60 ? A CYS 1624 ? 1_555 108.7 ? 
12 SG  ? A CYS 57 ? A CYS 1621 ? 1_555 ZN ? C ZN . ? A ZN 1002 ? 1_555 SG  ? A CYS 60 ? A CYS 1624 ? 1_555 109.3 ? 
# 
_struct_mon_prot_cis.pdbx_id                1 
_struct_mon_prot_cis.label_comp_id          HIS 
_struct_mon_prot_cis.label_seq_id           64 
_struct_mon_prot_cis.label_asym_id          A 
_struct_mon_prot_cis.label_alt_id           . 
_struct_mon_prot_cis.pdbx_PDB_ins_code      ? 
_struct_mon_prot_cis.auth_comp_id           HIS 
_struct_mon_prot_cis.auth_seq_id            1628 
_struct_mon_prot_cis.auth_asym_id           A 
_struct_mon_prot_cis.pdbx_label_comp_id_2   PRO 
_struct_mon_prot_cis.pdbx_label_seq_id_2    65 
_struct_mon_prot_cis.pdbx_label_asym_id_2   A 
_struct_mon_prot_cis.pdbx_PDB_ins_code_2    ? 
_struct_mon_prot_cis.pdbx_auth_comp_id_2    PRO 
_struct_mon_prot_cis.pdbx_auth_seq_id_2     1629 
_struct_mon_prot_cis.pdbx_auth_asym_id_2    A 
_struct_mon_prot_cis.pdbx_PDB_model_num     1 
_struct_mon_prot_cis.pdbx_omega_angle       10.42 
# 
_struct_sheet.id               A 
_struct_sheet.type             ? 
_struct_sheet.number_strands   2 
_struct_sheet.details          ? 
# 
_struct_sheet_order.sheet_id     A 
_struct_sheet_order.range_id_1   1 
_struct_sheet_order.range_id_2   2 
_struct_sheet_order.offset       ? 
_struct_sheet_order.sense        anti-parallel 
# 
loop_
_struct_sheet_range.sheet_id 
_struct_sheet_range.id 
_struct_sheet_range.beg_label_comp_id 
_struct_sheet_range.beg_label_asym_id 
_struct_sheet_range.beg_label_seq_id 
_struct_sheet_range.pdbx_beg_PDB_ins_code 
_struct_sheet_range.end_label_comp_id 
_struct_sheet_range.end_label_asym_id 
_struct_sheet_range.end_label_seq_id 
_struct_sheet_range.pdbx_end_PDB_ins_code 
_struct_sheet_range.beg_auth_comp_id 
_struct_sheet_range.beg_auth_asym_id 
_struct_sheet_range.beg_auth_seq_id 
_struct_sheet_range.end_auth_comp_id 
_struct_sheet_range.end_auth_asym_id 
_struct_sheet_range.end_auth_seq_id 
A 1 MET A 21 ? GLN A 23 ? MET A 1585 GLN A 1587 
A 2 TRP A 30 ? HIS A 32 ? TRP A 1594 HIS A 1596 
# 
_pdbx_struct_sheet_hbond.sheet_id                A 
_pdbx_struct_sheet_hbond.range_id_1              1 
_pdbx_struct_sheet_hbond.range_id_2              2 
_pdbx_struct_sheet_hbond.range_1_label_atom_id   N 
_pdbx_struct_sheet_hbond.range_1_label_comp_id   MET 
_pdbx_struct_sheet_hbond.range_1_label_asym_id   A 
_pdbx_struct_sheet_hbond.range_1_label_seq_id    22 
_pdbx_struct_sheet_hbond.range_1_PDB_ins_code    ? 
_pdbx_struct_sheet_hbond.range_1_auth_atom_id    N 
_pdbx_struct_sheet_hbond.range_1_auth_comp_id    MET 
_pdbx_struct_sheet_hbond.range_1_auth_asym_id    A 
_pdbx_struct_sheet_hbond.range_1_auth_seq_id     1586 
_pdbx_struct_sheet_hbond.range_2_label_atom_id   O 
_pdbx_struct_sheet_hbond.range_2_label_comp_id   VAL 
_pdbx_struct_sheet_hbond.range_2_label_asym_id   A 
_pdbx_struct_sheet_hbond.range_2_label_seq_id    31 
_pdbx_struct_sheet_hbond.range_2_PDB_ins_code    ? 
_pdbx_struct_sheet_hbond.range_2_auth_atom_id    O 
_pdbx_struct_sheet_hbond.range_2_auth_comp_id    VAL 
_pdbx_struct_sheet_hbond.range_2_auth_asym_id    A 
_pdbx_struct_sheet_hbond.range_2_auth_seq_id     1595 
# 
loop_
_struct_site.id 
_struct_site.pdbx_evidence_code 
_struct_site.pdbx_auth_asym_id 
_struct_site.pdbx_auth_comp_id 
_struct_site.pdbx_auth_seq_id 
_struct_site.pdbx_auth_ins_code 
_struct_site.pdbx_num_residues 
_struct_site.details 
AC1 Software A ZN 1001 ? 4 'BINDING SITE FOR RESIDUE ZN A 1001' 
AC2 Software A ZN 1002 ? 4 'BINDING SITE FOR RESIDUE ZN A 1002' 
# 
loop_
_struct_site_gen.id 
_struct_site_gen.site_id 
_struct_site_gen.pdbx_num_res 
_struct_site_gen.label_comp_id 
_struct_site_gen.label_asym_id 
_struct_site_gen.label_seq_id 
_struct_site_gen.pdbx_auth_ins_code 
_struct_site_gen.auth_comp_id 
_struct_site_gen.auth_asym_id 
_struct_site_gen.auth_seq_id 
_struct_site_gen.label_atom_id 
_struct_site_gen.label_alt_id 
_struct_site_gen.symmetry 
_struct_site_gen.details 
1 AC1 4 CYS A 5  ? CYS A 1569 . ? 1_555 ? 
2 AC1 4 CYS A 8  ? CYS A 1572 . ? 1_555 ? 
3 AC1 4 HIS A 32 ? HIS A 1596 . ? 1_555 ? 
4 AC1 4 CYS A 35 ? CYS A 1599 . ? 1_555 ? 
5 AC2 4 CYS A 24 ? CYS A 1588 . ? 1_555 ? 
6 AC2 4 CYS A 27 ? CYS A 1591 . ? 1_555 ? 
7 AC2 4 CYS A 57 ? CYS A 1621 . ? 1_555 ? 
8 AC2 4 CYS A 60 ? CYS A 1624 . ? 1_555 ? 
# 
loop_
_pdbx_validate_rmsd_bond.id 
_pdbx_validate_rmsd_bond.PDB_model_num 
_pdbx_validate_rmsd_bond.auth_atom_id_1 
_pdbx_validate_rmsd_bond.auth_asym_id_1 
_pdbx_validate_rmsd_bond.auth_comp_id_1 
_pdbx_validate_rmsd_bond.auth_seq_id_1 
_pdbx_validate_rmsd_bond.PDB_ins_code_1 
_pdbx_validate_rmsd_bond.label_alt_id_1 
_pdbx_validate_rmsd_bond.auth_atom_id_2 
_pdbx_validate_rmsd_bond.auth_asym_id_2 
_pdbx_validate_rmsd_bond.auth_comp_id_2 
_pdbx_validate_rmsd_bond.auth_seq_id_2 
_pdbx_validate_rmsd_bond.PDB_ins_code_2 
_pdbx_validate_rmsd_bond.label_alt_id_2 
_pdbx_validate_rmsd_bond.bond_value 
_pdbx_validate_rmsd_bond.bond_target_value 
_pdbx_validate_rmsd_bond.bond_deviation 
_pdbx_validate_rmsd_bond.bond_standard_deviation 
_pdbx_validate_rmsd_bond.linker_flag 
1  1 CG  A ASP 1573 ? ? OD1 A ASP 1573 ? ? 1.098 1.249 -0.151 0.023 N 
2  1 C   A HIS 1596 ? ? O   A HIS 1596 ? ? 1.095 1.229 -0.134 0.019 N 
3  1 CD  A GLU 1600 ? ? OE1 A GLU 1600 ? ? 1.161 1.252 -0.091 0.011 N 
4  1 C   A GLU 1600 ? ? O   A GLU 1600 ? ? 1.091 1.229 -0.138 0.019 N 
5  1 CG  A LEU 1602 ? ? CD2 A LEU 1602 ? ? 1.288 1.514 -0.226 0.037 N 
6  1 CB  A GLU 1605 ? ? CG  A GLU 1605 ? ? 1.362 1.517 -0.155 0.019 N 
7  1 CG  A GLU 1605 ? ? CD  A GLU 1605 ? ? 1.607 1.515 0.092  0.015 N 
8  1 CD  A GLU 1605 ? ? OE2 A GLU 1605 ? ? 1.165 1.252 -0.087 0.011 N 
9  1 C   A GLU 1605 ? ? O   A GLU 1605 ? ? 1.087 1.229 -0.142 0.019 N 
10 1 CE1 A TYR 1607 ? ? CZ  A TYR 1607 ? ? 1.270 1.381 -0.111 0.013 N 
11 1 C   A TYR 1607 ? ? O   A TYR 1607 ? ? 1.078 1.229 -0.151 0.019 N 
12 1 CB  A GLU 1615 ? ? CG  A GLU 1615 ? ? 1.382 1.517 -0.135 0.019 N 
13 1 C   A THR 1625 ? ? O   A THR 1625 ? ? 1.084 1.229 -0.145 0.019 N 
14 1 CG  A GLU 1626 ? ? CD  A GLU 1626 ? ? 1.403 1.515 -0.112 0.015 N 
15 1 C   A ARG 1627 ? ? O   A ARG 1627 ? ? 1.101 1.229 -0.128 0.019 N 
16 1 CA  A ALA 1630 ? ? CB  A ALA 1630 ? ? 1.356 1.520 -0.164 0.021 N 
17 1 CD  A GLU 1637 ? ? OE1 A GLU 1637 ? ? 1.177 1.252 -0.075 0.011 N 
18 1 CD  A GLU 1637 ? ? OE2 A GLU 1637 ? ? 1.158 1.252 -0.094 0.011 N 
19 1 CG  A GLU 1639 ? ? CD  A GLU 1639 ? ? 1.393 1.515 -0.122 0.015 N 
20 1 CD  A GLU 1639 ? ? OE2 A GLU 1639 ? ? 1.148 1.252 -0.104 0.011 N 
21 1 C   A ARG 1655 ? ? O   A ARG 1655 ? ? 1.054 1.229 -0.175 0.019 N 
22 1 CG  A PRO 1705 ? ? CD  A PRO 1705 ? ? 1.282 1.502 -0.220 0.033 N 
23 1 C   A ASP 1707 ? ? O   A ASP 1707 ? ? 1.093 1.229 -0.136 0.019 N 
24 1 CD  A GLU 1709 ? ? OE1 A GLU 1709 ? ? 1.138 1.252 -0.114 0.011 N 
25 1 C   A ILE 1733 ? ? O   A ILE 1733 ? ? 1.060 1.229 -0.169 0.019 N 
26 1 C   A GLN 1744 ? ? O   A GLN 1744 ? ? 1.106 1.229 -0.123 0.019 N 
27 1 C   A PRO 1745 ? ? O   A PRO 1745 ? ? 1.078 1.228 -0.150 0.020 N 
28 1 CD  A ARG 1775 ? ? NE  A ARG 1775 ? ? 1.338 1.460 -0.122 0.017 N 
29 1 CD  A GLU 1778 ? ? OE1 A GLU 1778 ? ? 1.174 1.252 -0.078 0.011 N 
# 
loop_
_pdbx_validate_rmsd_angle.id 
_pdbx_validate_rmsd_angle.PDB_model_num 
_pdbx_validate_rmsd_angle.auth_atom_id_1 
_pdbx_validate_rmsd_angle.auth_asym_id_1 
_pdbx_validate_rmsd_angle.auth_comp_id_1 
_pdbx_validate_rmsd_angle.auth_seq_id_1 
_pdbx_validate_rmsd_angle.PDB_ins_code_1 
_pdbx_validate_rmsd_angle.label_alt_id_1 
_pdbx_validate_rmsd_angle.auth_atom_id_2 
_pdbx_validate_rmsd_angle.auth_asym_id_2 
_pdbx_validate_rmsd_angle.auth_comp_id_2 
_pdbx_validate_rmsd_angle.auth_seq_id_2 
_pdbx_validate_rmsd_angle.PDB_ins_code_2 
_pdbx_validate_rmsd_angle.label_alt_id_2 
_pdbx_validate_rmsd_angle.auth_atom_id_3 
_pdbx_validate_rmsd_angle.auth_asym_id_3 
_pdbx_validate_rmsd_angle.auth_comp_id_3 
_pdbx_validate_rmsd_angle.auth_seq_id_3 
_pdbx_validate_rmsd_angle.PDB_ins_code_3 
_pdbx_validate_rmsd_angle.label_alt_id_3 
_pdbx_validate_rmsd_angle.angle_value 
_pdbx_validate_rmsd_angle.angle_target_value 
_pdbx_validate_rmsd_angle.angle_deviation 
_pdbx_validate_rmsd_angle.angle_standard_deviation 
_pdbx_validate_rmsd_angle.linker_flag 
1 1 CG A GLU 1626 ? ? CD A GLU 1626 ? ? OE2 A GLU 1626 ? ? 104.61 118.30 -13.69 2.00 N 
2 1 NE A ARG 1627 ? ? CZ A ARG 1627 ? ? NH2 A ARG 1627 ? ? 124.52 120.30 4.22   0.50 N 
3 1 NE A ARG 1633 ? ? CZ A ARG 1633 ? ? NH1 A ARG 1633 ? ? 117.00 120.30 -3.30  0.50 N 
4 1 NE A ARG 1775 ? ? CZ A ARG 1775 ? ? NH2 A ARG 1775 ? ? 116.02 120.30 -4.28  0.50 N 
# 
_pdbx_validate_torsion.id              1 
_pdbx_validate_torsion.PDB_model_num   1 
_pdbx_validate_torsion.auth_comp_id    CYS 
_pdbx_validate_torsion.auth_asym_id    A 
_pdbx_validate_torsion.auth_seq_id     1572 
_pdbx_validate_torsion.PDB_ins_code    ? 
_pdbx_validate_torsion.label_alt_id    ? 
_pdbx_validate_torsion.phi             -144.61 
_pdbx_validate_torsion.psi             -7.68 
# 
loop_
_pdbx_unobs_or_zero_occ_residues.id 
_pdbx_unobs_or_zero_occ_residues.PDB_model_num 
_pdbx_unobs_or_zero_occ_residues.polymer_flag 
_pdbx_unobs_or_zero_occ_residues.occupancy_flag 
_pdbx_unobs_or_zero_occ_residues.auth_asym_id 
_pdbx_unobs_or_zero_occ_residues.auth_comp_id 
_pdbx_unobs_or_zero_occ_residues.auth_seq_id 
_pdbx_unobs_or_zero_occ_residues.PDB_ins_code 
_pdbx_unobs_or_zero_occ_residues.label_asym_id 
_pdbx_unobs_or_zero_occ_residues.label_comp_id 
_pdbx_unobs_or_zero_occ_residues.label_seq_id 
1 1 Y 1 A SER 1565 ? A SER 1   
2 1 Y 1 A GLN 1665 ? A GLN 101 
3 1 Y 1 A GLN 1703 ? A GLN 102 
4 1 Y 1 A PRO 1779 ? A PRO 178 
5 1 Y 1 A ASN 1780 ? A ASN 179 
6 1 Y 1 A LYS 1781 ? A LYS 180 
7 1 Y 1 A VAL 1782 ? A VAL 181 
8 1 Y 1 A SER 1783 ? A SER 182 
9 1 Y 1 A SER 1784 ? A SER 183 
# 
loop_
_chem_comp_atom.comp_id 
_chem_comp_atom.atom_id 
_chem_comp_atom.type_symbol 
_chem_comp_atom.pdbx_aromatic_flag 
_chem_comp_atom.pdbx_stereo_config 
_chem_comp_atom.pdbx_ordinal 
ALA N    N  N N 1   
ALA CA   C  N S 2   
ALA C    C  N N 3   
ALA O    O  N N 4   
ALA CB   C  N N 5   
ALA OXT  O  N N 6   
ALA H    H  N N 7   
ALA H2   H  N N 8   
ALA HA   H  N N 9   
ALA HB1  H  N N 10  
ALA HB2  H  N N 11  
ALA HB3  H  N N 12  
ALA HXT  H  N N 13  
ARG N    N  N N 14  
ARG CA   C  N S 15  
ARG C    C  N N 16  
ARG O    O  N N 17  
ARG CB   C  N N 18  
ARG CG   C  N N 19  
ARG CD   C  N N 20  
ARG NE   N  N N 21  
ARG CZ   C  N N 22  
ARG NH1  N  N N 23  
ARG NH2  N  N N 24  
ARG OXT  O  N N 25  
ARG H    H  N N 26  
ARG H2   H  N N 27  
ARG HA   H  N N 28  
ARG HB2  H  N N 29  
ARG HB3  H  N N 30  
ARG HG2  H  N N 31  
ARG HG3  H  N N 32  
ARG HD2  H  N N 33  
ARG HD3  H  N N 34  
ARG HE   H  N N 35  
ARG HH11 H  N N 36  
ARG HH12 H  N N 37  
ARG HH21 H  N N 38  
ARG HH22 H  N N 39  
ARG HXT  H  N N 40  
ASN N    N  N N 41  
ASN CA   C  N S 42  
ASN C    C  N N 43  
ASN O    O  N N 44  
ASN CB   C  N N 45  
ASN CG   C  N N 46  
ASN OD1  O  N N 47  
ASN ND2  N  N N 48  
ASN OXT  O  N N 49  
ASN H    H  N N 50  
ASN H2   H  N N 51  
ASN HA   H  N N 52  
ASN HB2  H  N N 53  
ASN HB3  H  N N 54  
ASN HD21 H  N N 55  
ASN HD22 H  N N 56  
ASN HXT  H  N N 57  
ASP N    N  N N 58  
ASP CA   C  N S 59  
ASP C    C  N N 60  
ASP O    O  N N 61  
ASP CB   C  N N 62  
ASP CG   C  N N 63  
ASP OD1  O  N N 64  
ASP OD2  O  N N 65  
ASP OXT  O  N N 66  
ASP H    H  N N 67  
ASP H2   H  N N 68  
ASP HA   H  N N 69  
ASP HB2  H  N N 70  
ASP HB3  H  N N 71  
ASP HD2  H  N N 72  
ASP HXT  H  N N 73  
CYS N    N  N N 74  
CYS CA   C  N R 75  
CYS C    C  N N 76  
CYS O    O  N N 77  
CYS CB   C  N N 78  
CYS SG   S  N N 79  
CYS OXT  O  N N 80  
CYS H    H  N N 81  
CYS H2   H  N N 82  
CYS HA   H  N N 83  
CYS HB2  H  N N 84  
CYS HB3  H  N N 85  
CYS HG   H  N N 86  
CYS HXT  H  N N 87  
GLN N    N  N N 88  
GLN CA   C  N S 89  
GLN C    C  N N 90  
GLN O    O  N N 91  
GLN CB   C  N N 92  
GLN CG   C  N N 93  
GLN CD   C  N N 94  
GLN OE1  O  N N 95  
GLN NE2  N  N N 96  
GLN OXT  O  N N 97  
GLN H    H  N N 98  
GLN H2   H  N N 99  
GLN HA   H  N N 100 
GLN HB2  H  N N 101 
GLN HB3  H  N N 102 
GLN HG2  H  N N 103 
GLN HG3  H  N N 104 
GLN HE21 H  N N 105 
GLN HE22 H  N N 106 
GLN HXT  H  N N 107 
GLU N    N  N N 108 
GLU CA   C  N S 109 
GLU C    C  N N 110 
GLU O    O  N N 111 
GLU CB   C  N N 112 
GLU CG   C  N N 113 
GLU CD   C  N N 114 
GLU OE1  O  N N 115 
GLU OE2  O  N N 116 
GLU OXT  O  N N 117 
GLU H    H  N N 118 
GLU H2   H  N N 119 
GLU HA   H  N N 120 
GLU HB2  H  N N 121 
GLU HB3  H  N N 122 
GLU HG2  H  N N 123 
GLU HG3  H  N N 124 
GLU HE2  H  N N 125 
GLU HXT  H  N N 126 
GLY N    N  N N 127 
GLY CA   C  N N 128 
GLY C    C  N N 129 
GLY O    O  N N 130 
GLY OXT  O  N N 131 
GLY H    H  N N 132 
GLY H2   H  N N 133 
GLY HA2  H  N N 134 
GLY HA3  H  N N 135 
GLY HXT  H  N N 136 
HIS N    N  N N 137 
HIS CA   C  N S 138 
HIS C    C  N N 139 
HIS O    O  N N 140 
HIS CB   C  N N 141 
HIS CG   C  Y N 142 
HIS ND1  N  Y N 143 
HIS CD2  C  Y N 144 
HIS CE1  C  Y N 145 
HIS NE2  N  Y N 146 
HIS OXT  O  N N 147 
HIS H    H  N N 148 
HIS H2   H  N N 149 
HIS HA   H  N N 150 
HIS HB2  H  N N 151 
HIS HB3  H  N N 152 
HIS HD1  H  N N 153 
HIS HD2  H  N N 154 
HIS HE1  H  N N 155 
HIS HE2  H  N N 156 
HIS HXT  H  N N 157 
HOH O    O  N N 158 
HOH H1   H  N N 159 
HOH H2   H  N N 160 
ILE N    N  N N 161 
ILE CA   C  N S 162 
ILE C    C  N N 163 
ILE O    O  N N 164 
ILE CB   C  N S 165 
ILE CG1  C  N N 166 
ILE CG2  C  N N 167 
ILE CD1  C  N N 168 
ILE OXT  O  N N 169 
ILE H    H  N N 170 
ILE H2   H  N N 171 
ILE HA   H  N N 172 
ILE HB   H  N N 173 
ILE HG12 H  N N 174 
ILE HG13 H  N N 175 
ILE HG21 H  N N 176 
ILE HG22 H  N N 177 
ILE HG23 H  N N 178 
ILE HD11 H  N N 179 
ILE HD12 H  N N 180 
ILE HD13 H  N N 181 
ILE HXT  H  N N 182 
LEU N    N  N N 183 
LEU CA   C  N S 184 
LEU C    C  N N 185 
LEU O    O  N N 186 
LEU CB   C  N N 187 
LEU CG   C  N N 188 
LEU CD1  C  N N 189 
LEU CD2  C  N N 190 
LEU OXT  O  N N 191 
LEU H    H  N N 192 
LEU H2   H  N N 193 
LEU HA   H  N N 194 
LEU HB2  H  N N 195 
LEU HB3  H  N N 196 
LEU HG   H  N N 197 
LEU HD11 H  N N 198 
LEU HD12 H  N N 199 
LEU HD13 H  N N 200 
LEU HD21 H  N N 201 
LEU HD22 H  N N 202 
LEU HD23 H  N N 203 
LEU HXT  H  N N 204 
LYS N    N  N N 205 
LYS CA   C  N S 206 
LYS C    C  N N 207 
LYS O    O  N N 208 
LYS CB   C  N N 209 
LYS CG   C  N N 210 
LYS CD   C  N N 211 
LYS CE   C  N N 212 
LYS NZ   N  N N 213 
LYS OXT  O  N N 214 
LYS H    H  N N 215 
LYS H2   H  N N 216 
LYS HA   H  N N 217 
LYS HB2  H  N N 218 
LYS HB3  H  N N 219 
LYS HG2  H  N N 220 
LYS HG3  H  N N 221 
LYS HD2  H  N N 222 
LYS HD3  H  N N 223 
LYS HE2  H  N N 224 
LYS HE3  H  N N 225 
LYS HZ1  H  N N 226 
LYS HZ2  H  N N 227 
LYS HZ3  H  N N 228 
LYS HXT  H  N N 229 
MET N    N  N N 230 
MET CA   C  N S 231 
MET C    C  N N 232 
MET O    O  N N 233 
MET CB   C  N N 234 
MET CG   C  N N 235 
MET SD   S  N N 236 
MET CE   C  N N 237 
MET OXT  O  N N 238 
MET H    H  N N 239 
MET H2   H  N N 240 
MET HA   H  N N 241 
MET HB2  H  N N 242 
MET HB3  H  N N 243 
MET HG2  H  N N 244 
MET HG3  H  N N 245 
MET HE1  H  N N 246 
MET HE2  H  N N 247 
MET HE3  H  N N 248 
MET HXT  H  N N 249 
PHE N    N  N N 250 
PHE CA   C  N S 251 
PHE C    C  N N 252 
PHE O    O  N N 253 
PHE CB   C  N N 254 
PHE CG   C  Y N 255 
PHE CD1  C  Y N 256 
PHE CD2  C  Y N 257 
PHE CE1  C  Y N 258 
PHE CE2  C  Y N 259 
PHE CZ   C  Y N 260 
PHE OXT  O  N N 261 
PHE H    H  N N 262 
PHE H2   H  N N 263 
PHE HA   H  N N 264 
PHE HB2  H  N N 265 
PHE HB3  H  N N 266 
PHE HD1  H  N N 267 
PHE HD2  H  N N 268 
PHE HE1  H  N N 269 
PHE HE2  H  N N 270 
PHE HZ   H  N N 271 
PHE HXT  H  N N 272 
PRO N    N  N N 273 
PRO CA   C  N S 274 
PRO C    C  N N 275 
PRO O    O  N N 276 
PRO CB   C  N N 277 
PRO CG   C  N N 278 
PRO CD   C  N N 279 
PRO OXT  O  N N 280 
PRO H    H  N N 281 
PRO HA   H  N N 282 
PRO HB2  H  N N 283 
PRO HB3  H  N N 284 
PRO HG2  H  N N 285 
PRO HG3  H  N N 286 
PRO HD2  H  N N 287 
PRO HD3  H  N N 288 
PRO HXT  H  N N 289 
SER N    N  N N 290 
SER CA   C  N S 291 
SER C    C  N N 292 
SER O    O  N N 293 
SER CB   C  N N 294 
SER OG   O  N N 295 
SER OXT  O  N N 296 
SER H    H  N N 297 
SER H2   H  N N 298 
SER HA   H  N N 299 
SER HB2  H  N N 300 
SER HB3  H  N N 301 
SER HG   H  N N 302 
SER HXT  H  N N 303 
THR N    N  N N 304 
THR CA   C  N S 305 
THR C    C  N N 306 
THR O    O  N N 307 
THR CB   C  N R 308 
THR OG1  O  N N 309 
THR CG2  C  N N 310 
THR OXT  O  N N 311 
THR H    H  N N 312 
THR H2   H  N N 313 
THR HA   H  N N 314 
THR HB   H  N N 315 
THR HG1  H  N N 316 
THR HG21 H  N N 317 
THR HG22 H  N N 318 
THR HG23 H  N N 319 
THR HXT  H  N N 320 
TRP N    N  N N 321 
TRP CA   C  N S 322 
TRP C    C  N N 323 
TRP O    O  N N 324 
TRP CB   C  N N 325 
TRP CG   C  Y N 326 
TRP CD1  C  Y N 327 
TRP CD2  C  Y N 328 
TRP NE1  N  Y N 329 
TRP CE2  C  Y N 330 
TRP CE3  C  Y N 331 
TRP CZ2  C  Y N 332 
TRP CZ3  C  Y N 333 
TRP CH2  C  Y N 334 
TRP OXT  O  N N 335 
TRP H    H  N N 336 
TRP H2   H  N N 337 
TRP HA   H  N N 338 
TRP HB2  H  N N 339 
TRP HB3  H  N N 340 
TRP HD1  H  N N 341 
TRP HE1  H  N N 342 
TRP HE3  H  N N 343 
TRP HZ2  H  N N 344 
TRP HZ3  H  N N 345 
TRP HH2  H  N N 346 
TRP HXT  H  N N 347 
TYR N    N  N N 348 
TYR CA   C  N S 349 
TYR C    C  N N 350 
TYR O    O  N N 351 
TYR CB   C  N N 352 
TYR CG   C  Y N 353 
TYR CD1  C  Y N 354 
TYR CD2  C  Y N 355 
TYR CE1  C  Y N 356 
TYR CE2  C  Y N 357 
TYR CZ   C  Y N 358 
TYR OH   O  N N 359 
TYR OXT  O  N N 360 
TYR H    H  N N 361 
TYR H2   H  N N 362 
TYR HA   H  N N 363 
TYR HB2  H  N N 364 
TYR HB3  H  N N 365 
TYR HD1  H  N N 366 
TYR HD2  H  N N 367 
TYR HE1  H  N N 368 
TYR HE2  H  N N 369 
TYR HH   H  N N 370 
TYR HXT  H  N N 371 
VAL N    N  N N 372 
VAL CA   C  N S 373 
VAL C    C  N N 374 
VAL O    O  N N 375 
VAL CB   C  N N 376 
VAL CG1  C  N N 377 
VAL CG2  C  N N 378 
VAL OXT  O  N N 379 
VAL H    H  N N 380 
VAL H2   H  N N 381 
VAL HA   H  N N 382 
VAL HB   H  N N 383 
VAL HG11 H  N N 384 
VAL HG12 H  N N 385 
VAL HG13 H  N N 386 
VAL HG21 H  N N 387 
VAL HG22 H  N N 388 
VAL HG23 H  N N 389 
VAL HXT  H  N N 390 
ZN  ZN   ZN N N 391 
# 
loop_
_chem_comp_bond.comp_id 
_chem_comp_bond.atom_id_1 
_chem_comp_bond.atom_id_2 
_chem_comp_bond.value_order 
_chem_comp_bond.pdbx_aromatic_flag 
_chem_comp_bond.pdbx_stereo_config 
_chem_comp_bond.pdbx_ordinal 
ALA N   CA   sing N N 1   
ALA N   H    sing N N 2   
ALA N   H2   sing N N 3   
ALA CA  C    sing N N 4   
ALA CA  CB   sing N N 5   
ALA CA  HA   sing N N 6   
ALA C   O    doub N N 7   
ALA C   OXT  sing N N 8   
ALA CB  HB1  sing N N 9   
ALA CB  HB2  sing N N 10  
ALA CB  HB3  sing N N 11  
ALA OXT HXT  sing N N 12  
ARG N   CA   sing N N 13  
ARG N   H    sing N N 14  
ARG N   H2   sing N N 15  
ARG CA  C    sing N N 16  
ARG CA  CB   sing N N 17  
ARG CA  HA   sing N N 18  
ARG C   O    doub N N 19  
ARG C   OXT  sing N N 20  
ARG CB  CG   sing N N 21  
ARG CB  HB2  sing N N 22  
ARG CB  HB3  sing N N 23  
ARG CG  CD   sing N N 24  
ARG CG  HG2  sing N N 25  
ARG CG  HG3  sing N N 26  
ARG CD  NE   sing N N 27  
ARG CD  HD2  sing N N 28  
ARG CD  HD3  sing N N 29  
ARG NE  CZ   sing N N 30  
ARG NE  HE   sing N N 31  
ARG CZ  NH1  sing N N 32  
ARG CZ  NH2  doub N N 33  
ARG NH1 HH11 sing N N 34  
ARG NH1 HH12 sing N N 35  
ARG NH2 HH21 sing N N 36  
ARG NH2 HH22 sing N N 37  
ARG OXT HXT  sing N N 38  
ASN N   CA   sing N N 39  
ASN N   H    sing N N 40  
ASN N   H2   sing N N 41  
ASN CA  C    sing N N 42  
ASN CA  CB   sing N N 43  
ASN CA  HA   sing N N 44  
ASN C   O    doub N N 45  
ASN C   OXT  sing N N 46  
ASN CB  CG   sing N N 47  
ASN CB  HB2  sing N N 48  
ASN CB  HB3  sing N N 49  
ASN CG  OD1  doub N N 50  
ASN CG  ND2  sing N N 51  
ASN ND2 HD21 sing N N 52  
ASN ND2 HD22 sing N N 53  
ASN OXT HXT  sing N N 54  
ASP N   CA   sing N N 55  
ASP N   H    sing N N 56  
ASP N   H2   sing N N 57  
ASP CA  C    sing N N 58  
ASP CA  CB   sing N N 59  
ASP CA  HA   sing N N 60  
ASP C   O    doub N N 61  
ASP C   OXT  sing N N 62  
ASP CB  CG   sing N N 63  
ASP CB  HB2  sing N N 64  
ASP CB  HB3  sing N N 65  
ASP CG  OD1  doub N N 66  
ASP CG  OD2  sing N N 67  
ASP OD2 HD2  sing N N 68  
ASP OXT HXT  sing N N 69  
CYS N   CA   sing N N 70  
CYS N   H    sing N N 71  
CYS N   H2   sing N N 72  
CYS CA  C    sing N N 73  
CYS CA  CB   sing N N 74  
CYS CA  HA   sing N N 75  
CYS C   O    doub N N 76  
CYS C   OXT  sing N N 77  
CYS CB  SG   sing N N 78  
CYS CB  HB2  sing N N 79  
CYS CB  HB3  sing N N 80  
CYS SG  HG   sing N N 81  
CYS OXT HXT  sing N N 82  
GLN N   CA   sing N N 83  
GLN N   H    sing N N 84  
GLN N   H2   sing N N 85  
GLN CA  C    sing N N 86  
GLN CA  CB   sing N N 87  
GLN CA  HA   sing N N 88  
GLN C   O    doub N N 89  
GLN C   OXT  sing N N 90  
GLN CB  CG   sing N N 91  
GLN CB  HB2  sing N N 92  
GLN CB  HB3  sing N N 93  
GLN CG  CD   sing N N 94  
GLN CG  HG2  sing N N 95  
GLN CG  HG3  sing N N 96  
GLN CD  OE1  doub N N 97  
GLN CD  NE2  sing N N 98  
GLN NE2 HE21 sing N N 99  
GLN NE2 HE22 sing N N 100 
GLN OXT HXT  sing N N 101 
GLU N   CA   sing N N 102 
GLU N   H    sing N N 103 
GLU N   H2   sing N N 104 
GLU CA  C    sing N N 105 
GLU CA  CB   sing N N 106 
GLU CA  HA   sing N N 107 
GLU C   O    doub N N 108 
GLU C   OXT  sing N N 109 
GLU CB  CG   sing N N 110 
GLU CB  HB2  sing N N 111 
GLU CB  HB3  sing N N 112 
GLU CG  CD   sing N N 113 
GLU CG  HG2  sing N N 114 
GLU CG  HG3  sing N N 115 
GLU CD  OE1  doub N N 116 
GLU CD  OE2  sing N N 117 
GLU OE2 HE2  sing N N 118 
GLU OXT HXT  sing N N 119 
GLY N   CA   sing N N 120 
GLY N   H    sing N N 121 
GLY N   H2   sing N N 122 
GLY CA  C    sing N N 123 
GLY CA  HA2  sing N N 124 
GLY CA  HA3  sing N N 125 
GLY C   O    doub N N 126 
GLY C   OXT  sing N N 127 
GLY OXT HXT  sing N N 128 
HIS N   CA   sing N N 129 
HIS N   H    sing N N 130 
HIS N   H2   sing N N 131 
HIS CA  C    sing N N 132 
HIS CA  CB   sing N N 133 
HIS CA  HA   sing N N 134 
HIS C   O    doub N N 135 
HIS C   OXT  sing N N 136 
HIS CB  CG   sing N N 137 
HIS CB  HB2  sing N N 138 
HIS CB  HB3  sing N N 139 
HIS CG  ND1  sing Y N 140 
HIS CG  CD2  doub Y N 141 
HIS ND1 CE1  doub Y N 142 
HIS ND1 HD1  sing N N 143 
HIS CD2 NE2  sing Y N 144 
HIS CD2 HD2  sing N N 145 
HIS CE1 NE2  sing Y N 146 
HIS CE1 HE1  sing N N 147 
HIS NE2 HE2  sing N N 148 
HIS OXT HXT  sing N N 149 
HOH O   H1   sing N N 150 
HOH O   H2   sing N N 151 
ILE N   CA   sing N N 152 
ILE N   H    sing N N 153 
ILE N   H2   sing N N 154 
ILE CA  C    sing N N 155 
ILE CA  CB   sing N N 156 
ILE CA  HA   sing N N 157 
ILE C   O    doub N N 158 
ILE C   OXT  sing N N 159 
ILE CB  CG1  sing N N 160 
ILE CB  CG2  sing N N 161 
ILE CB  HB   sing N N 162 
ILE CG1 CD1  sing N N 163 
ILE CG1 HG12 sing N N 164 
ILE CG1 HG13 sing N N 165 
ILE CG2 HG21 sing N N 166 
ILE CG2 HG22 sing N N 167 
ILE CG2 HG23 sing N N 168 
ILE CD1 HD11 sing N N 169 
ILE CD1 HD12 sing N N 170 
ILE CD1 HD13 sing N N 171 
ILE OXT HXT  sing N N 172 
LEU N   CA   sing N N 173 
LEU N   H    sing N N 174 
LEU N   H2   sing N N 175 
LEU CA  C    sing N N 176 
LEU CA  CB   sing N N 177 
LEU CA  HA   sing N N 178 
LEU C   O    doub N N 179 
LEU C   OXT  sing N N 180 
LEU CB  CG   sing N N 181 
LEU CB  HB2  sing N N 182 
LEU CB  HB3  sing N N 183 
LEU CG  CD1  sing N N 184 
LEU CG  CD2  sing N N 185 
LEU CG  HG   sing N N 186 
LEU CD1 HD11 sing N N 187 
LEU CD1 HD12 sing N N 188 
LEU CD1 HD13 sing N N 189 
LEU CD2 HD21 sing N N 190 
LEU CD2 HD22 sing N N 191 
LEU CD2 HD23 sing N N 192 
LEU OXT HXT  sing N N 193 
LYS N   CA   sing N N 194 
LYS N   H    sing N N 195 
LYS N   H2   sing N N 196 
LYS CA  C    sing N N 197 
LYS CA  CB   sing N N 198 
LYS CA  HA   sing N N 199 
LYS C   O    doub N N 200 
LYS C   OXT  sing N N 201 
LYS CB  CG   sing N N 202 
LYS CB  HB2  sing N N 203 
LYS CB  HB3  sing N N 204 
LYS CG  CD   sing N N 205 
LYS CG  HG2  sing N N 206 
LYS CG  HG3  sing N N 207 
LYS CD  CE   sing N N 208 
LYS CD  HD2  sing N N 209 
LYS CD  HD3  sing N N 210 
LYS CE  NZ   sing N N 211 
LYS CE  HE2  sing N N 212 
LYS CE  HE3  sing N N 213 
LYS NZ  HZ1  sing N N 214 
LYS NZ  HZ2  sing N N 215 
LYS NZ  HZ3  sing N N 216 
LYS OXT HXT  sing N N 217 
MET N   CA   sing N N 218 
MET N   H    sing N N 219 
MET N   H2   sing N N 220 
MET CA  C    sing N N 221 
MET CA  CB   sing N N 222 
MET CA  HA   sing N N 223 
MET C   O    doub N N 224 
MET C   OXT  sing N N 225 
MET CB  CG   sing N N 226 
MET CB  HB2  sing N N 227 
MET CB  HB3  sing N N 228 
MET CG  SD   sing N N 229 
MET CG  HG2  sing N N 230 
MET CG  HG3  sing N N 231 
MET SD  CE   sing N N 232 
MET CE  HE1  sing N N 233 
MET CE  HE2  sing N N 234 
MET CE  HE3  sing N N 235 
MET OXT HXT  sing N N 236 
PHE N   CA   sing N N 237 
PHE N   H    sing N N 238 
PHE N   H2   sing N N 239 
PHE CA  C    sing N N 240 
PHE CA  CB   sing N N 241 
PHE CA  HA   sing N N 242 
PHE C   O    doub N N 243 
PHE C   OXT  sing N N 244 
PHE CB  CG   sing N N 245 
PHE CB  HB2  sing N N 246 
PHE CB  HB3  sing N N 247 
PHE CG  CD1  doub Y N 248 
PHE CG  CD2  sing Y N 249 
PHE CD1 CE1  sing Y N 250 
PHE CD1 HD1  sing N N 251 
PHE CD2 CE2  doub Y N 252 
PHE CD2 HD2  sing N N 253 
PHE CE1 CZ   doub Y N 254 
PHE CE1 HE1  sing N N 255 
PHE CE2 CZ   sing Y N 256 
PHE CE2 HE2  sing N N 257 
PHE CZ  HZ   sing N N 258 
PHE OXT HXT  sing N N 259 
PRO N   CA   sing N N 260 
PRO N   CD   sing N N 261 
PRO N   H    sing N N 262 
PRO CA  C    sing N N 263 
PRO CA  CB   sing N N 264 
PRO CA  HA   sing N N 265 
PRO C   O    doub N N 266 
PRO C   OXT  sing N N 267 
PRO CB  CG   sing N N 268 
PRO CB  HB2  sing N N 269 
PRO CB  HB3  sing N N 270 
PRO CG  CD   sing N N 271 
PRO CG  HG2  sing N N 272 
PRO CG  HG3  sing N N 273 
PRO CD  HD2  sing N N 274 
PRO CD  HD3  sing N N 275 
PRO OXT HXT  sing N N 276 
SER N   CA   sing N N 277 
SER N   H    sing N N 278 
SER N   H2   sing N N 279 
SER CA  C    sing N N 280 
SER CA  CB   sing N N 281 
SER CA  HA   sing N N 282 
SER C   O    doub N N 283 
SER C   OXT  sing N N 284 
SER CB  OG   sing N N 285 
SER CB  HB2  sing N N 286 
SER CB  HB3  sing N N 287 
SER OG  HG   sing N N 288 
SER OXT HXT  sing N N 289 
THR N   CA   sing N N 290 
THR N   H    sing N N 291 
THR N   H2   sing N N 292 
THR CA  C    sing N N 293 
THR CA  CB   sing N N 294 
THR CA  HA   sing N N 295 
THR C   O    doub N N 296 
THR C   OXT  sing N N 297 
THR CB  OG1  sing N N 298 
THR CB  CG2  sing N N 299 
THR CB  HB   sing N N 300 
THR OG1 HG1  sing N N 301 
THR CG2 HG21 sing N N 302 
THR CG2 HG22 sing N N 303 
THR CG2 HG23 sing N N 304 
THR OXT HXT  sing N N 305 
TRP N   CA   sing N N 306 
TRP N   H    sing N N 307 
TRP N   H2   sing N N 308 
TRP CA  C    sing N N 309 
TRP CA  CB   sing N N 310 
TRP CA  HA   sing N N 311 
TRP C   O    doub N N 312 
TRP C   OXT  sing N N 313 
TRP CB  CG   sing N N 314 
TRP CB  HB2  sing N N 315 
TRP CB  HB3  sing N N 316 
TRP CG  CD1  doub Y N 317 
TRP CG  CD2  sing Y N 318 
TRP CD1 NE1  sing Y N 319 
TRP CD1 HD1  sing N N 320 
TRP CD2 CE2  doub Y N 321 
TRP CD2 CE3  sing Y N 322 
TRP NE1 CE2  sing Y N 323 
TRP NE1 HE1  sing N N 324 
TRP CE2 CZ2  sing Y N 325 
TRP CE3 CZ3  doub Y N 326 
TRP CE3 HE3  sing N N 327 
TRP CZ2 CH2  doub Y N 328 
TRP CZ2 HZ2  sing N N 329 
TRP CZ3 CH2  sing Y N 330 
TRP CZ3 HZ3  sing N N 331 
TRP CH2 HH2  sing N N 332 
TRP OXT HXT  sing N N 333 
TYR N   CA   sing N N 334 
TYR N   H    sing N N 335 
TYR N   H2   sing N N 336 
TYR CA  C    sing N N 337 
TYR CA  CB   sing N N 338 
TYR CA  HA   sing N N 339 
TYR C   O    doub N N 340 
TYR C   OXT  sing N N 341 
TYR CB  CG   sing N N 342 
TYR CB  HB2  sing N N 343 
TYR CB  HB3  sing N N 344 
TYR CG  CD1  doub Y N 345 
TYR CG  CD2  sing Y N 346 
TYR CD1 CE1  sing Y N 347 
TYR CD1 HD1  sing N N 348 
TYR CD2 CE2  doub Y N 349 
TYR CD2 HD2  sing N N 350 
TYR CE1 CZ   doub Y N 351 
TYR CE1 HE1  sing N N 352 
TYR CE2 CZ   sing Y N 353 
TYR CE2 HE2  sing N N 354 
TYR CZ  OH   sing N N 355 
TYR OH  HH   sing N N 356 
TYR OXT HXT  sing N N 357 
VAL N   CA   sing N N 358 
VAL N   H    sing N N 359 
VAL N   H2   sing N N 360 
VAL CA  C    sing N N 361 
VAL CA  CB   sing N N 362 
VAL CA  HA   sing N N 363 
VAL C   O    doub N N 364 
VAL C   OXT  sing N N 365 
VAL CB  CG1  sing N N 366 
VAL CB  CG2  sing N N 367 
VAL CB  HB   sing N N 368 
VAL CG1 HG11 sing N N 369 
VAL CG1 HG12 sing N N 370 
VAL CG1 HG13 sing N N 371 
VAL CG2 HG21 sing N N 372 
VAL CG2 HG22 sing N N 373 
VAL CG2 HG23 sing N N 374 
VAL OXT HXT  sing N N 375 
# 
_atom_sites.entry_id                    3LQH 
_atom_sites.fract_transf_matrix[1][1]   0.00715539 
_atom_sites.fract_transf_matrix[1][2]   -0.00079309 
_atom_sites.fract_transf_matrix[1][3]   -0.01408476 
_atom_sites.fract_transf_matrix[2][1]   0.01240637 
_atom_sites.fract_transf_matrix[2][2]   0.00051757 
_atom_sites.fract_transf_matrix[2][3]   0.00627359 
_atom_sites.fract_transf_matrix[3][1]   0.00011204 
_atom_sites.fract_transf_matrix[3][2]   -0.01063222 
_atom_sites.fract_transf_matrix[3][3]   0.00065560 
_atom_sites.fract_transf_vector[1]      0.331456 
_atom_sites.fract_transf_vector[2]      0.352622 
_atom_sites.fract_transf_vector[3]      0.163488 
# 
loop_
_atom_type.symbol 
C  
N  
O  
S  
ZN 
# 
loop_
_atom_site.group_PDB 
_atom_site.id 
_atom_site.type_symbol 
_atom_site.label_atom_id 
_atom_site.label_alt_id 
_atom_site.label_comp_id 
_atom_site.label_asym_id 
_atom_site.label_entity_id 
_atom_site.label_seq_id 
_atom_site.pdbx_PDB_ins_code 
_atom_site.Cartn_x 
_atom_site.Cartn_y 
_atom_site.Cartn_z 
_atom_site.occupancy 
_atom_site.B_iso_or_equiv 
_atom_site.pdbx_formal_charge 
_atom_site.auth_seq_id 
_atom_site.auth_comp_id 
_atom_site.auth_asym_id 
_atom_site.auth_atom_id 
_atom_site.pdbx_PDB_model_num 
ATOM   1    N  N   . GLY A 1 2   ? 17.042  -14.093 -28.426 1.00 35.82 ? 1566 GLY A N   1 
ATOM   2    C  CA  . GLY A 1 2   ? 17.065  -14.200 -26.940 1.00 35.24 ? 1566 GLY A CA  1 
ATOM   3    C  C   . GLY A 1 2   ? 16.636  -12.922 -26.244 1.00 34.38 ? 1566 GLY A C   1 
ATOM   4    O  O   . GLY A 1 2   ? 17.105  -11.832 -26.570 1.00 38.19 ? 1566 GLY A O   1 
ATOM   5    N  N   . ASN A 1 3   ? 15.735  -13.061 -25.279 1.00 26.81 ? 1567 ASN A N   1 
ATOM   6    C  CA  . ASN A 1 3   ? 15.231  -11.928 -24.515 1.00 22.75 ? 1567 ASN A CA  1 
ATOM   7    C  C   . ASN A 1 3   ? 15.990  -11.850 -23.190 1.00 20.28 ? 1567 ASN A C   1 
ATOM   8    O  O   . ASN A 1 3   ? 15.925  -12.768 -22.370 1.00 18.83 ? 1567 ASN A O   1 
ATOM   9    C  CB  . ASN A 1 3   ? 13.737  -12.109 -24.270 1.00 26.71 ? 1567 ASN A CB  1 
ATOM   10   C  CG  . ASN A 1 3   ? 12.954  -12.236 -25.563 1.00 27.05 ? 1567 ASN A CG  1 
ATOM   11   O  OD1 . ASN A 1 3   ? 12.783  -11.261 -26.295 1.00 33.06 ? 1567 ASN A OD1 1 
ATOM   12   N  ND2 . ASN A 1 3   ? 12.492  -13.445 -25.859 1.00 30.71 ? 1567 ASN A ND2 1 
ATOM   13   N  N   . PHE A 1 4   ? 16.705  -10.745 -22.991 1.00 17.84 ? 1568 PHE A N   1 
ATOM   14   C  CA  . PHE A 1 4   ? 17.517  -10.540 -21.793 1.00 17.06 ? 1568 PHE A CA  1 
ATOM   15   C  C   . PHE A 1 4   ? 17.068  -9.367  -20.927 1.00 14.39 ? 1568 PHE A C   1 
ATOM   16   O  O   . PHE A 1 4   ? 16.658  -8.325  -21.440 1.00 15.99 ? 1568 PHE A O   1 
ATOM   17   C  CB  . PHE A 1 4   ? 18.973  -10.282 -22.198 1.00 23.31 ? 1568 PHE A CB  1 
ATOM   18   C  CG  . PHE A 1 4   ? 19.628  -11.432 -22.902 1.00 29.06 ? 1568 PHE A CG  1 
ATOM   19   C  CD1 . PHE A 1 4   ? 20.470  -12.297 -22.213 1.00 30.20 ? 1568 PHE A CD1 1 
ATOM   20   C  CD2 . PHE A 1 4   ? 19.407  -11.650 -24.258 1.00 32.73 ? 1568 PHE A CD2 1 
ATOM   21   C  CE1 . PHE A 1 4   ? 21.088  -13.363 -22.865 1.00 31.22 ? 1568 PHE A CE1 1 
ATOM   22   C  CE2 . PHE A 1 4   ? 20.020  -12.714 -24.918 1.00 33.08 ? 1568 PHE A CE2 1 
ATOM   23   C  CZ  . PHE A 1 4   ? 20.862  -13.571 -24.219 1.00 31.27 ? 1568 PHE A CZ  1 
ATOM   24   N  N   . CYS A 1 5   ? 17.152  -9.539  -19.611 1.00 11.99 ? 1569 CYS A N   1 
ATOM   25   C  CA  . CYS A 1 5   ? 16.812  -8.457  -18.691 1.00 12.39 ? 1569 CYS A CA  1 
ATOM   26   C  C   . CYS A 1 5   ? 17.964  -7.459  -18.814 1.00 13.91 ? 1569 CYS A C   1 
ATOM   27   O  O   . CYS A 1 5   ? 19.130  -7.817  -18.634 1.00 14.10 ? 1569 CYS A O   1 
ATOM   28   C  CB  . CYS A 1 5   ? 16.739  -8.962  -17.255 1.00 15.03 ? 1569 CYS A CB  1 
ATOM   29   S  SG  . CYS A 1 5   ? 16.697  -7.624  -16.039 1.00 13.75 ? 1569 CYS A SG  1 
ATOM   30   N  N   . PRO A 1 6   ? 17.657  -6.191  -19.114 1.00 16.71 ? 1570 PRO A N   1 
ATOM   31   C  CA  . PRO A 1 6   ? 18.711  -5.181  -19.257 1.00 19.72 ? 1570 PRO A CA  1 
ATOM   32   C  C   . PRO A 1 6   ? 19.478  -4.792  -17.994 1.00 20.61 ? 1570 PRO A C   1 
ATOM   33   O  O   . PRO A 1 6   ? 20.506  -4.119  -18.077 1.00 20.51 ? 1570 PRO A O   1 
ATOM   34   C  CB  . PRO A 1 6   ? 17.965  -3.998  -19.871 1.00 19.47 ? 1570 PRO A CB  1 
ATOM   35   C  CG  . PRO A 1 6   ? 16.596  -4.130  -19.282 1.00 17.06 ? 1570 PRO A CG  1 
ATOM   36   C  CD  . PRO A 1 6   ? 16.331  -5.615  -19.393 1.00 15.39 ? 1570 PRO A CD  1 
ATOM   37   N  N   . LEU A 1 7   ? 19.056  -5.253  -16.843 1.00 19.36 ? 1571 LEU A N   1 
ATOM   38   C  CA  . LEU A 1 7   ? 19.689  -4.943  -15.665 1.00 17.22 ? 1571 LEU A CA  1 
ATOM   39   C  C   . LEU A 1 7   ? 20.531  -5.984  -15.013 1.00 19.61 ? 1571 LEU A C   1 
ATOM   40   O  O   . LEU A 1 7   ? 21.024  -5.761  -14.003 1.00 19.62 ? 1571 LEU A O   1 
ATOM   41   C  CB  . LEU A 1 7   ? 18.658  -4.420  -14.632 1.00 20.00 ? 1571 LEU A CB  1 
ATOM   42   C  CG  . LEU A 1 7   ? 17.903  -3.190  -14.945 1.00 16.99 ? 1571 LEU A CG  1 
ATOM   43   C  CD1 . LEU A 1 7   ? 16.919  -2.874  -13.894 1.00 19.00 ? 1571 LEU A CD1 1 
ATOM   44   C  CD2 . LEU A 1 7   ? 18.730  -2.185  -15.057 1.00 21.30 ? 1571 LEU A CD2 1 
ATOM   45   N  N   . CYS A 1 8   ? 20.641  -7.108  -15.610 1.00 17.12 ? 1572 CYS A N   1 
ATOM   46   C  CA  . CYS A 1 8   ? 21.508  -8.178  -15.125 1.00 17.85 ? 1572 CYS A CA  1 
ATOM   47   C  C   . CYS A 1 8   ? 22.110  -8.921  -16.316 1.00 18.05 ? 1572 CYS A C   1 
ATOM   48   O  O   . CYS A 1 8   ? 22.996  -9.765  -16.157 1.00 18.96 ? 1572 CYS A O   1 
ATOM   49   C  CB  . CYS A 1 8   ? 20.731  -9.151  -14.229 1.00 16.75 ? 1572 CYS A CB  1 
ATOM   50   S  SG  . CYS A 1 8   ? 19.434  -10.103 -15.053 1.00 17.91 ? 1572 CYS A SG  1 
ATOM   51   N  N   . ASP A 1 9   ? 21.624  -8.572  -17.458 1.00 15.98 ? 1573 ASP A N   1 
ATOM   52   C  CA  . ASP A 1 9   ? 22.006  -9.176  -18.669 1.00 16.42 ? 1573 ASP A CA  1 
ATOM   53   C  C   . ASP A 1 9   ? 21.788  -10.657 -18.812 1.00 17.55 ? 1573 ASP A C   1 
ATOM   54   O  O   . ASP A 1 9   ? 22.460  -11.263 -19.520 1.00 18.73 ? 1573 ASP A O   1 
ATOM   55   C  CB  . ASP A 1 9   ? 23.464  -8.916  -18.935 1.00 23.69 ? 1573 ASP A CB  1 
ATOM   56   C  CG  . ASP A 1 9   ? 23.717  -7.567  -19.520 1.00 28.92 ? 1573 ASP A CG  1 
ATOM   57   O  OD1 . ASP A 1 9   ? 22.894  -7.085  -20.063 1.00 27.12 ? 1573 ASP A OD1 1 
ATOM   58   O  OD2 . ASP A 1 9   ? 24.782  -7.040  -19.354 1.00 32.32 ? 1573 ASP A OD2 1 
ATOM   59   N  N   . LYS A 1 10  ? 20.912  -11.189 -18.036 1.00 20.02 ? 1574 LYS A N   1 
ATOM   60   C  CA  . LYS A 1 10  ? 20.600  -12.611 -18.042 1.00 20.39 ? 1574 LYS A CA  1 
ATOM   61   C  C   . LYS A 1 10  ? 19.363  -12.865 -18.893 1.00 20.27 ? 1574 LYS A C   1 
ATOM   62   O  O   . LYS A 1 10  ? 18.397  -12.108 -18.840 1.00 15.14 ? 1574 LYS A O   1 
ATOM   63   C  CB  . LYS A 1 10  ? 20.351  -13.104 -16.615 1.00 31.22 ? 1574 LYS A CB  1 
ATOM   64   C  CG  . LYS A 1 10  ? 21.503  -12.847 -15.658 1.00 31.70 ? 1574 LYS A CG  1 
ATOM   65   C  CD  . LYS A 1 10  ? 22.799  -13.450 -16.173 1.00 31.80 ? 1574 LYS A CD  1 
ATOM   66   C  CE  . LYS A 1 10  ? 22.686  -14.957 -16.342 1.00 31.93 ? 1574 LYS A CE  1 
ATOM   67   N  NZ  . LYS A 1 10  ? 23.931  -15.543 -16.915 1.00 31.99 ? 1574 LYS A NZ  1 
ATOM   68   N  N   . CYS A 1 11  ? 19.408  -13.931 -19.685 1.00 21.14 ? 1575 CYS A N   1 
ATOM   69   C  CA  . CYS A 1 11  ? 18.289  -14.308 -20.539 1.00 21.34 ? 1575 CYS A CA  1 
ATOM   70   C  C   . CYS A 1 11  ? 17.173  -14.820 -19.634 1.00 20.78 ? 1575 CYS A C   1 
ATOM   71   O  O   . CYS A 1 11  ? 17.428  -15.594 -18.712 1.00 22.46 ? 1575 CYS A O   1 
ATOM   72   C  CB  . CYS A 1 11  ? 18.728  -15.411 -21.508 1.00 21.64 ? 1575 CYS A CB  1 
ATOM   73   S  SG  . CYS A 1 11  ? 17.431  -16.054 -22.586 1.00 26.23 ? 1575 CYS A SG  1 
ATOM   74   N  N   . TYR A 1 12  ? 15.944  -14.384 -19.886 1.00 17.32 ? 1576 TYR A N   1 
ATOM   75   C  CA  . TYR A 1 12  ? 14.827  -14.821 -19.063 1.00 17.74 ? 1576 TYR A CA  1 
ATOM   76   C  C   . TYR A 1 12  ? 13.850  -15.752 -19.782 1.00 19.14 ? 1576 TYR A C   1 
ATOM   77   O  O   . TYR A 1 12  ? 12.777  -16.051 -19.261 1.00 19.41 ? 1576 TYR A O   1 
ATOM   78   C  CB  . TYR A 1 12  ? 14.088  -13.603 -18.484 1.00 15.85 ? 1576 TYR A CB  1 
ATOM   79   C  CG  . TYR A 1 12  ? 13.573  -12.604 -19.500 1.00 14.84 ? 1576 TYR A CG  1 
ATOM   80   C  CD1 . TYR A 1 12  ? 12.416  -12.859 -20.239 1.00 12.92 ? 1576 TYR A CD1 1 
ATOM   81   C  CD2 . TYR A 1 12  ? 14.235  -11.395 -19.711 1.00 12.83 ? 1576 TYR A CD2 1 
ATOM   82   C  CE1 . TYR A 1 12  ? 11.930  -11.928 -21.163 1.00 13.05 ? 1576 TYR A CE1 1 
ATOM   83   C  CE2 . TYR A 1 12  ? 13.763  -10.461 -20.628 1.00 12.76 ? 1576 TYR A CE2 1 
ATOM   84   C  CZ  . TYR A 1 12  ? 12.610  -10.731 -21.352 1.00 13.04 ? 1576 TYR A CZ  1 
ATOM   85   O  OH  . TYR A 1 12  ? 12.141  -9.799  -22.250 1.00 12.74 ? 1576 TYR A OH  1 
ATOM   86   N  N   . ASP A 1 13  ? 14.234  -16.225 -20.967 1.00 23.43 ? 1577 ASP A N   1 
ATOM   87   C  CA  . ASP A 1 13  ? 13.384  -17.128 -21.741 1.00 25.98 ? 1577 ASP A CA  1 
ATOM   88   C  C   . ASP A 1 13  ? 13.030  -18.387 -20.955 1.00 26.35 ? 1577 ASP A C   1 
ATOM   89   O  O   . ASP A 1 13  ? 11.914  -18.897 -21.060 1.00 28.33 ? 1577 ASP A O   1 
ATOM   90   C  CB  . ASP A 1 13  ? 14.073  -17.540 -23.045 1.00 27.14 ? 1577 ASP A CB  1 
ATOM   91   C  CG  . ASP A 1 13  ? 14.184  -16.399 -24.036 1.00 31.65 ? 1577 ASP A CG  1 
ATOM   92   O  OD1 . ASP A 1 13  ? 13.158  -15.741 -24.302 1.00 29.40 ? 1577 ASP A OD1 1 
ATOM   93   O  OD2 . ASP A 1 13  ? 15.295  -16.169 -24.557 1.00 37.39 ? 1577 ASP A OD2 1 
ATOM   94   N  N   . ASP A 1 14  ? 13.985  -18.887 -20.177 1.00 27.13 ? 1578 ASP A N   1 
ATOM   95   C  CA  . ASP A 1 14  ? 13.771  -20.094 -19.385 1.00 27.30 ? 1578 ASP A CA  1 
ATOM   96   C  C   . ASP A 1 14  ? 13.368  -19.817 -17.943 1.00 27.19 ? 1578 ASP A C   1 
ATOM   97   O  O   . ASP A 1 14  ? 13.352  -20.726 -17.112 1.00 31.28 ? 1578 ASP A O   1 
ATOM   98   C  CB  . ASP A 1 14  ? 15.026  -20.973 -19.397 1.00 34.60 ? 1578 ASP A CB  1 
ATOM   99   C  CG  . ASP A 1 14  ? 15.317  -21.550 -20.768 1.00 34.98 ? 1578 ASP A CG  1 
ATOM   100  O  OD1 . ASP A 1 14  ? 14.369  -22.043 -21.415 1.00 35.04 ? 1578 ASP A OD1 1 
ATOM   101  O  OD2 . ASP A 1 14  ? 16.492  -21.520 -21.194 1.00 35.13 ? 1578 ASP A OD2 1 
ATOM   102  N  N   . ASP A 1 15  ? 13.047  -18.562 -17.643 1.00 25.94 ? 1579 ASP A N   1 
ATOM   103  C  CA  . ASP A 1 15  ? 12.632  -18.197 -16.297 1.00 25.50 ? 1579 ASP A CA  1 
ATOM   104  C  C   . ASP A 1 15  ? 11.313  -18.867 -15.956 1.00 25.27 ? 1579 ASP A C   1 
ATOM   105  O  O   . ASP A 1 15  ? 10.370  -18.843 -16.747 1.00 26.58 ? 1579 ASP A O   1 
ATOM   106  C  CB  . ASP A 1 15  ? 12.479  -16.680 -16.177 1.00 27.04 ? 1579 ASP A CB  1 
ATOM   107  C  CG  . ASP A 1 15  ? 13.765  -16.001 -15.775 1.00 28.86 ? 1579 ASP A CG  1 
ATOM   108  O  OD1 . ASP A 1 15  ? 14.833  -16.420 -16.269 1.00 26.28 ? 1579 ASP A OD1 1 
ATOM   109  O  OD2 . ASP A 1 15  ? 13.707  -15.047 -14.969 1.00 24.67 ? 1579 ASP A OD2 1 
ATOM   110  N  N   . ASP A 1 16  ? 11.252  -19.466 -14.773 1.00 24.55 ? 1580 ASP A N   1 
ATOM   111  C  CA  . ASP A 1 16  ? 10.039  -20.135 -14.338 1.00 24.56 ? 1580 ASP A CA  1 
ATOM   112  C  C   . ASP A 1 16  ? 8.993   -19.116 -13.897 1.00 24.01 ? 1580 ASP A C   1 
ATOM   113  O  O   . ASP A 1 16  ? 9.274   -17.921 -13.788 1.00 23.22 ? 1580 ASP A O   1 
ATOM   114  C  CB  . ASP A 1 16  ? 10.355  -21.112 -13.200 1.00 38.26 ? 1580 ASP A CB  1 
ATOM   115  C  CG  . ASP A 1 16  ? 11.028  -20.440 -12.023 1.00 38.89 ? 1580 ASP A CG  1 
ATOM   116  O  OD1 . ASP A 1 16  ? 11.532  -21.166 -11.136 1.00 39.16 ? 1580 ASP A OD1 1 
ATOM   117  O  OD2 . ASP A 1 16  ? 11.051  -19.191 -11.979 1.00 39.12 ? 1580 ASP A OD2 1 
ATOM   118  N  N   . TYR A 1 17  ? 7.783   -19.606 -13.657 1.00 20.33 ? 1581 TYR A N   1 
ATOM   119  C  CA  . TYR A 1 17  ? 6.659   -18.778 -13.232 1.00 20.37 ? 1581 TYR A CA  1 
ATOM   120  C  C   . TYR A 1 17  ? 6.965   -17.881 -12.029 1.00 20.37 ? 1581 TYR A C   1 
ATOM   121  O  O   . TYR A 1 17  ? 6.513   -16.736 -11.970 1.00 20.41 ? 1581 TYR A O   1 
ATOM   122  C  CB  . TYR A 1 17  ? 5.469   -19.683 -12.900 1.00 18.87 ? 1581 TYR A CB  1 
ATOM   123  C  CG  . TYR A 1 17  ? 4.409   -19.016 -12.062 1.00 20.50 ? 1581 TYR A CG  1 
ATOM   124  C  CD1 . TYR A 1 17  ? 3.424   -18.222 -12.647 1.00 19.54 ? 1581 TYR A CD1 1 
ATOM   125  C  CD2 . TYR A 1 17  ? 4.417   -19.145 -10.672 1.00 20.31 ? 1581 TYR A CD2 1 
ATOM   126  C  CE1 . TYR A 1 17  ? 2.471   -17.573 -11.868 1.00 23.80 ? 1581 TYR A CE1 1 
ATOM   127  C  CE2 . TYR A 1 17  ? 3.472   -18.497 -9.883  1.00 21.07 ? 1581 TYR A CE2 1 
ATOM   128  C  CZ  . TYR A 1 17  ? 2.503   -17.714 -10.488 1.00 21.44 ? 1581 TYR A CZ  1 
ATOM   129  O  OH  . TYR A 1 17  ? 1.565   -17.076 -9.711  1.00 22.99 ? 1581 TYR A OH  1 
ATOM   130  N  N   . GLU A 1 18  ? 7.714   -18.416 -11.069 1.00 22.27 ? 1582 GLU A N   1 
ATOM   131  C  CA  . GLU A 1 18  ? 8.067   -17.690 -9.849  1.00 22.75 ? 1582 GLU A CA  1 
ATOM   132  C  C   . GLU A 1 18  ? 8.905   -16.428 -10.053 1.00 22.60 ? 1582 GLU A C   1 
ATOM   133  O  O   . GLU A 1 18  ? 9.017   -15.601 -9.146  1.00 22.01 ? 1582 GLU A O   1 
ATOM   134  C  CB  . GLU A 1 18  ? 8.816   -18.614 -8.881  1.00 31.97 ? 1582 GLU A CB  1 
ATOM   135  C  CG  . GLU A 1 18  ? 7.980   -19.711 -8.224  1.00 32.28 ? 1582 GLU A CG  1 
ATOM   136  C  CD  . GLU A 1 18  ? 7.463   -20.745 -9.205  1.00 32.42 ? 1582 GLU A CD  1 
ATOM   137  O  OE1 . GLU A 1 18  ? 8.180   -21.061 -10.180 1.00 32.46 ? 1582 GLU A OE1 1 
ATOM   138  O  OE2 . GLU A 1 18  ? 6.343   -21.257 -8.991  1.00 32.58 ? 1582 GLU A OE2 1 
ATOM   139  N  N   . SER A 1 19  ? 9.501   -16.280 -11.230 1.00 21.77 ? 1583 SER A N   1 
ATOM   140  C  CA  . SER A 1 19  ? 10.332  -15.114 -11.507 1.00 20.89 ? 1583 SER A CA  1 
ATOM   141  C  C   . SER A 1 19  ? 9.490   -13.850 -11.676 1.00 20.18 ? 1583 SER A C   1 
ATOM   142  O  O   . SER A 1 19  ? 8.875   -13.641 -12.719 1.00 22.26 ? 1583 SER A O   1 
ATOM   143  C  CB  . SER A 1 19  ? 11.165  -15.358 -12.767 1.00 24.11 ? 1583 SER A CB  1 
ATOM   144  O  OG  . SER A 1 19  ? 12.065  -14.289 -13.001 1.00 24.67 ? 1583 SER A OG  1 
ATOM   145  N  N   . LYS A 1 20  ? 9.462   -13.007 -10.649 1.00 22.32 ? 1584 LYS A N   1 
ATOM   146  C  CA  . LYS A 1 20  ? 8.687   -11.773 -10.725 1.00 22.10 ? 1584 LYS A CA  1 
ATOM   147  C  C   . LYS A 1 20  ? 9.387   -10.721 -11.581 1.00 21.57 ? 1584 LYS A C   1 
ATOM   148  O  O   . LYS A 1 20  ? 10.545  -10.365 -11.343 1.00 14.16 ? 1584 LYS A O   1 
ATOM   149  C  CB  . LYS A 1 20  ? 8.404   -11.234 -9.321  1.00 29.95 ? 1584 LYS A CB  1 
ATOM   150  C  CG  . LYS A 1 20  ? 9.621   -11.083 -8.433  1.00 30.18 ? 1584 LYS A CG  1 
ATOM   151  C  CD  . LYS A 1 20  ? 9.249   -11.304 -6.966  1.00 30.28 ? 1584 LYS A CD  1 
ATOM   152  C  CE  . LYS A 1 20  ? 8.149   -10.360 -6.517  1.00 30.36 ? 1584 LYS A CE  1 
ATOM   153  N  NZ  . LYS A 1 20  ? 8.574   -8.939  -6.661  1.00 30.31 ? 1584 LYS A NZ  1 
ATOM   154  N  N   . MET A 1 21  ? 8.673   -10.240 -12.591 1.00 13.16 ? 1585 MET A N   1 
ATOM   155  C  CA  . MET A 1 21  ? 9.210   -9.242  -13.509 1.00 11.92 ? 1585 MET A CA  1 
ATOM   156  C  C   . MET A 1 21  ? 8.132   -8.225  -13.867 1.00 10.54 ? 1585 MET A C   1 
ATOM   157  O  O   . MET A 1 21  ? 6.954   -8.425  -13.571 1.00 10.85 ? 1585 MET A O   1 
ATOM   158  C  CB  . MET A 1 21  ? 9.694   -9.920  -14.802 1.00 11.66 ? 1585 MET A CB  1 
ATOM   159  C  CG  . MET A 1 21  ? 10.625  -11.112 -14.608 1.00 13.26 ? 1585 MET A CG  1 
ATOM   160  S  SD  . MET A 1 21  ? 11.183  -11.842 -16.171 1.00 15.07 ? 1585 MET A SD  1 
ATOM   161  C  CE  . MET A 1 21  ? 12.504  -10.681 -16.611 1.00 16.53 ? 1585 MET A CE  1 
ATOM   162  N  N   . MET A 1 22  ? 8.547   -7.124  -14.481 1.00 12.08 ? 1586 MET A N   1 
ATOM   163  C  CA  . MET A 1 22  ? 7.616   -6.101  -14.936 1.00 10.80 ? 1586 MET A CA  1 
ATOM   164  C  C   . MET A 1 22  ? 8.001   -5.769  -16.368 1.00 12.05 ? 1586 MET A C   1 
ATOM   165  O  O   . MET A 1 22  ? 9.183   -5.801  -16.732 1.00 11.82 ? 1586 MET A O   1 
ATOM   166  C  CB  . MET A 1 22  ? 7.660   -4.838  -14.068 1.00 17.16 ? 1586 MET A CB  1 
ATOM   167  C  CG  . MET A 1 22  ? 9.033   -4.294  -13.802 1.00 19.88 ? 1586 MET A CG  1 
ATOM   168  S  SD  . MET A 1 22  ? 9.721   -4.978  -12.288 1.00 20.08 ? 1586 MET A SD  1 
ATOM   169  C  CE  . MET A 1 22  ? 11.170  -3.948  -12.129 1.00 21.38 ? 1586 MET A CE  1 
ATOM   170  N  N   . GLN A 1 23  ? 6.998   -5.456  -17.176 1.00 9.05  ? 1587 GLN A N   1 
ATOM   171  C  CA  . GLN A 1 23  ? 7.213   -5.158  -18.582 1.00 9.09  ? 1587 GLN A CA  1 
ATOM   172  C  C   . GLN A 1 23  ? 7.321   -3.672  -18.909 1.00 9.75  ? 1587 GLN A C   1 
ATOM   173  O  O   . GLN A 1 23  ? 6.569   -2.844  -18.393 1.00 9.82  ? 1587 GLN A O   1 
ATOM   174  C  CB  . GLN A 1 23  ? 6.081   -5.775  -19.410 1.00 10.11 ? 1587 GLN A CB  1 
ATOM   175  C  CG  . GLN A 1 23  ? 6.243   -5.626  -20.914 1.00 9.17  ? 1587 GLN A CG  1 
ATOM   176  C  CD  . GLN A 1 23  ? 5.137   -6.337  -21.679 1.00 14.28 ? 1587 GLN A CD  1 
ATOM   177  O  OE1 . GLN A 1 23  ? 3.955   -6.172  -21.375 1.00 13.74 ? 1587 GLN A OE1 1 
ATOM   178  N  NE2 . GLN A 1 23  ? 5.518   -7.126  -22.680 1.00 11.18 ? 1587 GLN A NE2 1 
ATOM   179  N  N   . CYS A 1 24  ? 8.274   -3.344  -19.771 1.00 10.65 ? 1588 CYS A N   1 
ATOM   180  C  CA  . CYS A 1 24  ? 8.459   -1.967  -20.209 1.00 11.26 ? 1588 CYS A CA  1 
ATOM   181  C  C   . CYS A 1 24  ? 7.356   -1.673  -21.219 1.00 12.85 ? 1588 CYS A C   1 
ATOM   182  O  O   . CYS A 1 24  ? 7.193   -2.409  -22.196 1.00 13.98 ? 1588 CYS A O   1 
ATOM   183  C  CB  . CYS A 1 24  ? 9.815   -1.791  -20.888 1.00 10.49 ? 1588 CYS A CB  1 
ATOM   184  S  SG  . CYS A 1 24  ? 10.007  -0.168  -21.662 1.00 10.30 ? 1588 CYS A SG  1 
ATOM   185  N  N   . GLY A 1 25  ? 6.610   -0.597  -20.984 1.00 15.44 ? 1589 GLY A N   1 
ATOM   186  C  CA  . GLY A 1 25  ? 5.520   -0.238  -21.872 1.00 17.06 ? 1589 GLY A CA  1 
ATOM   187  C  C   . GLY A 1 25  ? 5.935   0.316   -23.221 1.00 20.03 ? 1589 GLY A C   1 
ATOM   188  O  O   . GLY A 1 25  ? 5.112   0.417   -24.130 1.00 20.88 ? 1589 GLY A O   1 
ATOM   189  N  N   . LYS A 1 26  ? 7.205   0.674   -23.368 1.00 18.66 ? 1590 LYS A N   1 
ATOM   190  C  CA  . LYS A 1 26  ? 7.668   1.215   -24.634 1.00 19.00 ? 1590 LYS A CA  1 
ATOM   191  C  C   . LYS A 1 26  ? 8.271   0.175   -25.573 1.00 18.47 ? 1590 LYS A C   1 
ATOM   192  O  O   . LYS A 1 26  ? 8.069   0.249   -26.786 1.00 18.57 ? 1590 LYS A O   1 
ATOM   193  C  CB  . LYS A 1 26  ? 8.679   2.338   -24.393 1.00 29.82 ? 1590 LYS A CB  1 
ATOM   194  C  CG  . LYS A 1 26  ? 8.093   3.534   -23.658 1.00 30.37 ? 1590 LYS A CG  1 
ATOM   195  C  CD  . LYS A 1 26  ? 9.027   4.734   -23.713 1.00 30.51 ? 1590 LYS A CD  1 
ATOM   196  C  CE  . LYS A 1 26  ? 8.469   5.899   -22.912 1.00 30.59 ? 1590 LYS A CE  1 
ATOM   197  N  NZ  . LYS A 1 26  ? 7.077   6.231   -23.322 1.00 30.70 ? 1590 LYS A NZ  1 
ATOM   198  N  N   . CYS A 1 27  ? 9.001   -0.795  -25.027 1.00 11.93 ? 1591 CYS A N   1 
ATOM   199  C  CA  . CYS A 1 27  ? 9.631   -1.808  -25.878 1.00 11.66 ? 1591 CYS A CA  1 
ATOM   200  C  C   . CYS A 1 27  ? 9.192   -3.249  -25.619 1.00 10.30 ? 1591 CYS A C   1 
ATOM   201  O  O   . CYS A 1 27  ? 9.677   -4.174  -26.269 1.00 10.41 ? 1591 CYS A O   1 
ATOM   202  C  CB  . CYS A 1 27  ? 11.155  -1.723  -25.748 1.00 14.57 ? 1591 CYS A CB  1 
ATOM   203  S  SG  . CYS A 1 27  ? 11.803  -2.394  -24.197 1.00 13.92 ? 1591 CYS A SG  1 
ATOM   204  N  N   . ASP A 1 28  ? 8.278   -3.432  -24.671 1.00 10.99 ? 1592 ASP A N   1 
ATOM   205  C  CA  . ASP A 1 28  ? 7.762   -4.754  -24.314 1.00 11.48 ? 1592 ASP A CA  1 
ATOM   206  C  C   . ASP A 1 28  ? 8.763   -5.740  -23.711 1.00 12.50 ? 1592 ASP A C   1 
ATOM   207  O  O   . ASP A 1 28  ? 8.434   -6.915  -23.525 1.00 14.48 ? 1592 ASP A O   1 
ATOM   208  C  CB  . ASP A 1 28  ? 7.067   -5.405  -25.520 1.00 13.23 ? 1592 ASP A CB  1 
ATOM   209  C  CG  . ASP A 1 28  ? 5.695   -4.813  -25.792 1.00 14.99 ? 1592 ASP A CG  1 
ATOM   210  O  OD1 . ASP A 1 28  ? 5.256   -3.944  -25.007 1.00 16.25 ? 1592 ASP A OD1 1 
ATOM   211  O  OD2 . ASP A 1 28  ? 5.050   -5.220  -26.785 1.00 14.16 ? 1592 ASP A OD2 1 
ATOM   212  N  N   . ARG A 1 29  ? 9.973   -5.279  -23.406 1.00 15.04 ? 1593 ARG A N   1 
ATOM   213  C  CA  . ARG A 1 29  ? 10.970  -6.153  -22.788 1.00 15.79 ? 1593 ARG A CA  1 
ATOM   214  C  C   . ARG A 1 29  ? 10.630  -6.282  -21.298 1.00 14.65 ? 1593 ARG A C   1 
ATOM   215  O  O   . ARG A 1 29  ? 9.970   -5.412  -20.732 1.00 8.74  ? 1593 ARG A O   1 
ATOM   216  C  CB  . ARG A 1 29  ? 12.380  -5.568  -22.932 1.00 34.50 ? 1593 ARG A CB  1 
ATOM   217  C  CG  . ARG A 1 29  ? 12.891  -5.440  -24.362 1.00 35.39 ? 1593 ARG A CG  1 
ATOM   218  C  CD  . ARG A 1 29  ? 12.892  -6.772  -25.096 1.00 35.63 ? 1593 ARG A CD  1 
ATOM   219  N  NE  . ARG A 1 29  ? 13.667  -6.708  -26.335 1.00 35.56 ? 1593 ARG A NE  1 
ATOM   220  C  CZ  . ARG A 1 29  ? 13.666  -7.653  -27.270 1.00 35.65 ? 1593 ARG A CZ  1 
ATOM   221  N  NH1 . ARG A 1 29  ? 14.407  -7.509  -28.360 1.00 35.58 ? 1593 ARG A NH1 1 
ATOM   222  N  NH2 . ARG A 1 29  ? 12.918  -8.737  -27.123 1.00 35.62 ? 1593 ARG A NH2 1 
ATOM   223  N  N   . TRP A 1 30  ? 11.089  -7.357  -20.667 1.00 7.83  ? 1594 TRP A N   1 
ATOM   224  C  CA  . TRP A 1 30  ? 10.820  -7.585  -19.248 1.00 6.50  ? 1594 TRP A CA  1 
ATOM   225  C  C   . TRP A 1 30  ? 12.054  -7.369  -18.381 1.00 8.70  ? 1594 TRP A C   1 
ATOM   226  O  O   . TRP A 1 30  ? 13.184  -7.573  -18.827 1.00 9.85  ? 1594 TRP A O   1 
ATOM   227  C  CB  . TRP A 1 30  ? 10.267  -8.996  -19.038 1.00 9.16  ? 1594 TRP A CB  1 
ATOM   228  C  CG  . TRP A 1 30  ? 8.917   -9.182  -19.660 1.00 10.26 ? 1594 TRP A CG  1 
ATOM   229  C  CD1 . TRP A 1 30  ? 8.638   -9.397  -20.985 1.00 13.42 ? 1594 TRP A CD1 1 
ATOM   230  C  CD2 . TRP A 1 30  ? 7.653   -9.110  -18.992 1.00 11.92 ? 1594 TRP A CD2 1 
ATOM   231  N  NE1 . TRP A 1 30  ? 7.276   -9.461  -21.178 1.00 9.14  ? 1594 TRP A NE1 1 
ATOM   232  C  CE2 . TRP A 1 30  ? 6.648   -9.289  -19.973 1.00 12.77 ? 1594 TRP A CE2 1 
ATOM   233  C  CE3 . TRP A 1 30  ? 7.269   -8.912  -17.659 1.00 10.95 ? 1594 TRP A CE3 1 
ATOM   234  C  CZ2 . TRP A 1 30  ? 5.286   -9.276  -19.660 1.00 13.72 ? 1594 TRP A CZ2 1 
ATOM   235  C  CZ3 . TRP A 1 30  ? 5.911   -8.898  -17.348 1.00 11.05 ? 1594 TRP A CZ3 1 
ATOM   236  C  CH2 . TRP A 1 30  ? 4.937   -9.079  -18.351 1.00 13.28 ? 1594 TRP A CH2 1 
ATOM   237  N  N   . VAL A 1 31  ? 11.819  -6.946  -17.141 1.00 9.48  ? 1595 VAL A N   1 
ATOM   238  C  CA  . VAL A 1 31  ? 12.885  -6.666  -16.183 1.00 9.93  ? 1595 VAL A CA  1 
ATOM   239  C  C   . VAL A 1 31  ? 12.598  -7.336  -14.839 1.00 10.48 ? 1595 VAL A C   1 
ATOM   240  O  O   . VAL A 1 31  ? 11.481  -7.262  -14.329 1.00 11.53 ? 1595 VAL A O   1 
ATOM   241  C  CB  . VAL A 1 31  ? 13.005  -5.139  -15.955 1.00 9.93  ? 1595 VAL A CB  1 
ATOM   242  C  CG1 . VAL A 1 31  ? 14.108  -4.833  -14.952 1.00 14.62 ? 1595 VAL A CG1 1 
ATOM   243  C  CG2 . VAL A 1 31  ? 13.261  -4.438  -17.283 1.00 10.68 ? 1595 VAL A CG2 1 
ATOM   244  N  N   . HIS A 1 32  ? 13.595  -7.981  -14.269 1.00 9.89  ? 1596 HIS A N   1 
ATOM   245  C  CA  . HIS A 1 32  ? 13.442  -8.555  -12.993 1.00 11.54 ? 1596 HIS A CA  1 
ATOM   246  C  C   . HIS A 1 32  ? 13.188  -7.549  -11.880 1.00 12.86 ? 1596 HIS A C   1 
ATOM   247  O  O   . HIS A 1 32  ? 13.787  -6.636  -11.819 1.00 14.70 ? 1596 HIS A O   1 
ATOM   248  C  CB  . HIS A 1 32  ? 14.511  -9.481  -12.524 1.00 14.24 ? 1596 HIS A CB  1 
ATOM   249  C  CG  . HIS A 1 32  ? 14.846  -10.601 -13.464 1.00 14.92 ? 1596 HIS A CG  1 
ATOM   250  N  ND1 . HIS A 1 32  ? 15.945  -10.597 -14.203 1.00 23.28 ? 1596 HIS A ND1 1 
ATOM   251  C  CD2 . HIS A 1 32  ? 14.353  -11.813 -13.636 1.00 16.31 ? 1596 HIS A CD2 1 
ATOM   252  C  CE1 . HIS A 1 32  ? 16.123  -11.689 -14.837 1.00 14.18 ? 1596 HIS A CE1 1 
ATOM   253  N  NE2 . HIS A 1 32  ? 15.157  -12.468 -14.515 1.00 19.98 ? 1596 HIS A NE2 1 
ATOM   254  N  N   . SER A 1 33  ? 12.259  -7.909  -10.998 1.00 9.35  ? 1597 SER A N   1 
ATOM   255  C  CA  . SER A 1 33  ? 11.967  -6.994  -9.908  1.00 15.44 ? 1597 SER A CA  1 
ATOM   256  C  C   . SER A 1 33  ? 13.230  -6.853  -9.061  1.00 14.71 ? 1597 SER A C   1 
ATOM   257  O  O   . SER A 1 33  ? 13.583  -5.757  -8.632  1.00 17.09 ? 1597 SER A O   1 
ATOM   258  C  CB  . SER A 1 33  ? 10.828  -7.547  -9.051  1.00 22.16 ? 1597 SER A CB  1 
ATOM   259  O  OG  . SER A 1 33  ? 10.533  -6.673  -7.980  1.00 33.17 ? 1597 SER A OG  1 
ATOM   260  N  N   . LYS A 1 34  ? 13.909  -7.977  -8.842  1.00 26.43 ? 1598 LYS A N   1 
ATOM   261  C  CA  . LYS A 1 34  ? 15.135  -8.020  -8.047  1.00 27.21 ? 1598 LYS A CA  1 
ATOM   262  C  C   . LYS A 1 34  ? 16.268  -7.153  -8.595  1.00 27.02 ? 1598 LYS A C   1 
ATOM   263  O  O   . LYS A 1 34  ? 17.143  -6.724  -7.841  1.00 27.10 ? 1598 LYS A O   1 
ATOM   264  C  CB  . LYS A 1 34  ? 15.630  -9.466  -7.930  1.00 35.57 ? 1598 LYS A CB  1 
ATOM   265  C  CG  . LYS A 1 34  ? 14.903  -10.308 -6.891  1.00 35.90 ? 1598 LYS A CG  1 
ATOM   266  C  CD  . LYS A 1 34  ? 15.540  -10.159 -5.517  1.00 36.01 ? 1598 LYS A CD  1 
ATOM   267  C  CE  . LYS A 1 34  ? 16.951  -10.739 -5.505  1.00 35.91 ? 1598 LYS A CE  1 
ATOM   268  N  NZ  . LYS A 1 34  ? 17.620  -10.595 -4.182  1.00 36.00 ? 1598 LYS A NZ  1 
ATOM   269  N  N   . CYS A 1 35  ? 16.254  -6.899  -9.900  1.00 20.64 ? 1599 CYS A N   1 
ATOM   270  C  CA  . CYS A 1 35  ? 17.303  -6.095  -10.526 1.00 22.18 ? 1599 CYS A CA  1 
ATOM   271  C  C   . CYS A 1 35  ? 17.007  -4.599  -10.502 1.00 21.76 ? 1599 CYS A C   1 
ATOM   272  O  O   . CYS A 1 35  ? 17.875  -3.785  -10.807 1.00 24.63 ? 1599 CYS A O   1 
ATOM   273  C  CB  . CYS A 1 35  ? 17.518  -6.557  -11.974 1.00 12.92 ? 1599 CYS A CB  1 
ATOM   274  S  SG  . CYS A 1 35  ? 17.986  -8.286  -12.079 1.00 18.23 ? 1599 CYS A SG  1 
ATOM   275  N  N   . GLU A 1 36  ? 15.829  -4.236  -10.090 1.00 15.88 ? 1600 GLU A N   1 
ATOM   276  C  CA  . GLU A 1 36  ? 15.423  -2.898  -10.050 1.00 12.73 ? 1600 GLU A CA  1 
ATOM   277  C  C   . GLU A 1 36  ? 15.327  -2.327  -8.553  1.00 13.36 ? 1600 GLU A C   1 
ATOM   278  O  O   . GLU A 1 36  ? 15.245  -2.989  -7.689  1.00 9.57  ? 1600 GLU A O   1 
ATOM   279  C  CB  . GLU A 1 36  ? 14.100  -2.774  -10.769 1.00 21.93 ? 1600 GLU A CB  1 
ATOM   280  C  CG  . GLU A 1 36  ? 13.520  -1.456  -11.068 1.00 19.92 ? 1600 GLU A CG  1 
ATOM   281  C  CD  . GLU A 1 36  ? 14.329  -0.543  -12.022 1.00 22.69 ? 1600 GLU A CD  1 
ATOM   282  O  OE1 . GLU A 1 36  ? 14.112  -0.514  -13.162 1.00 22.28 ? 1600 GLU A OE1 1 
ATOM   283  O  OE2 . GLU A 1 36  ? 15.045  0.247   -11.399 1.00 24.69 ? 1600 GLU A OE2 1 
ATOM   284  N  N   . ASN A 1 37  ? 15.302  -1.045  -8.447  1.00 14.01 ? 1601 ASN A N   1 
ATOM   285  C  CA  . ASN A 1 37  ? 15.149  -0.392  -7.148  1.00 14.98 ? 1601 ASN A CA  1 
ATOM   286  C  C   . ASN A 1 37  ? 13.725  -0.322  -6.769  1.00 16.86 ? 1601 ASN A C   1 
ATOM   287  O  O   . ASN A 1 37  ? 13.131  0.634   -7.019  1.00 20.35 ? 1601 ASN A O   1 
ATOM   288  C  CB  . ASN A 1 37  ? 15.835  0.972   -6.968  1.00 23.88 ? 1601 ASN A CB  1 
ATOM   289  C  CG  . ASN A 1 37  ? 17.315  0.888   -7.066  1.00 25.20 ? 1601 ASN A CG  1 
ATOM   290  O  OD1 . ASN A 1 37  ? 17.805  1.119   -8.063  1.00 33.27 ? 1601 ASN A OD1 1 
ATOM   291  N  ND2 . ASN A 1 37  ? 17.919  0.444   -6.094  1.00 21.48 ? 1601 ASN A ND2 1 
ATOM   292  N  N   . LEU A 1 38  ? 13.191  -1.393  -6.281  1.00 13.59 ? 1602 LEU A N   1 
ATOM   293  C  CA  . LEU A 1 38  ? 11.825  -1.605  -5.986  1.00 16.04 ? 1602 LEU A CA  1 
ATOM   294  C  C   . LEU A 1 38  ? 11.597  -2.621  -4.862  1.00 13.96 ? 1602 LEU A C   1 
ATOM   295  O  O   . LEU A 1 38  ? 12.133  -3.612  -4.888  1.00 14.05 ? 1602 LEU A O   1 
ATOM   296  C  CB  . LEU A 1 38  ? 11.178  -2.202  -7.250  1.00 23.20 ? 1602 LEU A CB  1 
ATOM   297  C  CG  . LEU A 1 38  ? 10.187  -1.587  -8.087  1.00 30.85 ? 1602 LEU A CG  1 
ATOM   298  C  CD1 . LEU A 1 38  ? 9.622   -2.633  -8.787  1.00 28.28 ? 1602 LEU A CD1 1 
ATOM   299  C  CD2 . LEU A 1 38  ? 9.334   -0.795  -7.535  1.00 29.55 ? 1602 LEU A CD2 1 
ATOM   300  N  N   . SER A 1 39  ? 10.724  -2.328  -3.920  1.00 10.43 ? 1603 SER A N   1 
ATOM   301  C  CA  . SER A 1 39  ? 10.469  -3.215  -2.798  1.00 10.11 ? 1603 SER A CA  1 
ATOM   302  C  C   . SER A 1 39  ? 9.383   -4.188  -3.225  1.00 9.04  ? 1603 SER A C   1 
ATOM   303  O  O   . SER A 1 39  ? 8.766   -4.009  -4.275  1.00 9.38  ? 1603 SER A O   1 
ATOM   304  C  CB  . SER A 1 39  ? 9.966   -2.413  -1.603  1.00 13.01 ? 1603 SER A CB  1 
ATOM   305  O  OG  . SER A 1 39  ? 8.717   -1.814  -1.915  1.00 12.36 ? 1603 SER A OG  1 
ATOM   306  N  N   . ASP A 1 40  ? 9.147   -5.210  -2.410  1.00 10.65 ? 1604 ASP A N   1 
ATOM   307  C  CA  . ASP A 1 40  ? 8.106   -6.177  -2.726  1.00 11.62 ? 1604 ASP A CA  1 
ATOM   308  C  C   . ASP A 1 40  ? 6.762   -5.463  -2.817  1.00 10.90 ? 1604 ASP A C   1 
ATOM   309  O  O   . ASP A 1 40  ? 5.951   -5.756  -3.696  1.00 8.74  ? 1604 ASP A O   1 
ATOM   310  C  CB  . ASP A 1 40  ? 8.028   -7.271  -1.660  1.00 18.20 ? 1604 ASP A CB  1 
ATOM   311  C  CG  . ASP A 1 40  ? 9.241   -8.184  -1.668  1.00 23.96 ? 1604 ASP A CG  1 
ATOM   312  O  OD1 . ASP A 1 40  ? 9.734   -8.510  -2.769  1.00 23.98 ? 1604 ASP A OD1 1 
ATOM   313  O  OD2 . ASP A 1 40  ? 9.691   -8.583  -0.575  1.00 33.43 ? 1604 ASP A OD2 1 
ATOM   314  N  N   . GLU A 1 41  ? 6.546   -4.565  -1.926  1.00 10.82 ? 1605 GLU A N   1 
ATOM   315  C  CA  . GLU A 1 41  ? 5.273   -3.855  -1.919  1.00 9.45  ? 1605 GLU A CA  1 
ATOM   316  C  C   . GLU A 1 41  ? 5.041   -3.040  -3.238  1.00 11.07 ? 1605 GLU A C   1 
ATOM   317  O  O   . GLU A 1 41  ? 4.095   -3.088  -3.771  1.00 10.26 ? 1605 GLU A O   1 
ATOM   318  C  CB  . GLU A 1 41  ? 5.076   -2.879  -0.777  1.00 8.83  ? 1605 GLU A CB  1 
ATOM   319  C  CG  . GLU A 1 41  ? 4.810   -3.390  0.457   1.00 10.53 ? 1605 GLU A CG  1 
ATOM   320  C  CD  . GLU A 1 41  ? 4.436   -2.305  1.582   1.00 9.31  ? 1605 GLU A CD  1 
ATOM   321  O  OE1 . GLU A 1 41  ? 4.300   -2.730  2.716   1.00 11.57 ? 1605 GLU A OE1 1 
ATOM   322  O  OE2 . GLU A 1 41  ? 4.370   -1.209  1.190   1.00 12.13 ? 1605 GLU A OE2 1 
ATOM   323  N  N   . MET A 1 42  ? 6.099   -2.283  -3.575  1.00 14.87 ? 1606 MET A N   1 
ATOM   324  C  CA  . MET A 1 42  ? 5.996   -1.431  -4.745  1.00 15.54 ? 1606 MET A CA  1 
ATOM   325  C  C   . MET A 1 42  ? 5.805   -2.248  -6.078  1.00 14.64 ? 1606 MET A C   1 
ATOM   326  O  O   . MET A 1 42  ? 5.153   -1.888  -6.920  1.00 5.12  ? 1606 MET A O   1 
ATOM   327  C  CB  . MET A 1 42  ? 7.164   -0.431  -4.878  1.00 17.07 ? 1606 MET A CB  1 
ATOM   328  C  CG  . MET A 1 42  ? 7.170   0.484   -3.862  1.00 17.05 ? 1606 MET A CG  1 
ATOM   329  S  SD  . MET A 1 42  ? 5.780   1.720   -3.904  1.00 17.32 ? 1606 MET A SD  1 
ATOM   330  C  CE  . MET A 1 42  ? 6.577   3.183   -3.509  1.00 17.45 ? 1606 MET A CE  1 
ATOM   331  N  N   . TYR A 1 43  ? 6.470   -3.390  -6.089  1.00 7.60  ? 1607 TYR A N   1 
ATOM   332  C  CA  . TYR A 1 43  ? 6.252   -4.323  -7.199  1.00 5.21  ? 1607 TYR A CA  1 
ATOM   333  C  C   . TYR A 1 43  ? 4.717   -4.752  -7.352  1.00 6.58  ? 1607 TYR A C   1 
ATOM   334  O  O   . TYR A 1 43  ? 4.206   -4.766  -8.301  1.00 8.01  ? 1607 TYR A O   1 
ATOM   335  C  CB  . TYR A 1 43  ? 7.144   -5.606  -7.087  1.00 4.62  ? 1607 TYR A CB  1 
ATOM   336  C  CG  . TYR A 1 43  ? 6.825   -6.633  -8.142  1.00 5.42  ? 1607 TYR A CG  1 
ATOM   337  C  CD1 . TYR A 1 43  ? 7.302   -6.524  -9.364  1.00 7.83  ? 1607 TYR A CD1 1 
ATOM   338  C  CD2 . TYR A 1 43  ? 6.031   -7.645  -7.894  1.00 7.10  ? 1607 TYR A CD2 1 
ATOM   339  C  CE1 . TYR A 1 43  ? 6.916   -7.358  -10.340 1.00 12.48 ? 1607 TYR A CE1 1 
ATOM   340  C  CE2 . TYR A 1 43  ? 5.694   -8.531  -8.879  1.00 8.63  ? 1607 TYR A CE2 1 
ATOM   341  C  CZ  . TYR A 1 43  ? 6.178   -8.367  -10.115 1.00 8.79  ? 1607 TYR A CZ  1 
ATOM   342  O  OH  . TYR A 1 43  ? 5.802   -9.202  -11.108 1.00 13.43 ? 1607 TYR A OH  1 
ATOM   343  N  N   . GLU A 1 44  ? 4.151   -5.061  -6.187  1.00 8.02  ? 1608 GLU A N   1 
ATOM   344  C  CA  . GLU A 1 44  ? 2.751   -5.482  -6.214  1.00 10.69 ? 1608 GLU A CA  1 
ATOM   345  C  C   . GLU A 1 44  ? 1.813   -4.330  -6.562  1.00 9.00  ? 1608 GLU A C   1 
ATOM   346  O  O   . GLU A 1 44  ? 0.780   -4.538  -7.203  1.00 10.78 ? 1608 GLU A O   1 
ATOM   347  C  CB  . GLU A 1 44  ? 2.340   -6.096  -4.872  1.00 10.11 ? 1608 GLU A CB  1 
ATOM   348  C  CG  . GLU A 1 44  ? 3.084   -7.374  -4.494  1.00 8.75  ? 1608 GLU A CG  1 
ATOM   349  C  CD  . GLU A 1 44  ? 2.995   -8.473  -5.541  1.00 10.25 ? 1608 GLU A CD  1 
ATOM   350  O  OE1 . GLU A 1 44  ? 2.063   -8.453  -6.380  1.00 13.81 ? 1608 GLU A OE1 1 
ATOM   351  O  OE2 . GLU A 1 44  ? 3.858   -9.375  -5.512  1.00 14.64 ? 1608 GLU A OE2 1 
ATOM   352  N  N   . ILE A 1 45  ? 2.164   -3.117  -6.136  1.00 7.86  ? 1609 ILE A N   1 
ATOM   353  C  CA  . ILE A 1 45  ? 1.348   -1.945  -6.445  1.00 10.42 ? 1609 ILE A CA  1 
ATOM   354  C  C   . ILE A 1 45  ? 1.404   -1.713  -7.954  1.00 11.19 ? 1609 ILE A C   1 
ATOM   355  O  O   . ILE A 1 45  ? 0.393   -1.428  -8.600  1.00 11.99 ? 1609 ILE A O   1 
ATOM   356  C  CB  . ILE A 1 45  ? 1.875   -0.690  -5.710  1.00 11.52 ? 1609 ILE A CB  1 
ATOM   357  C  CG1 . ILE A 1 45  ? 1.616   -0.837  -4.206  1.00 12.17 ? 1609 ILE A CG1 1 
ATOM   358  C  CG2 . ILE A 1 45  ? 1.200   0.566   -6.257  1.00 12.30 ? 1609 ILE A CG2 1 
ATOM   359  C  CD1 . ILE A 1 45  ? 2.152   0.318   -3.363  1.00 11.86 ? 1609 ILE A CD1 1 
ATOM   360  N  N   . LEU A 1 46  ? 2.602   -1.853  -8.510  1.00 11.58 ? 1610 LEU A N   1 
ATOM   361  C  CA  . LEU A 1 46  ? 2.815   -1.677  -9.937  1.00 12.85 ? 1610 LEU A CA  1 
ATOM   362  C  C   . LEU A 1 46  ? 2.083   -2.764  -10.718 1.00 13.08 ? 1610 LEU A C   1 
ATOM   363  O  O   . LEU A 1 46  ? 1.378   -2.480  -11.689 1.00 15.09 ? 1610 LEU A O   1 
ATOM   364  C  CB  . LEU A 1 46  ? 4.321   -1.721  -10.232 1.00 11.04 ? 1610 LEU A CB  1 
ATOM   365  C  CG  . LEU A 1 46  ? 4.854   -1.602  -11.664 1.00 13.94 ? 1610 LEU A CG  1 
ATOM   366  C  CD1 . LEU A 1 46  ? 6.354   -1.351  -11.605 1.00 15.20 ? 1610 LEU A CD1 1 
ATOM   367  C  CD2 . LEU A 1 46  ? 4.562   -2.867  -12.453 1.00 13.84 ? 1610 LEU A CD2 1 
ATOM   368  N  N   . SER A 1 47  ? 2.231   -4.010  -10.276 1.00 12.13 ? 1611 SER A N   1 
ATOM   369  C  CA  . SER A 1 47  ? 1.612   -5.143  -10.954 1.00 13.39 ? 1611 SER A CA  1 
ATOM   370  C  C   . SER A 1 47  ? 0.088   -5.170  -10.868 1.00 16.32 ? 1611 SER A C   1 
ATOM   371  O  O   . SER A 1 47  ? -0.570  -5.745  -11.737 1.00 17.15 ? 1611 SER A O   1 
ATOM   372  C  CB  . SER A 1 47  ? 2.189   -6.452  -10.408 1.00 12.95 ? 1611 SER A CB  1 
ATOM   373  O  OG  . SER A 1 47  ? 3.586   -6.511  -10.647 1.00 12.65 ? 1611 SER A OG  1 
ATOM   374  N  N   . ASN A 1 48  ? -0.471  -4.558  -9.827  1.00 14.69 ? 1612 ASN A N   1 
ATOM   375  C  CA  . ASN A 1 48  ? -1.921  -4.522  -9.657  1.00 17.82 ? 1612 ASN A CA  1 
ATOM   376  C  C   . ASN A 1 48  ? -2.575  -3.592  -10.684 1.00 19.19 ? 1612 ASN A C   1 
ATOM   377  O  O   . ASN A 1 48  ? -3.681  -3.854  -11.155 1.00 23.41 ? 1612 ASN A O   1 
ATOM   378  C  CB  . ASN A 1 48  ? -2.285  -4.054  -8.243  1.00 16.73 ? 1612 ASN A CB  1 
ATOM   379  C  CG  . ASN A 1 48  ? -3.786  -4.056  -7.997  1.00 17.08 ? 1612 ASN A CG  1 
ATOM   380  O  OD1 . ASN A 1 48  ? -4.440  -5.091  -8.108  1.00 21.05 ? 1612 ASN A OD1 1 
ATOM   381  N  ND2 . ASN A 1 48  ? -4.337  -2.893  -7.667  1.00 22.75 ? 1612 ASN A ND2 1 
ATOM   382  N  N   . LEU A 1 49  ? -1.888  -2.504  -11.023 1.00 18.75 ? 1613 LEU A N   1 
ATOM   383  C  CA  . LEU A 1 49  ? -2.404  -1.540  -11.992 1.00 19.01 ? 1613 LEU A CA  1 
ATOM   384  C  C   . LEU A 1 49  ? -1.229  -0.929  -12.753 1.00 18.88 ? 1613 LEU A C   1 
ATOM   385  O  O   . LEU A 1 49  ? -0.901  0.243   -12.585 1.00 15.76 ? 1613 LEU A O   1 
ATOM   386  C  CB  . LEU A 1 49  ? -3.191  -0.446  -11.265 1.00 31.79 ? 1613 LEU A CB  1 
ATOM   387  C  CG  . LEU A 1 49  ? -4.057  0.484   -12.118 1.00 32.34 ? 1613 LEU A CG  1 
ATOM   388  C  CD1 . LEU A 1 49  ? -5.090  -0.330  -12.884 1.00 32.36 ? 1613 LEU A CD1 1 
ATOM   389  C  CD2 . LEU A 1 49  ? -4.747  1.499   -11.218 1.00 32.40 ? 1613 LEU A CD2 1 
ATOM   390  N  N   . PRO A 1 50  ? -0.586  -1.727  -13.616 1.00 22.56 ? 1614 PRO A N   1 
ATOM   391  C  CA  . PRO A 1 50  ? 0.568   -1.311  -14.421 1.00 22.78 ? 1614 PRO A CA  1 
ATOM   392  C  C   . PRO A 1 50  ? 0.455   -0.030  -15.247 1.00 23.04 ? 1614 PRO A C   1 
ATOM   393  O  O   . PRO A 1 50  ? 1.416   0.737   -15.322 1.00 21.52 ? 1614 PRO A O   1 
ATOM   394  C  CB  . PRO A 1 50  ? 0.847   -2.542  -15.287 1.00 24.73 ? 1614 PRO A CB  1 
ATOM   395  C  CG  . PRO A 1 50  ? -0.493  -3.209  -15.384 1.00 24.93 ? 1614 PRO A CG  1 
ATOM   396  C  CD  . PRO A 1 50  ? -1.010  -3.089  -13.982 1.00 24.76 ? 1614 PRO A CD  1 
ATOM   397  N  N   . GLU A 1 51  ? -0.707  0.208   -15.760 1.00 25.22 ? 1615 GLU A N   1 
ATOM   398  C  CA  . GLU A 1 51  ? -0.856  1.425   -16.593 1.00 25.67 ? 1615 GLU A CA  1 
ATOM   399  C  C   . GLU A 1 51  ? -0.791  2.688   -15.915 1.00 25.71 ? 1615 GLU A C   1 
ATOM   400  O  O   . GLU A 1 51  ? -0.497  3.633   -16.491 1.00 31.35 ? 1615 GLU A O   1 
ATOM   401  C  CB  . GLU A 1 51  ? -1.899  1.285   -17.600 1.00 38.85 ? 1615 GLU A CB  1 
ATOM   402  C  CG  . GLU A 1 51  ? -3.156  0.896   -17.176 1.00 39.22 ? 1615 GLU A CG  1 
ATOM   403  C  CD  . GLU A 1 51  ? -3.376  -0.607  -16.954 1.00 39.43 ? 1615 GLU A CD  1 
ATOM   404  O  OE1 . GLU A 1 51  ? -3.061  -1.026  -15.825 1.00 39.45 ? 1615 GLU A OE1 1 
ATOM   405  O  OE2 . GLU A 1 51  ? -3.990  -1.243  -17.889 1.00 39.58 ? 1615 GLU A OE2 1 
ATOM   406  N  N   . SER A 1 52  ? -0.956  2.663   -14.601 1.00 26.20 ? 1616 SER A N   1 
ATOM   407  C  CA  . SER A 1 52  ? -0.898  3.864   -13.774 1.00 26.10 ? 1616 SER A CA  1 
ATOM   408  C  C   . SER A 1 52  ? 0.542   4.310   -13.540 1.00 25.99 ? 1616 SER A C   1 
ATOM   409  O  O   . SER A 1 52  ? 0.804   5.488   -13.304 1.00 31.29 ? 1616 SER A O   1 
ATOM   410  C  CB  . SER A 1 52  ? -1.572  3.617   -12.425 1.00 30.15 ? 1616 SER A CB  1 
ATOM   411  O  OG  . SER A 1 52  ? -2.961  3.403   -12.584 1.00 30.37 ? 1616 SER A OG  1 
ATOM   412  N  N   . VAL A 1 53  ? 1.467   3.356   -13.606 1.00 19.93 ? 1617 VAL A N   1 
ATOM   413  C  CA  . VAL A 1 53  ? 2.886   3.636   -13.397 1.00 18.19 ? 1617 VAL A CA  1 
ATOM   414  C  C   . VAL A 1 53  ? 3.623   3.805   -14.726 1.00 18.44 ? 1617 VAL A C   1 
ATOM   415  O  O   . VAL A 1 53  ? 4.534   4.627   -14.837 1.00 15.57 ? 1617 VAL A O   1 
ATOM   416  C  CB  . VAL A 1 53  ? 3.552   2.495   -12.592 1.00 24.77 ? 1617 VAL A CB  1 
ATOM   417  C  CG1 . VAL A 1 53  ? 5.053   2.721   -12.487 1.00 20.08 ? 1617 VAL A CG1 1 
ATOM   418  C  CG2 . VAL A 1 53  ? 2.933   2.419   -11.203 1.00 27.07 ? 1617 VAL A CG2 1 
ATOM   419  N  N   . ALA A 1 54  ? 3.219   3.027   -15.726 1.00 19.58 ? 1618 ALA A N   1 
ATOM   420  C  CA  . ALA A 1 54  ? 3.840   3.074   -17.048 1.00 20.04 ? 1618 ALA A CA  1 
ATOM   421  C  C   . ALA A 1 54  ? 5.346   2.868   -16.931 1.00 18.96 ? 1618 ALA A C   1 
ATOM   422  O  O   . ALA A 1 54  ? 6.141   3.713   -17.350 1.00 20.60 ? 1618 ALA A O   1 
ATOM   423  C  CB  . ALA A 1 54  ? 3.541   4.409   -17.725 1.00 22.55 ? 1618 ALA A CB  1 
ATOM   424  N  N   . TYR A 1 55  ? 5.734   1.734   -16.356 1.00 16.12 ? 1619 TYR A N   1 
ATOM   425  C  CA  . TYR A 1 55  ? 7.143   1.410   -16.183 1.00 13.94 ? 1619 TYR A CA  1 
ATOM   426  C  C   . TYR A 1 55  ? 7.884   1.459   -17.517 1.00 13.89 ? 1619 TYR A C   1 
ATOM   427  O  O   . TYR A 1 55  ? 7.345   1.079   -18.560 1.00 13.70 ? 1619 TYR A O   1 
ATOM   428  C  CB  . TYR A 1 55  ? 7.297   0.006   -15.580 1.00 15.24 ? 1619 TYR A CB  1 
ATOM   429  C  CG  . TYR A 1 55  ? 8.736   -0.462  -15.467 1.00 13.57 ? 1619 TYR A CG  1 
ATOM   430  C  CD1 . TYR A 1 55  ? 9.582   0.047   -14.481 1.00 14.71 ? 1619 TYR A CD1 1 
ATOM   431  C  CD2 . TYR A 1 55  ? 9.263   -1.379  -16.373 1.00 12.07 ? 1619 TYR A CD2 1 
ATOM   432  C  CE1 . TYR A 1 55  ? 10.924  -0.345  -14.402 1.00 14.16 ? 1619 TYR A CE1 1 
ATOM   433  C  CE2 . TYR A 1 55  ? 10.605  -1.776  -16.307 1.00 11.44 ? 1619 TYR A CE2 1 
ATOM   434  C  CZ  . TYR A 1 55  ? 11.426  -1.253  -15.320 1.00 12.70 ? 1619 TYR A CZ  1 
ATOM   435  O  OH  . TYR A 1 55  ? 12.746  -1.627  -15.263 1.00 15.62 ? 1619 TYR A OH  1 
ATOM   436  N  N   . THR A 1 56  ? 9.118   1.948   -17.473 1.00 9.77  ? 1620 THR A N   1 
ATOM   437  C  CA  . THR A 1 56  ? 9.965   2.008   -18.654 1.00 11.81 ? 1620 THR A CA  1 
ATOM   438  C  C   . THR A 1 56  ? 11.326  1.475   -18.242 1.00 12.36 ? 1620 THR A C   1 
ATOM   439  O  O   . THR A 1 56  ? 11.816  1.799   -17.160 1.00 11.60 ? 1620 THR A O   1 
ATOM   440  C  CB  . THR A 1 56  ? 10.117  3.453   -19.192 1.00 17.16 ? 1620 THR A CB  1 
ATOM   441  O  OG1 . THR A 1 56  ? 10.651  4.306   -18.169 1.00 17.82 ? 1620 THR A OG1 1 
ATOM   442  C  CG2 . THR A 1 56  ? 8.771   3.984   -19.646 1.00 17.42 ? 1620 THR A CG2 1 
ATOM   443  N  N   . CYS A 1 57  ? 11.934  0.652   -19.092 1.00 11.15 ? 1621 CYS A N   1 
ATOM   444  C  CA  . CYS A 1 57  ? 13.238  0.084   -18.772 1.00 10.17 ? 1621 CYS A CA  1 
ATOM   445  C  C   . CYS A 1 57  ? 14.349  1.107   -18.973 1.00 11.55 ? 1621 CYS A C   1 
ATOM   446  O  O   . CYS A 1 57  ? 14.118  2.203   -19.488 1.00 12.74 ? 1621 CYS A O   1 
ATOM   447  C  CB  . CYS A 1 57  ? 13.523  -1.152  -19.628 1.00 10.07 ? 1621 CYS A CB  1 
ATOM   448  S  SG  . CYS A 1 57  ? 13.967  -0.787  -21.344 1.00 13.33 ? 1621 CYS A SG  1 
ATOM   449  N  N   . VAL A 1 58  ? 15.557  0.740   -18.567 1.00 13.47 ? 1622 VAL A N   1 
ATOM   450  C  CA  . VAL A 1 58  ? 16.701  1.635   -18.682 1.00 16.16 ? 1622 VAL A CA  1 
ATOM   451  C  C   . VAL A 1 58  ? 16.946  2.137   -20.105 1.00 17.15 ? 1622 VAL A C   1 
ATOM   452  O  O   . VAL A 1 58  ? 17.386  3.270   -20.297 1.00 19.94 ? 1622 VAL A O   1 
ATOM   453  C  CB  . VAL A 1 58  ? 17.983  0.954   -18.157 1.00 19.26 ? 1622 VAL A CB  1 
ATOM   454  C  CG1 . VAL A 1 58  ? 18.300  -0.280  -18.993 1.00 21.52 ? 1622 VAL A CG1 1 
ATOM   455  C  CG2 . VAL A 1 58  ? 19.141  1.942   -18.177 1.00 25.36 ? 1622 VAL A CG2 1 
ATOM   456  N  N   . ASN A 1 59  ? 16.657  1.305   -21.100 1.00 19.46 ? 1623 ASN A N   1 
ATOM   457  C  CA  . ASN A 1 59  ? 16.869  1.688   -22.495 1.00 21.62 ? 1623 ASN A CA  1 
ATOM   458  C  C   . ASN A 1 59  ? 15.804  2.629   -23.047 1.00 22.42 ? 1623 ASN A C   1 
ATOM   459  O  O   . ASN A 1 59  ? 16.006  3.263   -24.083 1.00 26.65 ? 1623 ASN A O   1 
ATOM   460  C  CB  . ASN A 1 59  ? 16.939  0.444   -23.385 1.00 23.49 ? 1623 ASN A CB  1 
ATOM   461  C  CG  . ASN A 1 59  ? 18.115  -0.445  -23.048 1.00 27.19 ? 1623 ASN A CG  1 
ATOM   462  O  OD1 . ASN A 1 59  ? 19.255  0.017   -22.976 1.00 32.96 ? 1623 ASN A OD1 1 
ATOM   463  N  ND2 . ASN A 1 59  ? 17.848  -1.730  -22.842 1.00 29.95 ? 1623 ASN A ND2 1 
ATOM   464  N  N   . CYS A 1 60  ? 14.675  2.727   -22.355 1.00 15.82 ? 1624 CYS A N   1 
ATOM   465  C  CA  . CYS A 1 60  ? 13.588  3.576   -22.812 1.00 16.40 ? 1624 CYS A CA  1 
ATOM   466  C  C   . CYS A 1 60  ? 13.322  4.758   -21.892 1.00 17.82 ? 1624 CYS A C   1 
ATOM   467  O  O   . CYS A 1 60  ? 12.459  5.591   -22.176 1.00 20.61 ? 1624 CYS A O   1 
ATOM   468  C  CB  . CYS A 1 60  ? 12.312  2.746   -22.959 1.00 15.01 ? 1624 CYS A CB  1 
ATOM   469  S  SG  . CYS A 1 60  ? 12.448  1.418   -24.183 1.00 14.64 ? 1624 CYS A SG  1 
ATOM   470  N  N   . THR A 1 61  ? 14.090  4.860   -20.883 1.00 20.43 ? 1625 THR A N   1 
ATOM   471  C  CA  . THR A 1 61  ? 13.912  5.940   -19.938 1.00 21.96 ? 1625 THR A CA  1 
ATOM   472  C  C   . THR A 1 61  ? 14.803  7.125   -20.303 1.00 22.47 ? 1625 THR A C   1 
ATOM   473  O  O   . THR A 1 61  ? 15.887  7.083   -20.292 1.00 24.33 ? 1625 THR A O   1 
ATOM   474  C  CB  . THR A 1 61  ? 14.210  5.440   -18.481 1.00 24.11 ? 1625 THR A CB  1 
ATOM   475  O  OG1 . THR A 1 61  ? 13.290  4.420   -18.134 1.00 22.33 ? 1625 THR A OG1 1 
ATOM   476  C  CG2 . THR A 1 61  ? 14.021  6.534   -17.502 1.00 25.42 ? 1625 THR A CG2 1 
ATOM   477  N  N   . GLU A 1 62  ? 14.086  8.144   -20.462 1.00 27.94 ? 1626 GLU A N   1 
ATOM   478  C  CA  . GLU A 1 62  ? 14.402  9.455   -20.894 1.00 28.32 ? 1626 GLU A CA  1 
ATOM   479  C  C   . GLU A 1 62  ? 15.083  10.409  -19.786 1.00 28.08 ? 1626 GLU A C   1 
ATOM   480  O  O   . GLU A 1 62  ? 16.083  10.892  -19.914 1.00 28.08 ? 1626 GLU A O   1 
ATOM   481  C  CB  . GLU A 1 62  ? 12.969  10.010  -21.211 1.00 34.67 ? 1626 GLU A CB  1 
ATOM   482  C  CG  . GLU A 1 62  ? 12.006  9.042   -20.322 1.00 34.78 ? 1626 GLU A CG  1 
ATOM   483  C  CD  . GLU A 1 62  ? 11.248  9.566   -19.264 1.00 34.93 ? 1626 GLU A CD  1 
ATOM   484  O  OE1 . GLU A 1 62  ? 11.084  8.984   -18.142 1.00 34.60 ? 1626 GLU A OE1 1 
ATOM   485  O  OE2 . GLU A 1 62  ? 10.661  10.589  -19.763 1.00 35.26 ? 1626 GLU A OE2 1 
ATOM   486  N  N   . ARG A 1 63  ? 14.406  10.537  -18.734 1.00 26.54 ? 1627 ARG A N   1 
ATOM   487  C  CA  . ARG A 1 63  ? 14.725  11.491  -17.750 1.00 26.88 ? 1627 ARG A CA  1 
ATOM   488  C  C   . ARG A 1 63  ? 15.154  10.784  -16.458 1.00 26.63 ? 1627 ARG A C   1 
ATOM   489  O  O   . ARG A 1 63  ? 14.772  9.780   -16.219 1.00 29.86 ? 1627 ARG A O   1 
ATOM   490  C  CB  . ARG A 1 63  ? 13.483  12.316  -17.443 1.00 35.43 ? 1627 ARG A CB  1 
ATOM   491  C  CG  . ARG A 1 63  ? 12.768  12.835  -18.549 1.00 35.78 ? 1627 ARG A CG  1 
ATOM   492  C  CD  . ARG A 1 63  ? 11.725  13.939  -18.273 1.00 35.95 ? 1627 ARG A CD  1 
ATOM   493  N  NE  . ARG A 1 63  ? 11.359  14.740  -19.472 1.00 36.05 ? 1627 ARG A NE  1 
ATOM   494  C  CZ  . ARG A 1 63  ? 11.346  16.104  -19.536 1.00 35.93 ? 1627 ARG A CZ  1 
ATOM   495  N  NH1 . ARG A 1 63  ? 11.690  16.764  -18.534 1.00 35.90 ? 1627 ARG A NH1 1 
ATOM   496  N  NH2 . ARG A 1 63  ? 10.977  16.771  -20.547 1.00 36.00 ? 1627 ARG A NH2 1 
ATOM   497  N  N   . HIS A 1 64  ? 15.879  11.458  -15.601 1.00 23.18 ? 1628 HIS A N   1 
ATOM   498  C  CA  . HIS A 1 64  ? 16.091  11.018  -14.295 1.00 23.46 ? 1628 HIS A CA  1 
ATOM   499  C  C   . HIS A 1 64  ? 15.867  12.106  -13.312 1.00 24.37 ? 1628 HIS A C   1 
ATOM   500  O  O   . HIS A 1 64  ? 16.329  13.223  -13.498 1.00 30.80 ? 1628 HIS A O   1 
ATOM   501  C  CB  . HIS A 1 64  ? 17.475  10.405  -14.143 1.00 34.33 ? 1628 HIS A CB  1 
ATOM   502  C  CG  . HIS A 1 64  ? 17.754  9.254   -15.103 1.00 34.65 ? 1628 HIS A CG  1 
ATOM   503  N  ND1 . HIS A 1 64  ? 18.560  9.356   -16.206 1.00 34.83 ? 1628 HIS A ND1 1 
ATOM   504  C  CD2 . HIS A 1 64  ? 17.194  8.018   -15.197 1.00 34.79 ? 1628 HIS A CD2 1 
ATOM   505  C  CE1 . HIS A 1 64  ? 18.603  8.231   -16.843 1.00 34.81 ? 1628 HIS A CE1 1 
ATOM   506  N  NE2 . HIS A 1 64  ? 17.779  7.406   -16.262 1.00 34.86 ? 1628 HIS A NE2 1 
ATOM   507  N  N   . PRO A 1 65  ? 15.057  11.832  -12.319 1.00 33.97 ? 1629 PRO A N   1 
ATOM   508  C  CA  . PRO A 1 65  ? 14.577  10.480  -12.044 1.00 33.24 ? 1629 PRO A CA  1 
ATOM   509  C  C   . PRO A 1 65  ? 13.453  10.094  -12.997 1.00 31.70 ? 1629 PRO A C   1 
ATOM   510  O  O   . PRO A 1 65  ? 12.748  10.835  -13.501 1.00 30.98 ? 1629 PRO A O   1 
ATOM   511  C  CB  . PRO A 1 65  ? 14.010  10.622  -10.688 1.00 36.90 ? 1629 PRO A CB  1 
ATOM   512  C  CG  . PRO A 1 65  ? 13.321  11.915  -10.830 1.00 38.14 ? 1629 PRO A CG  1 
ATOM   513  C  CD  . PRO A 1 65  ? 14.427  12.764  -11.388 1.00 37.07 ? 1629 PRO A CD  1 
ATOM   514  N  N   . ALA A 1 66  ? 13.302  8.825   -13.182 1.00 26.02 ? 1630 ALA A N   1 
ATOM   515  C  CA  . ALA A 1 66  ? 12.348  8.326   -14.073 1.00 23.52 ? 1630 ALA A CA  1 
ATOM   516  C  C   . ALA A 1 66  ? 10.922  8.632   -13.835 1.00 21.81 ? 1630 ALA A C   1 
ATOM   517  O  O   . ALA A 1 66  ? 10.466  8.516   -12.773 1.00 20.75 ? 1630 ALA A O   1 
ATOM   518  C  CB  . ALA A 1 66  ? 12.505  6.982   -14.156 1.00 27.78 ? 1630 ALA A CB  1 
ATOM   519  N  N   . GLU A 1 67  ? 10.185  8.893   -14.904 1.00 24.17 ? 1631 GLU A N   1 
ATOM   520  C  CA  . GLU A 1 67  ? 8.774   9.240   -14.768 1.00 24.34 ? 1631 GLU A CA  1 
ATOM   521  C  C   . GLU A 1 67  ? 7.952   8.160   -14.068 1.00 23.99 ? 1631 GLU A C   1 
ATOM   522  O  O   . GLU A 1 67  ? 7.060   8.469   -13.276 1.00 22.85 ? 1631 GLU A O   1 
ATOM   523  C  CB  . GLU A 1 67  ? 8.164   9.529   -16.148 1.00 33.84 ? 1631 GLU A CB  1 
ATOM   524  C  CG  . GLU A 1 67  ? 6.642   9.391   -16.208 1.00 34.34 ? 1631 GLU A CG  1 
ATOM   525  C  CD  . GLU A 1 67  ? 6.180   7.953   -16.436 1.00 34.52 ? 1631 GLU A CD  1 
ATOM   526  O  OE1 . GLU A 1 67  ? 5.106   7.580   -15.909 1.00 34.55 ? 1631 GLU A OE1 1 
ATOM   527  O  OE2 . GLU A 1 67  ? 6.881   7.198   -17.152 1.00 34.51 ? 1631 GLU A OE2 1 
ATOM   528  N  N   . TRP A 1 68  ? 8.245   6.895   -14.356 1.00 15.99 ? 1632 TRP A N   1 
ATOM   529  C  CA  . TRP A 1 68  ? 7.489   5.811   -13.741 1.00 14.11 ? 1632 TRP A CA  1 
ATOM   530  C  C   . TRP A 1 68  ? 7.672   5.761   -12.230 1.00 14.97 ? 1632 TRP A C   1 
ATOM   531  O  O   . TRP A 1 68  ? 6.739   5.419   -11.508 1.00 14.46 ? 1632 TRP A O   1 
ATOM   532  C  CB  . TRP A 1 68  ? 7.869   4.451   -14.348 1.00 14.92 ? 1632 TRP A CB  1 
ATOM   533  C  CG  . TRP A 1 68  ? 9.240   3.950   -13.987 1.00 14.08 ? 1632 TRP A CG  1 
ATOM   534  C  CD1 . TRP A 1 68  ? 10.380  4.060   -14.735 1.00 11.47 ? 1632 TRP A CD1 1 
ATOM   535  C  CD2 . TRP A 1 68  ? 9.610   3.242   -12.800 1.00 14.95 ? 1632 TRP A CD2 1 
ATOM   536  N  NE1 . TRP A 1 68  ? 11.432  3.461   -14.090 1.00 11.82 ? 1632 TRP A NE1 1 
ATOM   537  C  CE2 . TRP A 1 68  ? 10.989  2.951   -12.898 1.00 13.57 ? 1632 TRP A CE2 1 
ATOM   538  C  CE3 . TRP A 1 68  ? 8.909   2.825   -11.657 1.00 16.38 ? 1632 TRP A CE3 1 
ATOM   539  C  CZ2 . TRP A 1 68  ? 11.685  2.261   -11.897 1.00 17.39 ? 1632 TRP A CZ2 1 
ATOM   540  C  CZ3 . TRP A 1 68  ? 9.604   2.136   -10.661 1.00 17.32 ? 1632 TRP A CZ3 1 
ATOM   541  C  CH2 . TRP A 1 68  ? 10.977  1.863   -10.791 1.00 16.13 ? 1632 TRP A CH2 1 
ATOM   542  N  N   . ARG A 1 69  ? 8.841   6.116   -11.733 1.00 17.92 ? 1633 ARG A N   1 
ATOM   543  C  CA  . ARG A 1 69  ? 9.137   6.127   -10.347 1.00 18.59 ? 1633 ARG A CA  1 
ATOM   544  C  C   . ARG A 1 69  ? 8.318   7.190   -9.586  1.00 18.30 ? 1633 ARG A C   1 
ATOM   545  O  O   . ARG A 1 69  ? 7.740   6.975   -8.634  1.00 14.71 ? 1633 ARG A O   1 
ATOM   546  C  CB  . ARG A 1 69  ? 10.605  6.299   -10.010 1.00 35.62 ? 1633 ARG A CB  1 
ATOM   547  C  CG  . ARG A 1 69  ? 10.953  5.698   -8.535  1.00 36.29 ? 1633 ARG A CG  1 
ATOM   548  C  CD  . ARG A 1 69  ? 12.367  5.441   -8.164  1.00 36.53 ? 1633 ARG A CD  1 
ATOM   549  N  NE  . ARG A 1 69  ? 12.905  4.116   -8.477  1.00 36.59 ? 1633 ARG A NE  1 
ATOM   550  C  CZ  . ARG A 1 69  ? 13.571  3.896   -9.567  1.00 36.53 ? 1633 ARG A CZ  1 
ATOM   551  N  NH1 . ARG A 1 69  ? 13.742  4.901   -10.364 1.00 36.47 ? 1633 ARG A NH1 1 
ATOM   552  N  NH2 . ARG A 1 69  ? 14.085  2.693   -9.828  1.00 36.55 ? 1633 ARG A NH2 1 
ATOM   553  N  N   . LEU A 1 70  ? 8.221   8.323   -10.235 1.00 18.74 ? 1634 LEU A N   1 
ATOM   554  C  CA  . LEU A 1 70  ? 7.440   9.419   -9.674  1.00 20.78 ? 1634 LEU A CA  1 
ATOM   555  C  C   . LEU A 1 70  ? 5.964   9.036   -9.666  1.00 18.35 ? 1634 LEU A C   1 
ATOM   556  O  O   . LEU A 1 70  ? 5.240   9.329   -8.712  1.00 20.26 ? 1634 LEU A O   1 
ATOM   557  C  CB  . LEU A 1 70  ? 7.641   10.686  -10.506 1.00 26.78 ? 1634 LEU A CB  1 
ATOM   558  C  CG  . LEU A 1 70  ? 9.073   11.225  -10.539 1.00 31.91 ? 1634 LEU A CG  1 
ATOM   559  C  CD1 . LEU A 1 70  ? 9.167   12.386  -11.519 1.00 34.82 ? 1634 LEU A CD1 1 
ATOM   560  C  CD2 . LEU A 1 70  ? 9.487   11.661  -9.138  1.00 37.10 ? 1634 LEU A CD2 1 
ATOM   561  N  N   . ALA A 1 71  ? 5.529   8.370   -10.729 1.00 18.81 ? 1635 ALA A N   1 
ATOM   562  C  CA  . ALA A 1 71  ? 4.140   7.946   -10.862 1.00 16.28 ? 1635 ALA A CA  1 
ATOM   563  C  C   . ALA A 1 71  ? 3.759   6.910   -9.813  1.00 15.16 ? 1635 ALA A C   1 
ATOM   564  O  O   . ALA A 1 71  ? 2.665   6.956   -9.249  1.00 16.82 ? 1635 ALA A O   1 
ATOM   565  C  CB  . ALA A 1 71  ? 3.905   7.381   -12.257 1.00 22.40 ? 1635 ALA A CB  1 
ATOM   566  N  N   . LEU A 1 72  ? 4.664   5.972   -9.558  1.00 14.73 ? 1636 LEU A N   1 
ATOM   567  C  CA  . LEU A 1 72  ? 4.422   4.916   -8.580  1.00 14.13 ? 1636 LEU A CA  1 
ATOM   568  C  C   . LEU A 1 72  ? 4.395   5.464   -7.152  1.00 15.48 ? 1636 LEU A C   1 
ATOM   569  O  O   . LEU A 1 72  ? 3.567   5.054   -6.337  1.00 13.99 ? 1636 LEU A O   1 
ATOM   570  C  CB  . LEU A 1 72  ? 5.500   3.836   -8.708  1.00 16.00 ? 1636 LEU A CB  1 
ATOM   571  C  CG  . LEU A 1 72  ? 5.401   2.605   -7.806  1.00 16.37 ? 1636 LEU A CG  1 
ATOM   572  C  CD1 . LEU A 1 72  ? 4.030   1.957   -7.931  1.00 17.55 ? 1636 LEU A CD1 1 
ATOM   573  C  CD2 . LEU A 1 72  ? 6.493   1.626   -8.198  1.00 15.06 ? 1636 LEU A CD2 1 
ATOM   574  N  N   . GLU A 1 73  ? 5.276   6.402   -6.875  1.00 15.12 ? 1637 GLU A N   1 
ATOM   575  C  CA  . GLU A 1 73  ? 5.336   7.054   -5.559  1.00 16.70 ? 1637 GLU A CA  1 
ATOM   576  C  C   . GLU A 1 73  ? 4.035   7.807   -5.329  1.00 17.69 ? 1637 GLU A C   1 
ATOM   577  O  O   . GLU A 1 73  ? 3.467   7.800   -4.278  1.00 17.56 ? 1637 GLU A O   1 
ATOM   578  C  CB  . GLU A 1 73  ? 6.547   7.990   -5.423  1.00 19.37 ? 1637 GLU A CB  1 
ATOM   579  C  CG  . GLU A 1 73  ? 7.793   7.230   -5.427  1.00 26.17 ? 1637 GLU A CG  1 
ATOM   580  C  CD  . GLU A 1 73  ? 9.129   7.976   -5.645  1.00 37.21 ? 1637 GLU A CD  1 
ATOM   581  O  OE1 . GLU A 1 73  ? 9.277   8.730   -6.537  1.00 43.40 ? 1637 GLU A OE1 1 
ATOM   582  O  OE2 . GLU A 1 73  ? 10.034  7.820   -4.939  1.00 42.68 ? 1637 GLU A OE2 1 
ATOM   583  N  N   . LYS A 1 74  ? 3.598   8.421   -6.356  1.00 19.73 ? 1638 LYS A N   1 
ATOM   584  C  CA  . LYS A 1 74  ? 2.374   9.206   -6.277  1.00 20.30 ? 1638 LYS A CA  1 
ATOM   585  C  C   . LYS A 1 74  ? 1.171   8.292   -6.070  1.00 20.05 ? 1638 LYS A C   1 
ATOM   586  O  O   . LYS A 1 74  ? 0.279   8.589   -5.271  1.00 14.77 ? 1638 LYS A O   1 
ATOM   587  C  CB  . LYS A 1 74  ? 2.183   10.020  -7.560  1.00 32.64 ? 1638 LYS A CB  1 
ATOM   588  C  CG  . LYS A 1 74  ? 0.874   10.795  -7.612  1.00 33.10 ? 1638 LYS A CG  1 
ATOM   589  C  CD  . LYS A 1 74  ? 0.677   11.479  -8.957  1.00 33.30 ? 1638 LYS A CD  1 
ATOM   590  C  CE  . LYS A 1 74  ? 1.705   12.574  -9.186  1.00 33.28 ? 1638 LYS A CE  1 
ATOM   591  N  NZ  . LYS A 1 74  ? 1.589   13.653  -8.169  1.00 33.49 ? 1638 LYS A NZ  1 
ATOM   592  N  N   . GLU A 1 75  ? 1.163   7.198   -6.771  1.00 18.79 ? 1639 GLU A N   1 
ATOM   593  C  CA  . GLU A 1 75  ? 0.088   6.267   -6.626  1.00 18.87 ? 1639 GLU A CA  1 
ATOM   594  C  C   . GLU A 1 75  ? -0.076  5.745   -5.173  1.00 18.10 ? 1639 GLU A C   1 
ATOM   595  O  O   . GLU A 1 75  ? -1.122  5.577   -4.739  1.00 11.65 ? 1639 GLU A O   1 
ATOM   596  C  CB  . GLU A 1 75  ? 0.214   5.081   -7.583  1.00 31.87 ? 1639 GLU A CB  1 
ATOM   597  C  CG  . GLU A 1 75  ? -0.958  4.246   -7.352  1.00 32.40 ? 1639 GLU A CG  1 
ATOM   598  C  CD  . GLU A 1 75  ? -0.987  3.088   -8.125  1.00 32.63 ? 1639 GLU A CD  1 
ATOM   599  O  OE1 . GLU A 1 75  ? -1.980  2.321   -8.112  1.00 32.66 ? 1639 GLU A OE1 1 
ATOM   600  O  OE2 . GLU A 1 75  ? -0.006  2.927   -8.699  1.00 32.66 ? 1639 GLU A OE2 1 
ATOM   601  N  N   . LEU A 1 76  ? 1.044   5.483   -4.569  1.00 12.29 ? 1640 LEU A N   1 
ATOM   602  C  CA  . LEU A 1 76  ? 1.038   5.013   -3.186  1.00 11.01 ? 1640 LEU A CA  1 
ATOM   603  C  C   . LEU A 1 76  ? 0.374   6.060   -2.296  1.00 10.61 ? 1640 LEU A C   1 
ATOM   604  O  O   . LEU A 1 76  ? -0.500  5.735   -1.491  1.00 11.06 ? 1640 LEU A O   1 
ATOM   605  C  CB  . LEU A 1 76  ? 2.464   4.760   -2.683  1.00 13.10 ? 1640 LEU A CB  1 
ATOM   606  C  CG  . LEU A 1 76  ? 2.605   4.542   -1.168  1.00 14.67 ? 1640 LEU A CG  1 
ATOM   607  C  CD1 . LEU A 1 76  ? 1.802   3.322   -0.726  1.00 15.10 ? 1640 LEU A CD1 1 
ATOM   608  C  CD2 . LEU A 1 76  ? 4.075   4.371   -0.812  1.00 17.42 ? 1640 LEU A CD2 1 
ATOM   609  N  N   . GLN A 1 77  ? 0.784   7.318   -2.448  1.00 9.04  ? 1641 GLN A N   1 
ATOM   610  C  CA  . GLN A 1 77  ? 0.213   8.394   -1.636  1.00 11.41 ? 1641 GLN A CA  1 
ATOM   611  C  C   . GLN A 1 77  ? -1.291  8.576   -1.847  1.00 11.30 ? 1641 GLN A C   1 
ATOM   612  O  O   . GLN A 1 77  ? -2.038  8.770   -0.888  1.00 12.34 ? 1641 GLN A O   1 
ATOM   613  C  CB  . GLN A 1 77  ? 0.930   9.722   -1.912  1.00 14.35 ? 1641 GLN A CB  1 
ATOM   614  C  CG  . GLN A 1 77  ? 2.394   9.750   -1.477  1.00 14.39 ? 1641 GLN A CG  1 
ATOM   615  C  CD  . GLN A 1 77  ? 2.590   9.304   -0.039  1.00 16.29 ? 1641 GLN A CD  1 
ATOM   616  O  OE1 . GLN A 1 77  ? 1.923   9.792   0.871   1.00 16.89 ? 1641 GLN A OE1 1 
ATOM   617  N  NE2 . GLN A 1 77  ? 3.516   8.376   0.174   1.00 14.60 ? 1641 GLN A NE2 1 
ATOM   618  N  N   . ILE A 1 78  ? -1.732  8.524   -3.097  1.00 11.84 ? 1642 ILE A N   1 
ATOM   619  C  CA  . ILE A 1 78  ? -3.153  8.679   -3.402  1.00 13.82 ? 1642 ILE A CA  1 
ATOM   620  C  C   . ILE A 1 78  ? -3.954  7.519   -2.814  1.00 13.31 ? 1642 ILE A C   1 
ATOM   621  O  O   . ILE A 1 78  ? -5.062  7.707   -2.307  1.00 11.80 ? 1642 ILE A O   1 
ATOM   622  C  CB  . ILE A 1 78  ? -3.393  8.729   -4.926  1.00 21.14 ? 1642 ILE A CB  1 
ATOM   623  C  CG1 . ILE A 1 78  ? -2.685  9.949   -5.525  1.00 22.02 ? 1642 ILE A CG1 1 
ATOM   624  C  CG2 . ILE A 1 78  ? -4.889  8.775   -5.219  1.00 25.05 ? 1642 ILE A CG2 1 
ATOM   625  C  CD1 . ILE A 1 78  ? -3.160  11.280  -4.972  1.00 29.02 ? 1642 ILE A CD1 1 
ATOM   626  N  N   . SER A 1 79  ? -3.384  6.321   -2.885  1.00 12.08 ? 1643 SER A N   1 
ATOM   627  C  CA  . SER A 1 79  ? -4.040  5.129   -2.356  1.00 12.02 ? 1643 SER A CA  1 
ATOM   628  C  C   . SER A 1 79  ? -4.173  5.184   -0.837  1.00 10.59 ? 1643 SER A C   1 
ATOM   629  O  O   . SER A 1 79  ? -5.229  4.864   -0.290  1.00 12.26 ? 1643 SER A O   1 
ATOM   630  C  CB  . SER A 1 79  ? -3.266  3.880   -2.772  1.00 15.00 ? 1643 SER A CB  1 
ATOM   631  O  OG  . SER A 1 79  ? -3.345  3.697   -4.176  1.00 16.66 ? 1643 SER A OG  1 
ATOM   632  N  N   . LEU A 1 80  ? -3.108  5.591   -0.154  1.00 10.34 ? 1644 LEU A N   1 
ATOM   633  C  CA  . LEU A 1 80  ? -3.152  5.700   1.299   1.00 9.48  ? 1644 LEU A CA  1 
ATOM   634  C  C   . LEU A 1 80  ? -4.224  6.718   1.675   1.00 11.02 ? 1644 LEU A C   1 
ATOM   635  O  O   . LEU A 1 80  ? -5.037  6.480   2.570   1.00 10.70 ? 1644 LEU A O   1 
ATOM   636  C  CB  . LEU A 1 80  ? -1.794  6.151   1.855   1.00 11.31 ? 1644 LEU A CB  1 
ATOM   637  C  CG  . LEU A 1 80  ? -0.611  5.190   1.683   1.00 9.19  ? 1644 LEU A CG  1 
ATOM   638  C  CD1 . LEU A 1 80  ? 0.672   5.851   2.182   1.00 12.96 ? 1644 LEU A CD1 1 
ATOM   639  C  CD2 . LEU A 1 80  ? -0.874  3.908   2.460   1.00 12.69 ? 1644 LEU A CD2 1 
ATOM   640  N  N   . LYS A 1 81  ? -4.239  7.799   0.963   1.00 17.16 ? 1645 LYS A N   1 
ATOM   641  C  CA  . LYS A 1 81  ? -5.210  8.847   1.251   1.00 17.93 ? 1645 LYS A CA  1 
ATOM   642  C  C   . LYS A 1 81  ? -6.650  8.361   1.017   1.00 17.60 ? 1645 LYS A C   1 
ATOM   643  O  O   . LYS A 1 81  ? -7.494  8.743   1.641   1.00 12.82 ? 1645 LYS A O   1 
ATOM   644  C  CB  . LYS A 1 81  ? -4.866  10.114  0.451   1.00 28.56 ? 1645 LYS A CB  1 
ATOM   645  C  CG  . LYS A 1 81  ? -5.774  11.314  0.628   1.00 29.02 ? 1645 LYS A CG  1 
ATOM   646  C  CD  . LYS A 1 81  ? -5.166  12.588  -0.123  1.00 29.18 ? 1645 LYS A CD  1 
ATOM   647  C  CE  . LYS A 1 81  ? -5.289  13.824  0.682   1.00 29.21 ? 1645 LYS A CE  1 
ATOM   648  N  NZ  . LYS A 1 81  ? -6.704  13.967  0.615   1.00 29.33 ? 1645 LYS A NZ  1 
ATOM   649  N  N   . GLN A 1 82  ? -6.843  7.575   0.031   1.00 13.59 ? 1646 GLN A N   1 
ATOM   650  C  CA  . GLN A 1 82  ? -8.183  7.065   -0.253  1.00 15.71 ? 1646 GLN A CA  1 
ATOM   651  C  C   . GLN A 1 82  ? -8.710  6.262   0.934   1.00 14.19 ? 1646 GLN A C   1 
ATOM   652  O  O   . GLN A 1 82  ? -9.882  6.371   1.305   1.00 15.17 ? 1646 GLN A O   1 
ATOM   653  C  CB  . GLN A 1 82  ? -8.165  6.185   -1.504  1.00 19.25 ? 1646 GLN A CB  1 
ATOM   654  C  CG  . GLN A 1 82  ? -9.546  5.909   -2.079  1.00 24.27 ? 1646 GLN A CG  1 
ATOM   655  C  CD  . GLN A 1 82  ? -9.506  4.987   -3.280  1.00 30.02 ? 1646 GLN A CD  1 
ATOM   656  O  OE1 . GLN A 1 82  ? -8.653  5.129   -4.156  1.00 34.76 ? 1646 GLN A OE1 1 
ATOM   657  N  NE2 . GLN A 1 82  ? -10.437 4.041   -3.334  1.00 37.69 ? 1646 GLN A NE2 1 
ATOM   658  N  N   . VAL A 1 83  ? -7.844  5.457   1.537   1.00 11.54 ? 1647 VAL A N   1 
ATOM   659  C  CA  . VAL A 1 83  ? -8.249  4.654   2.685   1.00 11.52 ? 1647 VAL A CA  1 
ATOM   660  C  C   . VAL A 1 83  ? -8.540  5.535   3.899   1.00 12.72 ? 1647 VAL A C   1 
ATOM   661  O  O   . VAL A 1 83  ? -9.582  5.401   4.535   1.00 15.29 ? 1647 VAL A O   1 
ATOM   662  C  CB  . VAL A 1 83  ? -7.162  3.622   3.066   1.00 11.51 ? 1647 VAL A CB  1 
ATOM   663  C  CG1 . VAL A 1 83  ? -7.540  2.926   4.367   1.00 11.21 ? 1647 VAL A CG1 1 
ATOM   664  C  CG2 . VAL A 1 83  ? -7.009  2.590   1.952   1.00 8.47  ? 1647 VAL A CG2 1 
ATOM   665  N  N   . LEU A 1 84  ? -7.623  6.442   4.219   1.00 11.81 ? 1648 LEU A N   1 
ATOM   666  C  CA  . LEU A 1 84  ? -7.821  7.309   5.375   1.00 13.42 ? 1648 LEU A CA  1 
ATOM   667  C  C   . LEU A 1 84  ? -9.061  8.183   5.219   1.00 14.56 ? 1648 LEU A C   1 
ATOM   668  O  O   . LEU A 1 84  ? -9.826  8.355   6.168   1.00 15.72 ? 1648 LEU A O   1 
ATOM   669  C  CB  . LEU A 1 84  ? -6.596  8.196   5.609   1.00 13.02 ? 1648 LEU A CB  1 
ATOM   670  C  CG  . LEU A 1 84  ? -6.687  9.053   6.879   1.00 15.35 ? 1648 LEU A CG  1 
ATOM   671  C  CD1 . LEU A 1 84  ? -6.836  8.145   8.099   1.00 12.88 ? 1648 LEU A CD1 1 
ATOM   672  C  CD2 . LEU A 1 84  ? -5.450  9.934   7.008   1.00 17.47 ? 1648 LEU A CD2 1 
ATOM   673  N  N   . THR A 1 85  ? -9.261  8.730   4.024   1.00 15.72 ? 1649 THR A N   1 
ATOM   674  C  CA  . THR A 1 85  ? -10.421 9.580   3.776   1.00 16.15 ? 1649 THR A CA  1 
ATOM   675  C  C   . THR A 1 85  ? -11.718 8.815   4.020   1.00 17.85 ? 1649 THR A C   1 
ATOM   676  O  O   . THR A 1 85  ? -12.656 9.346   4.612   1.00 18.77 ? 1649 THR A O   1 
ATOM   677  C  CB  . THR A 1 85  ? -10.420 10.130  2.335   1.00 19.75 ? 1649 THR A CB  1 
ATOM   678  O  OG1 . THR A 1 85  ? -9.236  10.908  2.123   1.00 21.20 ? 1649 THR A OG1 1 
ATOM   679  C  CG2 . THR A 1 85  ? -11.637 11.018  2.100   1.00 22.39 ? 1649 THR A CG2 1 
ATOM   680  N  N   . ALA A 1 86  ? -11.763 7.565   3.574   1.00 18.47 ? 1650 ALA A N   1 
ATOM   681  C  CA  . ALA A 1 86  ? -12.951 6.740   3.758   1.00 20.11 ? 1650 ALA A CA  1 
ATOM   682  C  C   . ALA A 1 86  ? -13.238 6.525   5.238   1.00 20.69 ? 1650 ALA A C   1 
ATOM   683  O  O   . ALA A 1 86  ? -14.399 6.538   5.658   1.00 21.57 ? 1650 ALA A O   1 
ATOM   684  C  CB  . ALA A 1 86  ? -12.771 5.394   3.060   1.00 19.59 ? 1650 ALA A CB  1 
ATOM   685  N  N   . LEU A 1 87  ? -12.187 6.327   6.031   1.00 14.50 ? 1651 LEU A N   1 
ATOM   686  C  CA  . LEU A 1 87  ? -12.361 6.102   7.461   1.00 13.35 ? 1651 LEU A CA  1 
ATOM   687  C  C   . LEU A 1 87  ? -12.856 7.366   8.147   1.00 15.38 ? 1651 LEU A C   1 
ATOM   688  O  O   . LEU A 1 87  ? -13.775 7.321   8.962   1.00 16.67 ? 1651 LEU A O   1 
ATOM   689  C  CB  . LEU A 1 87  ? -11.044 5.671   8.120   1.00 15.85 ? 1651 LEU A CB  1 
ATOM   690  C  CG  . LEU A 1 87  ? -10.349 4.399   7.628   1.00 16.06 ? 1651 LEU A CG  1 
ATOM   691  C  CD1 . LEU A 1 87  ? -9.105  4.158   8.468   1.00 14.73 ? 1651 LEU A CD1 1 
ATOM   692  C  CD2 . LEU A 1 87  ? -11.293 3.208   7.728   1.00 18.21 ? 1651 LEU A CD2 1 
ATOM   693  N  N   . LEU A 1 88  ? -12.236 8.492   7.813   1.00 16.97 ? 1652 LEU A N   1 
ATOM   694  C  CA  . LEU A 1 88  ? -12.602 9.768   8.414   1.00 18.57 ? 1652 LEU A CA  1 
ATOM   695  C  C   . LEU A 1 88  ? -13.985 10.247  8.001   1.00 19.62 ? 1652 LEU A C   1 
ATOM   696  O  O   . LEU A 1 88  ? -14.610 11.025  8.721   1.00 22.81 ? 1652 LEU A O   1 
ATOM   697  C  CB  . LEU A 1 88  ? -11.560 10.835  8.068   1.00 20.53 ? 1652 LEU A CB  1 
ATOM   698  C  CG  . LEU A 1 88  ? -10.147 10.569  8.602   1.00 18.21 ? 1652 LEU A CG  1 
ATOM   699  C  CD1 . LEU A 1 88  ? -9.216  11.698  8.187   1.00 22.00 ? 1652 LEU A CD1 1 
ATOM   700  C  CD2 . LEU A 1 88  ? -10.185 10.437  10.115  1.00 23.95 ? 1652 LEU A CD2 1 
ATOM   701  N  N   . ASN A 1 89  ? -14.438 9.796   6.898   1.00 20.63 ? 1653 ASN A N   1 
ATOM   702  C  CA  . ASN A 1 89  ? -15.758 10.182  6.444   1.00 23.34 ? 1653 ASN A CA  1 
ATOM   703  C  C   . ASN A 1 89  ? -16.859 9.398   7.085   1.00 23.39 ? 1653 ASN A C   1 
ATOM   704  O  O   . ASN A 1 89  ? -17.928 9.732   6.934   1.00 22.30 ? 1653 ASN A O   1 
ATOM   705  C  CB  . ASN A 1 89  ? -15.898 10.245  4.929   1.00 32.83 ? 1653 ASN A CB  1 
ATOM   706  C  CG  . ASN A 1 89  ? -15.161 11.473  4.268   1.00 34.31 ? 1653 ASN A CG  1 
ATOM   707  O  OD1 . ASN A 1 89  ? -14.882 12.379  4.852   1.00 42.12 ? 1653 ASN A OD1 1 
ATOM   708  N  ND2 . ASN A 1 89  ? -14.925 11.397  3.064   1.00 37.43 ? 1653 ASN A ND2 1 
ATOM   709  N  N   . SER A 1 90  ? -16.520 8.443   7.899   1.00 22.68 ? 1654 SER A N   1 
ATOM   710  C  CA  . SER A 1 90  ? -17.487 7.681   8.684   1.00 22.99 ? 1654 SER A CA  1 
ATOM   711  C  C   . SER A 1 90  ? -17.601 8.312   10.061  1.00 22.92 ? 1654 SER A C   1 
ATOM   712  O  O   . SER A 1 90  ? -16.630 8.349   10.816  1.00 22.43 ? 1654 SER A O   1 
ATOM   713  C  CB  . SER A 1 90  ? -17.046 6.227   8.843   1.00 26.44 ? 1654 SER A CB  1 
ATOM   714  O  OG  . SER A 1 90  ? -17.780 5.601   9.887   1.00 24.63 ? 1654 SER A OG  1 
ATOM   715  N  N   . ARG A 1 91  ? -18.823 8.789   10.433  1.00 25.16 ? 1655 ARG A N   1 
ATOM   716  C  CA  . ARG A 1 91  ? -18.963 9.381   11.699  1.00 25.39 ? 1655 ARG A CA  1 
ATOM   717  C  C   . ARG A 1 91  ? -18.613 8.489   12.812  1.00 24.93 ? 1655 ARG A C   1 
ATOM   718  O  O   . ARG A 1 91  ? -18.103 8.892   13.641  1.00 25.92 ? 1655 ARG A O   1 
ATOM   719  C  CB  . ARG A 1 91  ? -20.410 9.914   11.913  1.00 42.54 ? 1655 ARG A CB  1 
ATOM   720  C  CG  . ARG A 1 91  ? -20.708 10.780  10.862  1.00 42.97 ? 1655 ARG A CG  1 
ATOM   721  C  CD  . ARG A 1 91  ? -22.216 11.349  10.766  1.00 43.20 ? 1655 ARG A CD  1 
ATOM   722  N  NE  . ARG A 1 91  ? -22.886 12.014  11.853  1.00 43.28 ? 1655 ARG A NE  1 
ATOM   723  C  CZ  . ARG A 1 91  ? -23.674 11.510  12.784  1.00 43.25 ? 1655 ARG A CZ  1 
ATOM   724  N  NH1 . ARG A 1 91  ? -23.692 10.219  13.048  1.00 43.18 ? 1655 ARG A NH1 1 
ATOM   725  N  NH2 . ARG A 1 91  ? -24.354 12.331  13.555  1.00 43.28 ? 1655 ARG A NH2 1 
ATOM   726  N  N   . THR A 1 92  ? -19.118 7.305   12.815  1.00 20.55 ? 1656 THR A N   1 
ATOM   727  C  CA  . THR A 1 92  ? -18.854 6.372   13.904  1.00 22.08 ? 1656 THR A CA  1 
ATOM   728  C  C   . THR A 1 92  ? -17.381 6.000   14.027  1.00 20.03 ? 1656 THR A C   1 
ATOM   729  O  O   . THR A 1 92  ? -16.837 5.946   15.133  1.00 19.81 ? 1656 THR A O   1 
ATOM   730  C  CB  . THR A 1 92  ? -19.689 5.098   13.732  1.00 24.89 ? 1656 THR A CB  1 
ATOM   731  O  OG1 . THR A 1 92  ? -21.077 5.451   13.677  1.00 30.12 ? 1656 THR A OG1 1 
ATOM   732  C  CG2 . THR A 1 92  ? -19.460 4.145   14.894  1.00 30.46 ? 1656 THR A CG2 1 
ATOM   733  N  N   . THR A 1 93  ? -16.740 5.732   12.896  1.00 18.90 ? 1657 THR A N   1 
ATOM   734  C  CA  . THR A 1 93  ? -15.325 5.384   12.902  1.00 17.21 ? 1657 THR A CA  1 
ATOM   735  C  C   . THR A 1 93  ? -14.527 6.597   13.376  1.00 16.77 ? 1657 THR A C   1 
ATOM   736  O  O   . THR A 1 93  ? -13.652 6.480   14.229  1.00 15.74 ? 1657 THR A O   1 
ATOM   737  C  CB  . THR A 1 93  ? -14.839 4.989   11.497  1.00 23.35 ? 1657 THR A CB  1 
ATOM   738  O  OG1 . THR A 1 93  ? -15.538 3.817   11.058  1.00 26.07 ? 1657 THR A OG1 1 
ATOM   739  C  CG2 . THR A 1 93  ? -13.344 4.707   11.511  1.00 23.67 ? 1657 THR A CG2 1 
ATOM   740  N  N   . SER A 1 94  ? -14.843 7.764   12.824  1.00 17.80 ? 1658 SER A N   1 
ATOM   741  C  CA  . SER A 1 94  ? -14.145 8.991   13.197  1.00 19.39 ? 1658 SER A CA  1 
ATOM   742  C  C   . SER A 1 94  ? -14.349 9.290   14.678  1.00 19.01 ? 1658 SER A C   1 
ATOM   743  O  O   . SER A 1 94  ? -13.396 9.573   15.401  1.00 18.75 ? 1658 SER A O   1 
ATOM   744  C  CB  . SER A 1 94  ? -14.646 10.165  12.350  1.00 24.14 ? 1658 SER A CB  1 
ATOM   745  O  OG  . SER A 1 94  ? -13.914 11.342  12.639  1.00 31.76 ? 1658 SER A OG  1 
ATOM   746  N  N   . HIS A 1 95  ? -15.588 9.212   15.148  1.00 24.59 ? 1659 HIS A N   1 
ATOM   747  C  CA  . HIS A 1 95  ? -15.915 9.364   16.561  1.00 24.94 ? 1659 HIS A CA  1 
ATOM   748  C  C   . HIS A 1 95  ? -15.081 8.558   17.503  1.00 24.74 ? 1659 HIS A C   1 
ATOM   749  O  O   . HIS A 1 95  ? -14.603 8.949   18.445  1.00 24.28 ? 1659 HIS A O   1 
ATOM   750  C  CB  . HIS A 1 95  ? -17.360 9.008   16.841  1.00 33.77 ? 1659 HIS A CB  1 
ATOM   751  C  CG  . HIS A 1 95  ? -17.699 9.178   18.276  1.00 34.05 ? 1659 HIS A CG  1 
ATOM   752  N  ND1 . HIS A 1 95  ? -17.513 8.209   19.233  1.00 34.30 ? 1659 HIS A ND1 1 
ATOM   753  C  CD2 . HIS A 1 95  ? -18.112 10.263  18.933  1.00 34.11 ? 1659 HIS A CD2 1 
ATOM   754  C  CE1 . HIS A 1 95  ? -17.819 8.692   20.402  1.00 34.10 ? 1659 HIS A CE1 1 
ATOM   755  N  NE2 . HIS A 1 95  ? -18.226 9.912   20.234  1.00 34.21 ? 1659 HIS A NE2 1 
ATOM   756  N  N   . LEU A 1 96  ? -14.924 7.341   17.099  1.00 20.73 ? 1660 LEU A N   1 
ATOM   757  C  CA  . LEU A 1 96  ? -14.174 6.403   17.923  1.00 19.11 ? 1660 LEU A CA  1 
ATOM   758  C  C   . LEU A 1 96  ? -12.657 6.479   17.771  1.00 19.70 ? 1660 LEU A C   1 
ATOM   759  O  O   . LEU A 1 96  ? -11.926 6.265   18.739  1.00 19.55 ? 1660 LEU A O   1 
ATOM   760  C  CB  . LEU A 1 96  ? -14.630 4.971   17.616  1.00 20.98 ? 1660 LEU A CB  1 
ATOM   761  C  CG  . LEU A 1 96  ? -14.000 3.836   18.431  1.00 22.89 ? 1660 LEU A CG  1 
ATOM   762  C  CD1 . LEU A 1 96  ? -14.504 3.887   19.869  1.00 21.88 ? 1660 LEU A CD1 1 
ATOM   763  C  CD2 . LEU A 1 96  ? -14.356 2.500   17.798  1.00 23.77 ? 1660 LEU A CD2 1 
ATOM   764  N  N   . LEU A 1 97  ? -12.182 6.808   16.573  1.00 18.68 ? 1661 LEU A N   1 
ATOM   765  C  CA  . LEU A 1 97  ? -10.741 6.818   16.327  1.00 18.96 ? 1661 LEU A CA  1 
ATOM   766  C  C   . LEU A 1 97  ? -10.000 8.103   15.938  1.00 18.01 ? 1661 LEU A C   1 
ATOM   767  O  O   . LEU A 1 97  ? -8.778  8.149   16.064  1.00 19.07 ? 1661 LEU A O   1 
ATOM   768  C  CB  . LEU A 1 97  ? -10.420 5.773   15.256  1.00 16.64 ? 1661 LEU A CB  1 
ATOM   769  C  CG  . LEU A 1 97  ? -11.053 4.383   15.359  1.00 17.78 ? 1661 LEU A CG  1 
ATOM   770  C  CD1 . LEU A 1 97  ? -10.785 3.623   14.066  1.00 16.53 ? 1661 LEU A CD1 1 
ATOM   771  C  CD2 . LEU A 1 97  ? -10.496 3.636   16.555  1.00 19.47 ? 1661 LEU A CD2 1 
ATOM   772  N  N   . ARG A 1 98  ? -10.691 9.134   15.462  1.00 20.55 ? 1662 ARG A N   1 
ATOM   773  C  CA  . ARG A 1 98  ? -9.967  10.333  15.034  1.00 20.22 ? 1662 ARG A CA  1 
ATOM   774  C  C   . ARG A 1 98  ? -9.167  11.053  16.113  1.00 22.73 ? 1662 ARG A C   1 
ATOM   775  O  O   . ARG A 1 98  ? -8.005  11.400  15.892  1.00 20.08 ? 1662 ARG A O   1 
ATOM   776  C  CB  . ARG A 1 98  ? -10.902 11.327  14.335  1.00 22.27 ? 1662 ARG A CB  1 
ATOM   777  C  CG  . ARG A 1 98  ? -10.143 12.500  13.701  1.00 21.70 ? 1662 ARG A CG  1 
ATOM   778  C  CD  . ARG A 1 98  ? -10.927 13.193  12.595  1.00 29.06 ? 1662 ARG A CD  1 
ATOM   779  N  NE  . ARG A 1 98  ? -10.119 14.227  11.948  1.00 24.56 ? 1662 ARG A NE  1 
ATOM   780  C  CZ  . ARG A 1 98  ? -10.441 14.834  10.809  1.00 25.58 ? 1662 ARG A CZ  1 
ATOM   781  N  NH1 . ARG A 1 98  ? -11.561 14.517  10.174  1.00 26.46 ? 1662 ARG A NH1 1 
ATOM   782  N  NH2 . ARG A 1 98  ? -9.639  15.763  10.304  1.00 27.44 ? 1662 ARG A NH2 1 
ATOM   783  N  N   . TYR A 1 99  ? -9.777  11.271  17.275  1.00 24.01 ? 1663 TYR A N   1 
ATOM   784  C  CA  . TYR A 1 99  ? -9.107  11.964  18.371  1.00 27.00 ? 1663 TYR A CA  1 
ATOM   785  C  C   . TYR A 1 99  ? -9.070  11.101  19.634  1.00 28.64 ? 1663 TYR A C   1 
ATOM   786  O  O   . TYR A 1 99  ? -10.109 10.679  20.136  1.00 29.79 ? 1663 TYR A O   1 
ATOM   787  C  CB  . TYR A 1 99  ? -9.830  13.283  18.657  1.00 25.75 ? 1663 TYR A CB  1 
ATOM   788  C  CG  . TYR A 1 99  ? -9.974  14.174  17.443  1.00 26.51 ? 1663 TYR A CG  1 
ATOM   789  C  CD1 . TYR A 1 99  ? -8.896  14.919  16.963  1.00 24.43 ? 1663 TYR A CD1 1 
ATOM   790  C  CD2 . TYR A 1 99  ? -11.188 14.261  16.763  1.00 23.31 ? 1663 TYR A CD2 1 
ATOM   791  C  CE1 . TYR A 1 99  ? -9.024  15.728  15.836  1.00 25.26 ? 1663 TYR A CE1 1 
ATOM   792  C  CE2 . TYR A 1 99  ? -11.328 15.067  15.636  1.00 26.79 ? 1663 TYR A CE2 1 
ATOM   793  C  CZ  . TYR A 1 99  ? -10.242 15.797  15.179  1.00 27.25 ? 1663 TYR A CZ  1 
ATOM   794  O  OH  . TYR A 1 99  ? -10.373 16.590  14.063  1.00 32.05 ? 1663 TYR A OH  1 
ATOM   795  N  N   . ARG A 1 100 ? -7.927  10.874  20.175  1.00 30.92 ? 1664 ARG A N   1 
ATOM   796  C  CA  . ARG A 1 100 ? -7.698  10.092  21.392  1.00 31.13 ? 1664 ARG A CA  1 
ATOM   797  C  C   . ARG A 1 100 ? -8.078  10.802  22.651  1.00 31.10 ? 1664 ARG A C   1 
ATOM   798  O  O   . ARG A 1 100 ? -8.341  11.914  22.593  1.00 31.19 ? 1664 ARG A O   1 
ATOM   799  C  CB  . ARG A 1 100 ? -6.293  9.680   21.516  1.00 37.97 ? 1664 ARG A CB  1 
ATOM   800  C  CG  . ARG A 1 100 ? -5.977  8.518   22.326  1.00 38.15 ? 1664 ARG A CG  1 
ATOM   801  C  CD  . ARG A 1 100 ? -4.578  8.212   22.479  1.00 38.27 ? 1664 ARG A CD  1 
ATOM   802  N  NE  . ARG A 1 100 ? -3.840  8.918   23.472  1.00 38.30 ? 1664 ARG A NE  1 
ATOM   803  C  CZ  . ARG A 1 100 ? -3.727  8.652   24.762  1.00 38.29 ? 1664 ARG A CZ  1 
ATOM   804  N  NH1 . ARG A 1 100 ? -4.411  7.725   25.259  1.00 38.33 ? 1664 ARG A NH1 1 
ATOM   805  N  NH2 . ARG A 1 100 ? -2.978  9.371   25.582  1.00 38.24 ? 1664 ARG A NH2 1 
ATOM   806  N  N   . GLN A 1 103 ? 5.035   7.978   16.353  1.00 29.94 ? 1704 GLN A N   1 
ATOM   807  C  CA  . GLN A 1 103 ? 3.912   7.075   16.268  1.00 30.13 ? 1704 GLN A CA  1 
ATOM   808  C  C   . GLN A 1 103 ? 2.571   7.654   16.520  1.00 30.20 ? 1704 GLN A C   1 
ATOM   809  O  O   . GLN A 1 103 ? 2.280   7.976   17.560  1.00 38.02 ? 1704 GLN A O   1 
ATOM   810  C  CB  . GLN A 1 103 ? 4.079   5.959   17.226  1.00 34.76 ? 1704 GLN A CB  1 
ATOM   811  C  CG  . GLN A 1 103 ? 3.084   4.975   17.181  1.00 34.90 ? 1704 GLN A CG  1 
ATOM   812  C  CD  . GLN A 1 103 ? 3.287   4.019   16.210  1.00 35.02 ? 1704 GLN A CD  1 
ATOM   813  O  OE1 . GLN A 1 103 ? 4.372   3.667   16.035  1.00 35.17 ? 1704 GLN A OE1 1 
ATOM   814  N  NE2 . GLN A 1 103 ? 2.269   3.694   15.404  1.00 34.88 ? 1704 GLN A NE2 1 
ATOM   815  N  N   . PRO A 1 104 ? 1.685   7.697   15.563  1.00 28.42 ? 1705 PRO A N   1 
ATOM   816  C  CA  . PRO A 1 104 ? 0.415   8.292   15.735  1.00 26.16 ? 1705 PRO A CA  1 
ATOM   817  C  C   . PRO A 1 104 ? -0.465  7.565   16.670  1.00 26.02 ? 1705 PRO A C   1 
ATOM   818  O  O   . PRO A 1 104 ? -0.444  6.451   16.732  1.00 25.04 ? 1705 PRO A O   1 
ATOM   819  C  CB  . PRO A 1 104 ? -0.150  8.182   14.392  1.00 28.87 ? 1705 PRO A CB  1 
ATOM   820  C  CG  . PRO A 1 104 ? 0.850   7.905   13.601  1.00 29.42 ? 1705 PRO A CG  1 
ATOM   821  C  CD  . PRO A 1 104 ? 1.755   7.223   14.201  1.00 29.91 ? 1705 PRO A CD  1 
ATOM   822  N  N   . LEU A 1 105 ? -1.203  8.304   17.406  1.00 26.46 ? 1706 LEU A N   1 
ATOM   823  C  CA  . LEU A 1 105 ? -2.049  7.732   18.402  1.00 26.65 ? 1706 LEU A CA  1 
ATOM   824  C  C   . LEU A 1 105 ? -3.557  7.755   18.092  1.00 26.26 ? 1706 LEU A C   1 
ATOM   825  O  O   . LEU A 1 105 ? -4.254  7.183   18.755  1.00 27.09 ? 1706 LEU A O   1 
ATOM   826  C  CB  . LEU A 1 105 ? -1.750  8.333   19.804  1.00 32.38 ? 1706 LEU A CB  1 
ATOM   827  C  CG  . LEU A 1 105 ? -1.079  7.291   20.758  1.00 32.54 ? 1706 LEU A CG  1 
ATOM   828  C  CD1 . LEU A 1 105 ? -0.220  6.409   20.299  1.00 32.57 ? 1706 LEU A CD1 1 
ATOM   829  C  CD2 . LEU A 1 105 ? -0.393  8.001   21.789  1.00 32.59 ? 1706 LEU A CD2 1 
ATOM   830  N  N   . ASP A 1 106 ? -3.936  8.439   17.051  1.00 18.37 ? 1707 ASP A N   1 
ATOM   831  C  CA  . ASP A 1 106 ? -5.173  8.522   16.535  1.00 18.47 ? 1707 ASP A CA  1 
ATOM   832  C  C   . ASP A 1 106 ? -5.115  8.843   15.092  1.00 17.01 ? 1707 ASP A C   1 
ATOM   833  O  O   . ASP A 1 106 ? -4.154  9.114   14.648  1.00 17.03 ? 1707 ASP A O   1 
ATOM   834  C  CB  . ASP A 1 106 ? -6.024  9.528   17.272  1.00 25.09 ? 1707 ASP A CB  1 
ATOM   835  C  CG  . ASP A 1 106 ? -5.296  10.893  17.447  1.00 30.24 ? 1707 ASP A CG  1 
ATOM   836  O  OD1 . ASP A 1 106 ? -4.529  11.264  16.639  1.00 25.95 ? 1707 ASP A OD1 1 
ATOM   837  O  OD2 . ASP A 1 106 ? -5.520  11.492  18.456  1.00 30.07 ? 1707 ASP A OD2 1 
ATOM   838  N  N   . LEU A 1 107 ? -6.246  8.775   14.447  1.00 17.13 ? 1708 LEU A N   1 
ATOM   839  C  CA  . LEU A 1 107 ? -6.360  9.015   13.104  1.00 17.56 ? 1708 LEU A CA  1 
ATOM   840  C  C   . LEU A 1 107 ? -5.960  10.456  12.681  1.00 19.29 ? 1708 LEU A C   1 
ATOM   841  O  O   . LEU A 1 107 ? -5.554  10.653  11.633  1.00 17.83 ? 1708 LEU A O   1 
ATOM   842  C  CB  . LEU A 1 107 ? -7.644  8.589   12.514  1.00 17.15 ? 1708 LEU A CB  1 
ATOM   843  C  CG  . LEU A 1 107 ? -8.027  7.090   12.493  1.00 17.18 ? 1708 LEU A CG  1 
ATOM   844  C  CD1 . LEU A 1 107 ? -9.345  6.920   11.815  1.00 17.73 ? 1708 LEU A CD1 1 
ATOM   845  C  CD2 . LEU A 1 107 ? -7.023  6.251   11.970  1.00 19.09 ? 1708 LEU A CD2 1 
ATOM   846  N  N   . GLU A 1 108 ? -6.202  11.407  13.549  1.00 20.27 ? 1709 GLU A N   1 
ATOM   847  C  CA  . GLU A 1 108 ? -5.654  12.683  13.287  1.00 19.72 ? 1709 GLU A CA  1 
ATOM   848  C  C   . GLU A 1 108 ? -4.157  12.669  13.209  1.00 19.51 ? 1709 GLU A C   1 
ATOM   849  O  O   . GLU A 1 108 ? -3.637  13.326  12.414  1.00 20.04 ? 1709 GLU A O   1 
ATOM   850  C  CB  . GLU A 1 108 ? -6.127  13.694  14.317  1.00 24.79 ? 1709 GLU A CB  1 
ATOM   851  C  CG  . GLU A 1 108 ? -5.650  15.045  14.131  1.00 27.93 ? 1709 GLU A CG  1 
ATOM   852  C  CD  . GLU A 1 108 ? -6.333  15.746  13.016  1.00 33.18 ? 1709 GLU A CD  1 
ATOM   853  O  OE1 . GLU A 1 108 ? -7.321  15.359  12.604  1.00 31.56 ? 1709 GLU A OE1 1 
ATOM   854  O  OE2 . GLU A 1 108 ? -5.778  16.755  12.511  1.00 37.96 ? 1709 GLU A OE2 1 
ATOM   855  N  N   . GLY A 1 109 ? -3.527  11.900  14.044  1.00 16.63 ? 1710 GLY A N   1 
ATOM   856  C  CA  . GLY A 1 109 ? -2.081  11.791  13.987  1.00 17.76 ? 1710 GLY A CA  1 
ATOM   857  C  C   . GLY A 1 109 ? -1.652  11.152  12.680  1.00 17.61 ? 1710 GLY A C   1 
ATOM   858  O  O   . GLY A 1 109 ? -0.648  11.545  12.087  1.00 15.60 ? 1710 GLY A O   1 
ATOM   859  N  N   . VAL A 1 110 ? -2.417  10.162  12.227  1.00 15.86 ? 1711 VAL A N   1 
ATOM   860  C  CA  . VAL A 1 110 ? -2.111  9.489   10.971  1.00 15.31 ? 1711 VAL A CA  1 
ATOM   861  C  C   . VAL A 1 110 ? -2.291  10.477  9.824   1.00 14.67 ? 1711 VAL A C   1 
ATOM   862  O  O   . VAL A 1 110 ? -1.494  10.507  8.888   1.00 16.55 ? 1711 VAL A O   1 
ATOM   863  C  CB  . VAL A 1 110 ? -3.043  8.274   10.731  1.00 13.05 ? 1711 VAL A CB  1 
ATOM   864  C  CG1 . VAL A 1 110 ? -2.762  7.663   9.361   1.00 13.22 ? 1711 VAL A CG1 1 
ATOM   865  C  CG2 . VAL A 1 110 ? -2.838  7.240   11.823  1.00 12.39 ? 1711 VAL A CG2 1 
ATOM   866  N  N   . LYS A 1 111 ? -3.345  11.287  9.904   1.00 14.34 ? 1712 LYS A N   1 
ATOM   867  C  CA  . LYS A 1 111 ? -3.621  12.273  8.865   1.00 14.21 ? 1712 LYS A CA  1 
ATOM   868  C  C   . LYS A 1 111 ? -2.476  13.273  8.728   1.00 14.15 ? 1712 LYS A C   1 
ATOM   869  O  O   . LYS A 1 111 ? -2.031  13.563  7.618   1.00 14.27 ? 1712 LYS A O   1 
ATOM   870  C  CB  . LYS A 1 111 ? -4.922  13.024  9.162   1.00 20.97 ? 1712 LYS A CB  1 
ATOM   871  C  CG  . LYS A 1 111 ? -5.368  13.936  8.028   1.00 23.65 ? 1712 LYS A CG  1 
ATOM   872  C  CD  . LYS A 1 111 ? -6.662  14.666  8.366   1.00 24.73 ? 1712 LYS A CD  1 
ATOM   873  C  CE  . LYS A 1 111 ? -7.176  15.454  7.171   1.00 31.28 ? 1712 LYS A CE  1 
ATOM   874  N  NZ  . LYS A 1 111 ? -6.199  16.472  6.698   1.00 31.57 ? 1712 LYS A NZ  1 
ATOM   875  N  N   . ARG A 1 112 ? -1.999  13.799  9.852   1.00 19.63 ? 1713 ARG A N   1 
ATOM   876  C  CA  . ARG A 1 112 ? -0.901  14.759  9.812   1.00 20.14 ? 1713 ARG A CA  1 
ATOM   877  C  C   . ARG A 1 112 ? 0.365   14.126  9.254   1.00 19.67 ? 1713 ARG A C   1 
ATOM   878  O  O   . ARG A 1 112 ? 1.080   14.741  8.462   1.00 14.86 ? 1713 ARG A O   1 
ATOM   879  C  CB  . ARG A 1 112 ? -0.620  15.324  11.206  1.00 34.43 ? 1713 ARG A CB  1 
ATOM   880  C  CG  . ARG A 1 112 ? -1.633  16.354  11.674  1.00 35.04 ? 1713 ARG A CG  1 
ATOM   881  C  CD  . ARG A 1 112 ? -1.084  17.145  12.846  1.00 35.25 ? 1713 ARG A CD  1 
ATOM   882  N  NE  . ARG A 1 112 ? -0.887  16.306  14.023  1.00 35.36 ? 1713 ARG A NE  1 
ATOM   883  C  CZ  . ARG A 1 112 ? -1.862  15.944  14.850  1.00 35.28 ? 1713 ARG A CZ  1 
ATOM   884  N  NH1 . ARG A 1 112 ? -3.103  16.353  14.631  1.00 35.31 ? 1713 ARG A NH1 1 
ATOM   885  N  NH2 . ARG A 1 112 ? -1.597  15.171  15.894  1.00 35.28 ? 1713 ARG A NH2 1 
ATOM   886  N  N   . LYS A 1 113 ? 0.641   12.892  9.665   1.00 13.80 ? 1714 LYS A N   1 
ATOM   887  C  CA  . LYS A 1 113 ? 1.826   12.185  9.195   1.00 14.24 ? 1714 LYS A CA  1 
ATOM   888  C  C   . LYS A 1 113 ? 1.724   11.920  7.696   1.00 14.60 ? 1714 LYS A C   1 
ATOM   889  O  O   . LYS A 1 113 ? 2.699   12.073  6.955   1.00 15.48 ? 1714 LYS A O   1 
ATOM   890  C  CB  . LYS A 1 113 ? 1.970   10.860  9.946   1.00 14.86 ? 1714 LYS A CB  1 
ATOM   891  C  CG  . LYS A 1 113 ? 3.181   10.027  9.540   1.00 15.34 ? 1714 LYS A CG  1 
ATOM   892  C  CD  . LYS A 1 113 ? 3.291   8.799   10.431  1.00 20.01 ? 1714 LYS A CD  1 
ATOM   893  C  CE  . LYS A 1 113 ? 4.391   7.854   9.982   1.00 26.56 ? 1714 LYS A CE  1 
ATOM   894  N  NZ  . LYS A 1 113 ? 4.404   6.625   10.830  1.00 25.68 ? 1714 LYS A NZ  1 
ATOM   895  N  N   . MET A 1 114 ? 0.533   11.528  7.257   1.00 20.84 ? 1715 MET A N   1 
ATOM   896  C  CA  . MET A 1 114 ? 0.295   11.230  5.853   1.00 21.47 ? 1715 MET A CA  1 
ATOM   897  C  C   . MET A 1 114 ? 0.339   12.476  4.976   1.00 21.36 ? 1715 MET A C   1 
ATOM   898  O  O   . MET A 1 114 ? 1.009   12.486  3.945   1.00 18.28 ? 1715 MET A O   1 
ATOM   899  C  CB  . MET A 1 114 ? -1.057  10.541  5.686   1.00 21.96 ? 1715 MET A CB  1 
ATOM   900  C  CG  . MET A 1 114 ? -1.319  10.046  4.277   1.00 22.25 ? 1715 MET A CG  1 
ATOM   901  S  SD  . MET A 1 114 ? -2.999  9.462   4.095   1.00 22.12 ? 1715 MET A SD  1 
ATOM   902  C  CE  . MET A 1 114 ? -3.862  11.033  3.932   1.00 22.28 ? 1715 MET A CE  1 
ATOM   903  N  N   . ASP A 1 115 ? -0.372  13.523  5.383   1.00 17.67 ? 1716 ASP A N   1 
ATOM   904  C  CA  . ASP A 1 115 ? -0.400  14.757  4.605   1.00 20.17 ? 1716 ASP A CA  1 
ATOM   905  C  C   . ASP A 1 115 ? 0.993   15.337  4.402   1.00 21.16 ? 1716 ASP A C   1 
ATOM   906  O  O   . ASP A 1 115 ? 1.238   16.039  3.423   1.00 22.89 ? 1716 ASP A O   1 
ATOM   907  C  CB  . ASP A 1 115 ? -1.301  15.803  5.268   1.00 23.24 ? 1716 ASP A CB  1 
ATOM   908  C  CG  . ASP A 1 115 ? -2.763  15.401  5.260   1.00 26.08 ? 1716 ASP A CG  1 
ATOM   909  O  OD1 . ASP A 1 115 ? -3.161  14.613  4.374   1.00 28.59 ? 1716 ASP A OD1 1 
ATOM   910  O  OD2 . ASP A 1 115 ? -3.517  15.886  6.131   1.00 27.04 ? 1716 ASP A OD2 1 
ATOM   911  N  N   . GLN A 1 116 ? 1.905   15.045  5.324   1.00 23.63 ? 1717 GLN A N   1 
ATOM   912  C  CA  . GLN A 1 116 ? 3.272   15.539  5.212   1.00 23.94 ? 1717 GLN A CA  1 
ATOM   913  C  C   . GLN A 1 116 ? 4.103   14.607  4.340   1.00 23.60 ? 1717 GLN A C   1 
ATOM   914  O  O   . GLN A 1 116 ? 5.290   14.841  4.119   1.00 24.78 ? 1717 GLN A O   1 
ATOM   915  C  CB  . GLN A 1 116 ? 3.905   15.664  6.597   1.00 35.10 ? 1717 GLN A CB  1 
ATOM   916  C  CG  . GLN A 1 116 ? 3.267   16.737  7.464   1.00 35.58 ? 1717 GLN A CG  1 
ATOM   917  C  CD  . GLN A 1 116 ? 3.900   16.827  8.837   1.00 35.79 ? 1717 GLN A CD  1 
ATOM   918  O  OE1 . GLN A 1 116 ? 5.110   17.014  8.963   1.00 35.91 ? 1717 GLN A OE1 1 
ATOM   919  N  NE2 . GLN A 1 116 ? 3.083   16.698  9.878   1.00 35.82 ? 1717 GLN A NE2 1 
ATOM   920  N  N   . GLY A 1 117 ? 3.467   13.550  3.844   1.00 20.86 ? 1718 GLY A N   1 
ATOM   921  C  CA  . GLY A 1 117 ? 4.150   12.595  2.989   1.00 21.26 ? 1718 GLY A CA  1 
ATOM   922  C  C   . GLY A 1 117 ? 5.177   11.746  3.712   1.00 21.83 ? 1718 GLY A C   1 
ATOM   923  O  O   . GLY A 1 117 ? 6.158   11.308  3.110   1.00 23.50 ? 1718 GLY A O   1 
ATOM   924  N  N   . ASN A 1 118 ? 4.947   11.495  4.998   1.00 13.74 ? 1719 ASN A N   1 
ATOM   925  C  CA  . ASN A 1 118 ? 5.879   10.706  5.796   1.00 14.52 ? 1719 ASN A CA  1 
ATOM   926  C  C   . ASN A 1 118 ? 5.699   9.189   5.735   1.00 15.15 ? 1719 ASN A C   1 
ATOM   927  O  O   . ASN A 1 118 ? 6.539   8.452   6.250   1.00 17.62 ? 1719 ASN A O   1 
ATOM   928  C  CB  . ASN A 1 118 ? 5.840   11.171  7.254   1.00 17.20 ? 1719 ASN A CB  1 
ATOM   929  C  CG  . ASN A 1 118 ? 6.467   12.539  7.443   1.00 24.84 ? 1719 ASN A CG  1 
ATOM   930  O  OD1 . ASN A 1 118 ? 6.322   13.162  8.494   1.00 32.73 ? 1719 ASN A OD1 1 
ATOM   931  N  ND2 . ASN A 1 118 ? 7.179   13.008  6.425   1.00 23.26 ? 1719 ASN A ND2 1 
ATOM   932  N  N   . TYR A 1 119 ? 4.615   8.715   5.127   1.00 12.47 ? 1720 TYR A N   1 
ATOM   933  C  CA  . TYR A 1 119 ? 4.413   7.270   5.007   1.00 13.39 ? 1720 TYR A CA  1 
ATOM   934  C  C   . TYR A 1 119 ? 5.105   6.760   3.752   1.00 14.73 ? 1720 TYR A C   1 
ATOM   935  O  O   . TYR A 1 119 ? 4.851   7.251   2.655   1.00 17.32 ? 1720 TYR A O   1 
ATOM   936  C  CB  . TYR A 1 119 ? 2.926   6.917   4.943   1.00 13.88 ? 1720 TYR A CB  1 
ATOM   937  C  CG  . TYR A 1 119 ? 2.260   6.872   6.296   1.00 12.58 ? 1720 TYR A CG  1 
ATOM   938  C  CD1 . TYR A 1 119 ? 1.341   7.849   6.678   1.00 12.39 ? 1720 TYR A CD1 1 
ATOM   939  C  CD2 . TYR A 1 119 ? 2.564   5.860   7.205   1.00 12.65 ? 1720 TYR A CD2 1 
ATOM   940  C  CE1 . TYR A 1 119 ? 0.740   7.818   7.933   1.00 11.26 ? 1720 TYR A CE1 1 
ATOM   941  C  CE2 . TYR A 1 119 ? 1.972   5.821   8.464   1.00 11.36 ? 1720 TYR A CE2 1 
ATOM   942  C  CZ  . TYR A 1 119 ? 1.062   6.800   8.820   1.00 14.02 ? 1720 TYR A CZ  1 
ATOM   943  O  OH  . TYR A 1 119 ? 0.478   6.758   10.063  1.00 14.72 ? 1720 TYR A OH  1 
ATOM   944  N  N   . THR A 1 120 ? 5.980   5.774   3.917   1.00 16.12 ? 1721 THR A N   1 
ATOM   945  C  CA  . THR A 1 120 ? 6.713   5.220   2.785   1.00 18.50 ? 1721 THR A CA  1 
ATOM   946  C  C   . THR A 1 120 ? 6.339   3.779   2.469   1.00 16.95 ? 1721 THR A C   1 
ATOM   947  O  O   . THR A 1 120 ? 6.858   3.197   1.520   1.00 16.92 ? 1721 THR A O   1 
ATOM   948  C  CB  . THR A 1 120 ? 8.242   5.295   3.013   1.00 20.44 ? 1721 THR A CB  1 
ATOM   949  O  OG1 . THR A 1 120 ? 8.586   4.583   4.209   1.00 28.66 ? 1721 THR A OG1 1 
ATOM   950  C  CG2 . THR A 1 120 ? 8.685   6.741   3.150   1.00 28.77 ? 1721 THR A CG2 1 
ATOM   951  N  N   . SER A 1 121 ? 5.443   3.196   3.258   1.00 14.67 ? 1722 SER A N   1 
ATOM   952  C  CA  . SER A 1 121 ? 5.029   1.825   2.995   1.00 15.30 ? 1722 SER A CA  1 
ATOM   953  C  C   . SER A 1 121 ? 3.605   1.566   3.454   1.00 14.76 ? 1722 SER A C   1 
ATOM   954  O  O   . SER A 1 121 ? 3.099   2.222   4.367   1.00 14.39 ? 1722 SER A O   1 
ATOM   955  C  CB  . SER A 1 121 ? 5.967   0.832   3.684   1.00 23.01 ? 1722 SER A CB  1 
ATOM   956  O  OG  . SER A 1 121 ? 5.682   0.720   5.064   1.00 22.43 ? 1722 SER A OG  1 
ATOM   957  N  N   . VAL A 1 122 ? 2.958   0.607   2.805   1.00 11.16 ? 1723 VAL A N   1 
ATOM   958  C  CA  . VAL A 1 122 ? 1.594   0.250   3.156   1.00 9.71  ? 1723 VAL A CA  1 
ATOM   959  C  C   . VAL A 1 122 ? 1.554   -0.394  4.537   1.00 10.77 ? 1723 VAL A C   1 
ATOM   960  O  O   . VAL A 1 122 ? 0.652   -0.124  5.330   1.00 12.04 ? 1723 VAL A O   1 
ATOM   961  C  CB  . VAL A 1 122 ? 0.996   -0.730  2.112   1.00 9.15  ? 1723 VAL A CB  1 
ATOM   962  C  CG1 . VAL A 1 122 ? -0.397  -1.167  2.538   1.00 9.51  ? 1723 VAL A CG1 1 
ATOM   963  C  CG2 . VAL A 1 122 ? 0.945   -0.062  0.742   1.00 10.94 ? 1723 VAL A CG2 1 
ATOM   964  N  N   . LEU A 1 123 ? 2.538   -1.240  4.832   1.00 8.20  ? 1724 LEU A N   1 
ATOM   965  C  CA  . LEU A 1 123 ? 2.584   -1.918  6.124   1.00 9.08  ? 1724 LEU A CA  1 
ATOM   966  C  C   . LEU A 1 123 ? 2.671   -0.927  7.284   1.00 10.09 ? 1724 LEU A C   1 
ATOM   967  O  O   . LEU A 1 123 ? 2.022   -1.104  8.318   1.00 9.67  ? 1724 LEU A O   1 
ATOM   968  C  CB  . LEU A 1 123 ? 3.773   -2.879  6.184   1.00 11.04 ? 1724 LEU A CB  1 
ATOM   969  C  CG  . LEU A 1 123 ? 3.893   -3.683  7.483   1.00 12.94 ? 1724 LEU A CG  1 
ATOM   970  C  CD1 . LEU A 1 123 ? 2.672   -4.583  7.650   1.00 12.88 ? 1724 LEU A CD1 1 
ATOM   971  C  CD2 . LEU A 1 123 ? 5.160   -4.511  7.458   1.00 21.10 ? 1724 LEU A CD2 1 
ATOM   972  N  N   . GLU A 1 124 ? 3.476   0.116   7.113   1.00 10.71 ? 1725 GLU A N   1 
ATOM   973  C  CA  . GLU A 1 124 ? 3.635   1.126   8.158   1.00 12.63 ? 1725 GLU A CA  1 
ATOM   974  C  C   . GLU A 1 124 ? 2.305   1.812   8.447   1.00 10.34 ? 1725 GLU A C   1 
ATOM   975  O  O   . GLU A 1 124 ? 1.911   1.969   9.598   1.00 11.81 ? 1725 GLU A O   1 
ATOM   976  C  CB  . GLU A 1 124 ? 4.668   2.169   7.727   1.00 15.42 ? 1725 GLU A CB  1 
ATOM   977  C  CG  . GLU A 1 124 ? 4.736   3.388   8.630   1.00 21.14 ? 1725 GLU A CG  1 
ATOM   978  C  CD  . GLU A 1 124 ? 5.759   4.402   8.154   1.00 22.10 ? 1725 GLU A CD  1 
ATOM   979  O  OE1 . GLU A 1 124 ? 5.848   4.630   6.929   1.00 29.13 ? 1725 GLU A OE1 1 
ATOM   980  O  OE2 . GLU A 1 124 ? 6.465   4.978   9.005   1.00 31.60 ? 1725 GLU A OE2 1 
ATOM   981  N  N   . PHE A 1 125 ? 1.631   2.217   7.377   1.00 9.13  ? 1726 PHE A N   1 
ATOM   982  C  CA  . PHE A 1 125 ? 0.336   2.882   7.448   1.00 8.63  ? 1726 PHE A CA  1 
ATOM   983  C  C   . PHE A 1 125 ? -0.690  1.943   8.082   1.00 8.71  ? 1726 PHE A C   1 
ATOM   984  O  O   . PHE A 1 125 ? -1.415  2.320   9.006   1.00 8.57  ? 1726 PHE A O   1 
ATOM   985  C  CB  . PHE A 1 125 ? -0.098  3.254   6.027   1.00 10.46 ? 1726 PHE A CB  1 
ATOM   986  C  CG  . PHE A 1 125 ? -1.490  3.811   5.926   1.00 11.01 ? 1726 PHE A CG  1 
ATOM   987  C  CD1 . PHE A 1 125 ? -1.758  5.128   6.283   1.00 13.48 ? 1726 PHE A CD1 1 
ATOM   988  C  CD2 . PHE A 1 125 ? -2.523  3.030   5.416   1.00 11.00 ? 1726 PHE A CD2 1 
ATOM   989  C  CE1 . PHE A 1 125 ? -3.039  5.665   6.125   1.00 12.56 ? 1726 PHE A CE1 1 
ATOM   990  C  CE2 . PHE A 1 125 ? -3.808  3.552   5.253   1.00 12.84 ? 1726 PHE A CE2 1 
ATOM   991  C  CZ  . PHE A 1 125 ? -4.066  4.875   5.607   1.00 16.18 ? 1726 PHE A CZ  1 
ATOM   992  N  N   . SER A 1 126 ? -0.735  0.712   7.584   1.00 10.50 ? 1727 SER A N   1 
ATOM   993  C  CA  . SER A 1 126 ? -1.676  -0.281  8.084   1.00 9.29  ? 1727 SER A CA  1 
ATOM   994  C  C   . SER A 1 126 ? -1.463  -0.594  9.560   1.00 9.31  ? 1727 SER A C   1 
ATOM   995  O  O   . SER A 1 126 ? -2.414  -0.582  10.343  1.00 8.63  ? 1727 SER A O   1 
ATOM   996  C  CB  . SER A 1 126 ? -1.575  -1.570  7.258   1.00 9.15  ? 1727 SER A CB  1 
ATOM   997  O  OG  . SER A 1 126 ? -2.536  -2.519  7.689   1.00 11.39 ? 1727 SER A OG  1 
ATOM   998  N  N   . ASP A 1 127 ? -0.218  -0.870  9.945   1.00 9.59  ? 1728 ASP A N   1 
ATOM   999  C  CA  . ASP A 1 127 ? 0.075   -1.177  11.342  1.00 11.25 ? 1728 ASP A CA  1 
ATOM   1000 C  C   . ASP A 1 127 ? -0.300  -0.024  12.262  1.00 10.00 ? 1728 ASP A C   1 
ATOM   1001 O  O   . ASP A 1 127 ? -0.825  -0.246  13.356  1.00 7.98  ? 1728 ASP A O   1 
ATOM   1002 C  CB  . ASP A 1 127 ? 1.556   -1.499  11.546  1.00 15.29 ? 1728 ASP A CB  1 
ATOM   1003 C  CG  . ASP A 1 127 ? 1.922   -2.889  11.084  1.00 20.78 ? 1728 ASP A CG  1 
ATOM   1004 O  OD1 . ASP A 1 127 ? 1.018   -3.745  10.961  1.00 20.77 ? 1728 ASP A OD1 1 
ATOM   1005 O  OD2 . ASP A 1 127 ? 3.127   -3.123  10.864  1.00 24.92 ? 1728 ASP A OD2 1 
ATOM   1006 N  N   . ASP A 1 128 ? -0.017  1.204   11.828  1.00 11.42 ? 1729 ASP A N   1 
ATOM   1007 C  CA  . ASP A 1 128 ? -0.348  2.373   12.640  1.00 11.70 ? 1729 ASP A CA  1 
ATOM   1008 C  C   . ASP A 1 128 ? -1.837  2.382   12.951  1.00 11.60 ? 1729 ASP A C   1 
ATOM   1009 O  O   . ASP A 1 128 ? -2.243  2.642   14.080  1.00 11.11 ? 1729 ASP A O   1 
ATOM   1010 C  CB  . ASP A 1 128 ? 0.023   3.674   11.921  1.00 10.95 ? 1729 ASP A CB  1 
ATOM   1011 C  CG  . ASP A 1 128 ? 1.499   4.007   12.027  1.00 12.02 ? 1729 ASP A CG  1 
ATOM   1012 O  OD1 . ASP A 1 128 ? 2.242   3.254   12.688  1.00 19.07 ? 1729 ASP A OD1 1 
ATOM   1013 O  OD2 . ASP A 1 128 ? 1.912   5.035   11.447  1.00 17.68 ? 1729 ASP A OD2 1 
ATOM   1014 N  N   . ILE A 1 129 ? -2.648  2.082   11.942  1.00 7.92  ? 1730 ILE A N   1 
ATOM   1015 C  CA  . ILE A 1 129 ? -4.094  2.069   12.109  1.00 8.48  ? 1730 ILE A CA  1 
ATOM   1016 C  C   . ILE A 1 129 ? -4.588  0.847   12.879  1.00 8.09  ? 1730 ILE A C   1 
ATOM   1017 O  O   . ILE A 1 129 ? -5.489  0.967   13.707  1.00 7.93  ? 1730 ILE A O   1 
ATOM   1018 C  CB  . ILE A 1 129 ? -4.798  2.166   10.740  1.00 7.80  ? 1730 ILE A CB  1 
ATOM   1019 C  CG1 . ILE A 1 129 ? -4.455  3.518   10.101  1.00 8.16  ? 1730 ILE A CG1 1 
ATOM   1020 C  CG2 . ILE A 1 129 ? -6.308  2.013   10.904  1.00 9.68  ? 1730 ILE A CG2 1 
ATOM   1021 C  CD1 . ILE A 1 129 ? -5.017  3.725   8.719   1.00 9.56  ? 1730 ILE A CD1 1 
ATOM   1022 N  N   . VAL A 1 130 ? -4.010  -0.324  12.619  1.00 7.43  ? 1731 VAL A N   1 
ATOM   1023 C  CA  . VAL A 1 130 ? -4.415  -1.527  13.352  1.00 6.77  ? 1731 VAL A CA  1 
ATOM   1024 C  C   . VAL A 1 130 ? -4.173  -1.288  14.847  1.00 6.21  ? 1731 VAL A C   1 
ATOM   1025 O  O   . VAL A 1 130 ? -5.013  -1.622  15.686  1.00 6.61  ? 1731 VAL A O   1 
ATOM   1026 C  CB  . VAL A 1 130 ? -3.614  -2.770  12.893  1.00 8.17  ? 1731 VAL A CB  1 
ATOM   1027 C  CG1 . VAL A 1 130 ? -3.893  -3.954  13.822  1.00 7.14  ? 1731 VAL A CG1 1 
ATOM   1028 C  CG2 . VAL A 1 130 ? -4.000  -3.127  11.464  1.00 9.03  ? 1731 VAL A CG2 1 
ATOM   1029 N  N   . LYS A 1 131 ? -3.027  -0.696  15.176  1.00 8.45  ? 1732 LYS A N   1 
ATOM   1030 C  CA  . LYS A 1 131 ? -2.702  -0.402  16.572  1.00 10.31 ? 1732 LYS A CA  1 
ATOM   1031 C  C   . LYS A 1 131 ? -3.742  0.529   17.204  1.00 11.05 ? 1732 LYS A C   1 
ATOM   1032 O  O   . LYS A 1 131 ? -4.144  0.346   18.356  1.00 12.65 ? 1732 LYS A O   1 
ATOM   1033 C  CB  . LYS A 1 131 ? -1.318  0.247   16.668  1.00 9.53  ? 1732 LYS A CB  1 
ATOM   1034 C  CG  . LYS A 1 131 ? -0.156  -0.694  16.402  1.00 12.69 ? 1732 LYS A CG  1 
ATOM   1035 C  CD  . LYS A 1 131 ? 1.157   0.089   16.362  1.00 15.61 ? 1732 LYS A CD  1 
ATOM   1036 C  CE  . LYS A 1 131 ? 2.351   -0.824  16.173  1.00 22.41 ? 1732 LYS A CE  1 
ATOM   1037 N  NZ  . LYS A 1 131 ? 3.618   -0.039  16.124  1.00 21.60 ? 1732 LYS A NZ  1 
ATOM   1038 N  N   . ILE A 1 132 ? -4.142  1.542   16.469  1.00 7.89  ? 1733 ILE A N   1 
ATOM   1039 C  CA  . ILE A 1 132 ? -5.171  2.475   16.925  1.00 9.78  ? 1733 ILE A CA  1 
ATOM   1040 C  C   . ILE A 1 132 ? -6.566  1.800   17.137  1.00 9.25  ? 1733 ILE A C   1 
ATOM   1041 O  O   . ILE A 1 132 ? -7.142  1.964   18.012  1.00 9.77  ? 1733 ILE A O   1 
ATOM   1042 C  CB  . ILE A 1 132 ? -5.313  3.696   15.957  1.00 10.44 ? 1733 ILE A CB  1 
ATOM   1043 C  CG1 . ILE A 1 132 ? -4.084  4.508   16.003  1.00 10.97 ? 1733 ILE A CG1 1 
ATOM   1044 C  CG2 . ILE A 1 132 ? -6.597  4.498   16.075  1.00 11.73 ? 1733 ILE A CG2 1 
ATOM   1045 C  CD1 . ILE A 1 132 ? -3.857  5.385   15.021  1.00 11.02 ? 1733 ILE A CD1 1 
ATOM   1046 N  N   . ILE A 1 133 ? -6.923  0.980   16.168  1.00 7.70  ? 1734 ILE A N   1 
ATOM   1047 C  CA  . ILE A 1 133 ? -8.199  0.277   16.289  1.00 8.51  ? 1734 ILE A CA  1 
ATOM   1048 C  C   . ILE A 1 133 ? -8.195  -0.699  17.464  1.00 9.89  ? 1734 ILE A C   1 
ATOM   1049 O  O   . ILE A 1 133 ? -9.123  -0.713  18.279  1.00 10.18 ? 1734 ILE A O   1 
ATOM   1050 C  CB  . ILE A 1 133 ? -8.523  -0.508  15.000  1.00 9.39  ? 1734 ILE A CB  1 
ATOM   1051 C  CG1 . ILE A 1 133 ? -8.818  0.474   13.864  1.00 7.72  ? 1734 ILE A CG1 1 
ATOM   1052 C  CG2 . ILE A 1 133 ? -9.712  -1.446  15.241  1.00 9.30  ? 1734 ILE A CG2 1 
ATOM   1053 C  CD1 . ILE A 1 133 ? -8.899  -0.171  12.491  1.00 11.59 ? 1734 ILE A CD1 1 
ATOM   1054 N  N   . GLN A 1 134 ? -7.151  -1.516  17.553  1.00 9.33  ? 1735 GLN A N   1 
ATOM   1055 C  CA  . GLN A 1 134 ? -7.065  -2.504  18.621  1.00 10.28 ? 1735 GLN A CA  1 
ATOM   1056 C  C   . GLN A 1 134 ? -7.000  -1.846  19.997  1.00 11.97 ? 1735 GLN A C   1 
ATOM   1057 O  O   . GLN A 1 134 ? -7.583  -2.346  20.960  1.00 12.77 ? 1735 GLN A O   1 
ATOM   1058 C  CB  . GLN A 1 134 ? -5.852  -3.419  18.406  1.00 8.70  ? 1735 GLN A CB  1 
ATOM   1059 C  CG  . GLN A 1 134 ? -5.851  -4.653  19.309  1.00 11.53 ? 1735 GLN A CG  1 
ATOM   1060 C  CD  . GLN A 1 134 ? -7.083  -5.520  19.122  1.00 15.86 ? 1735 GLN A CD  1 
ATOM   1061 O  OE1 . GLN A 1 134 ? -7.288  -6.116  18.060  1.00 12.59 ? 1735 GLN A OE1 1 
ATOM   1062 N  NE2 . GLN A 1 134 ? -7.917  -5.592  20.158  1.00 14.38 ? 1735 GLN A NE2 1 
ATOM   1063 N  N   . ALA A 1 135 ? -6.295  -0.722  20.088  1.00 13.36 ? 1736 ALA A N   1 
ATOM   1064 C  CA  . ALA A 1 135 ? -6.185  -0.007  21.358  1.00 15.78 ? 1736 ALA A CA  1 
ATOM   1065 C  C   . ALA A 1 135 ? -7.570  0.461   21.799  1.00 16.62 ? 1736 ALA A C   1 
ATOM   1066 O  O   . ALA A 1 135 ? -7.923  0.363   22.975  1.00 16.34 ? 1736 ALA A O   1 
ATOM   1067 C  CB  . ALA A 1 135 ? -5.254  1.188   21.210  1.00 16.22 ? 1736 ALA A CB  1 
ATOM   1068 N  N   . ALA A 1 136 ? -8.349  0.965   20.848  1.00 15.02 ? 1737 ALA A N   1 
ATOM   1069 C  CA  . ALA A 1 136 ? -9.699  1.440   21.134  1.00 15.17 ? 1737 ALA A CA  1 
ATOM   1070 C  C   . ALA A 1 136 ? -10.571 0.274   21.579  1.00 15.41 ? 1737 ALA A C   1 
ATOM   1071 O  O   . ALA A 1 136 ? -11.302 0.375   22.564  1.00 16.67 ? 1737 ALA A O   1 
ATOM   1072 C  CB  . ALA A 1 136 ? -10.300 2.103   19.896  1.00 16.59 ? 1737 ALA A CB  1 
ATOM   1073 N  N   . ILE A 1 137 ? -10.504 -0.830  20.842  1.00 15.51 ? 1738 ILE A N   1 
ATOM   1074 C  CA  . ILE A 1 137 ? -11.285 -2.015  21.183  1.00 18.15 ? 1738 ILE A CA  1 
ATOM   1075 C  C   . ILE A 1 137 ? -10.934 -2.481  22.591  1.00 19.26 ? 1738 ILE A C   1 
ATOM   1076 O  O   . ILE A 1 137 ? -11.811 -2.872  23.367  1.00 19.49 ? 1738 ILE A O   1 
ATOM   1077 C  CB  . ILE A 1 137 ? -11.013 -3.172  20.189  1.00 15.76 ? 1738 ILE A CB  1 
ATOM   1078 C  CG1 . ILE A 1 137 ? -11.634 -2.843  18.831  1.00 17.10 ? 1738 ILE A CG1 1 
ATOM   1079 C  CG2 . ILE A 1 137 ? -11.571 -4.480  20.739  1.00 19.29 ? 1738 ILE A CG2 1 
ATOM   1080 C  CD1 . ILE A 1 137 ? -11.429 -3.913  17.778  1.00 15.87 ? 1738 ILE A CD1 1 
ATOM   1081 N  N   . ASN A 1 138 ? -9.646  -2.435  22.917  1.00 20.03 ? 1739 ASN A N   1 
ATOM   1082 C  CA  . ASN A 1 138 ? -9.176  -2.856  24.233  1.00 22.50 ? 1739 ASN A CA  1 
ATOM   1083 C  C   . ASN A 1 138 ? -9.606  -1.917  25.350  1.00 23.85 ? 1739 ASN A C   1 
ATOM   1084 O  O   . ASN A 1 138 ? -9.691  -2.325  26.508  1.00 26.89 ? 1739 ASN A O   1 
ATOM   1085 C  CB  . ASN A 1 138 ? -7.645  -2.934  24.269  1.00 16.24 ? 1739 ASN A CB  1 
ATOM   1086 C  CG  . ASN A 1 138 ? -7.085  -4.013  23.369  1.00 19.73 ? 1739 ASN A CG  1 
ATOM   1087 O  OD1 . ASN A 1 138 ? -7.779  -4.959  23.004  1.00 19.98 ? 1739 ASN A OD1 1 
ATOM   1088 N  ND2 . ASN A 1 138 ? -5.809  -3.884  23.021  1.00 20.64 ? 1739 ASN A ND2 1 
ATOM   1089 N  N   . SER A 1 139 ? -9.887  -0.664  25.010  1.00 17.63 ? 1740 SER A N   1 
ATOM   1090 C  CA  . SER A 1 139 ? -10.232 0.312   26.034  1.00 18.92 ? 1740 SER A CA  1 
ATOM   1091 C  C   . SER A 1 139 ? -11.594 0.993   26.008  1.00 17.70 ? 1740 SER A C   1 
ATOM   1092 O  O   . SER A 1 139 ? -11.888 1.774   26.917  1.00 17.31 ? 1740 SER A O   1 
ATOM   1093 C  CB  . SER A 1 139 ? -9.163  1.405   26.054  1.00 22.86 ? 1740 SER A CB  1 
ATOM   1094 O  OG  . SER A 1 139 ? -9.198  2.150   24.846  1.00 23.26 ? 1740 SER A OG  1 
ATOM   1095 N  N   . ASP A 1 140 ? -12.430 0.729   25.007  1.00 15.03 ? 1741 ASP A N   1 
ATOM   1096 C  CA  . ASP A 1 140 ? -13.715 1.422   24.986  1.00 12.66 ? 1741 ASP A CA  1 
ATOM   1097 C  C   . ASP A 1 140 ? -14.858 0.851   25.815  1.00 13.05 ? 1741 ASP A C   1 
ATOM   1098 O  O   . ASP A 1 140 ? -15.988 1.315   25.707  1.00 13.61 ? 1741 ASP A O   1 
ATOM   1099 C  CB  . ASP A 1 140 ? -14.193 1.690   23.547  1.00 13.97 ? 1741 ASP A CB  1 
ATOM   1100 C  CG  . ASP A 1 140 ? -14.260 0.447   22.687  1.00 11.82 ? 1741 ASP A CG  1 
ATOM   1101 O  OD1 . ASP A 1 140 ? -14.286 -0.685  23.219  1.00 11.90 ? 1741 ASP A OD1 1 
ATOM   1102 O  OD2 . ASP A 1 140 ? -14.309 0.626   21.451  1.00 13.39 ? 1741 ASP A OD2 1 
ATOM   1103 N  N   . GLY A 1 141 ? -14.574 -0.147  26.643  1.00 11.94 ? 1742 GLY A N   1 
ATOM   1104 C  CA  . GLY A 1 141 ? -15.611 -0.682  27.514  1.00 13.76 ? 1742 GLY A CA  1 
ATOM   1105 C  C   . GLY A 1 141 ? -16.499 -1.815  27.037  1.00 12.50 ? 1742 GLY A C   1 
ATOM   1106 O  O   . GLY A 1 141 ? -16.261 -2.422  25.995  1.00 16.00 ? 1742 GLY A O   1 
ATOM   1107 N  N   . GLY A 1 142 ? -17.552 -2.081  27.810  1.00 12.73 ? 1743 GLY A N   1 
ATOM   1108 C  CA  . GLY A 1 142 ? -18.447 -3.178  27.487  1.00 14.58 ? 1743 GLY A CA  1 
ATOM   1109 C  C   . GLY A 1 142 ? -19.897 -2.877  27.166  1.00 15.75 ? 1743 GLY A C   1 
ATOM   1110 O  O   . GLY A 1 142 ? -20.740 -3.773  27.254  1.00 13.93 ? 1743 GLY A O   1 
ATOM   1111 N  N   . GLN A 1 143 ? -20.193 -1.631  26.825  1.00 17.05 ? 1744 GLN A N   1 
ATOM   1112 C  CA  . GLN A 1 143 ? -21.552 -1.298  26.437  1.00 17.36 ? 1744 GLN A CA  1 
ATOM   1113 C  C   . GLN A 1 143 ? -21.871 -2.112  25.126  1.00 16.44 ? 1744 GLN A C   1 
ATOM   1114 O  O   . GLN A 1 143 ? -21.082 -2.187  24.355  1.00 9.12  ? 1744 GLN A O   1 
ATOM   1115 C  CB  . GLN A 1 143 ? -21.706 0.162   26.187  1.00 31.81 ? 1744 GLN A CB  1 
ATOM   1116 C  CG  . GLN A 1 143 ? -22.789 0.661   26.880  1.00 32.49 ? 1744 GLN A CG  1 
ATOM   1117 C  CD  . GLN A 1 143 ? -22.607 1.748   27.699  1.00 32.64 ? 1744 GLN A CD  1 
ATOM   1118 O  OE1 . GLN A 1 143 ? -22.095 2.701   27.282  1.00 32.84 ? 1744 GLN A OE1 1 
ATOM   1119 N  NE2 . GLN A 1 143 ? -23.243 1.727   28.848  1.00 32.81 ? 1744 GLN A NE2 1 
ATOM   1120 N  N   . PRO A 1 144 ? -23.068 -2.620  25.026  1.00 9.09  ? 1745 PRO A N   1 
ATOM   1121 C  CA  . PRO A 1 144 ? -23.412 -3.446  23.883  1.00 9.35  ? 1745 PRO A CA  1 
ATOM   1122 C  C   . PRO A 1 144 ? -23.220 -2.752  22.520  1.00 9.51  ? 1745 PRO A C   1 
ATOM   1123 O  O   . PRO A 1 144 ? -22.736 -3.309  21.734  1.00 9.19  ? 1745 PRO A O   1 
ATOM   1124 C  CB  . PRO A 1 144 ? -24.902 -3.821  24.104  1.00 11.39 ? 1745 PRO A CB  1 
ATOM   1125 C  CG  . PRO A 1 144 ? -25.044 -3.901  25.295  1.00 13.61 ? 1745 PRO A CG  1 
ATOM   1126 C  CD  . PRO A 1 144 ? -24.118 -2.859  26.028  1.00 10.32 ? 1745 PRO A CD  1 
ATOM   1127 N  N   . GLU A 1 145 ? -23.670 -1.539  22.421  1.00 15.50 ? 1746 GLU A N   1 
ATOM   1128 C  CA  . GLU A 1 145 ? -23.491 -0.827  21.162  1.00 16.33 ? 1746 GLU A CA  1 
ATOM   1129 C  C   . GLU A 1 145 ? -22.020 -0.606  20.839  1.00 15.61 ? 1746 GLU A C   1 
ATOM   1130 O  O   . GLU A 1 145 ? -21.639 -0.566  19.673  1.00 7.09  ? 1746 GLU A O   1 
ATOM   1131 C  CB  . GLU A 1 145 ? -24.244 0.508   21.189  1.00 28.60 ? 1746 GLU A CB  1 
ATOM   1132 C  CG  . GLU A 1 145 ? -25.760 0.337   21.246  1.00 29.18 ? 1746 GLU A CG  1 
ATOM   1133 C  CD  . GLU A 1 145 ? -26.312 -0.459  20.068  1.00 29.51 ? 1746 GLU A CD  1 
ATOM   1134 O  OE1 . GLU A 1 145 ? -27.199 -1.310  20.290  1.00 29.64 ? 1746 GLU A OE1 1 
ATOM   1135 O  OE2 . GLU A 1 145 ? -25.868 -0.230  18.921  1.00 29.44 ? 1746 GLU A OE2 1 
ATOM   1136 N  N   . ILE A 1 146 ? -21.193 -0.466  21.872  1.00 7.25  ? 1747 ILE A N   1 
ATOM   1137 C  CA  . ILE A 1 146 ? -19.760 -0.277  21.672  1.00 10.17 ? 1747 ILE A CA  1 
ATOM   1138 C  C   . ILE A 1 146 ? -19.148 -1.589  21.169  1.00 8.43  ? 1747 ILE A C   1 
ATOM   1139 O  O   . ILE A 1 146 ? -18.335 -1.595  20.246  1.00 9.75  ? 1747 ILE A O   1 
ATOM   1140 C  CB  . ILE A 1 146 ? -19.066 0.134   22.991  1.00 15.91 ? 1747 ILE A CB  1 
ATOM   1141 C  CG1 . ILE A 1 146 ? -19.545 1.525   23.424  1.00 18.71 ? 1747 ILE A CG1 1 
ATOM   1142 C  CG2 . ILE A 1 146 ? -17.553 0.119   22.816  1.00 17.63 ? 1747 ILE A CG2 1 
ATOM   1143 C  CD1 . ILE A 1 146 ? -19.186 2.629   22.453  1.00 23.56 ? 1747 ILE A CD1 1 
ATOM   1144 N  N   . LYS A 1 147 ? -19.550 -2.700  21.781  1.00 8.82  ? 1748 LYS A N   1 
ATOM   1145 C  CA  . LYS A 1 147 ? -19.051 -4.013  21.392  1.00 9.40  ? 1748 LYS A CA  1 
ATOM   1146 C  C   . LYS A 1 147 ? -19.420 -4.311  19.942  1.00 7.53  ? 1748 LYS A C   1 
ATOM   1147 O  O   . LYS A 1 147 ? -18.606 -4.844  19.186  1.00 10.62 ? 1748 LYS A O   1 
ATOM   1148 C  CB  . LYS A 1 147 ? -19.631 -5.093  22.314  1.00 12.05 ? 1748 LYS A CB  1 
ATOM   1149 C  CG  . LYS A 1 147 ? -19.061 -5.074  23.735  1.00 12.48 ? 1748 LYS A CG  1 
ATOM   1150 C  CD  . LYS A 1 147 ? -17.581 -5.420  23.725  1.00 14.36 ? 1748 LYS A CD  1 
ATOM   1151 C  CE  . LYS A 1 147 ? -17.019 -5.539  25.133  1.00 16.86 ? 1748 LYS A CE  1 
ATOM   1152 N  NZ  . LYS A 1 147 ? -15.585 -5.943  25.100  1.00 22.71 ? 1748 LYS A NZ  1 
ATOM   1153 N  N   . LYS A 1 148 ? -20.641 -3.961  19.548  1.00 8.21  ? 1749 LYS A N   1 
ATOM   1154 C  CA  . LYS A 1 148 ? -21.067 -4.200  18.171  1.00 8.23  ? 1749 LYS A CA  1 
ATOM   1155 C  C   . LYS A 1 148 ? -20.273 -3.321  17.203  1.00 10.62 ? 1749 LYS A C   1 
ATOM   1156 O  O   . LYS A 1 148 ? -19.840 -3.785  16.148  1.00 10.35 ? 1749 LYS A O   1 
ATOM   1157 C  CB  . LYS A 1 148 ? -22.567 -3.932  18.020  1.00 9.55  ? 1749 LYS A CB  1 
ATOM   1158 C  CG  . LYS A 1 148 ? -23.422 -4.961  18.741  1.00 13.88 ? 1749 LYS A CG  1 
ATOM   1159 C  CD  . LYS A 1 148 ? -24.900 -4.842  18.400  1.00 21.82 ? 1749 LYS A CD  1 
ATOM   1160 C  CE  . LYS A 1 148 ? -25.524 -3.581  18.957  1.00 24.98 ? 1749 LYS A CE  1 
ATOM   1161 N  NZ  . LYS A 1 148 ? -26.989 -3.539  18.655  1.00 29.58 ? 1749 LYS A NZ  1 
ATOM   1162 N  N   . ALA A 1 149 ? -20.082 -2.060  17.577  1.00 9.05  ? 1750 ALA A N   1 
ATOM   1163 C  CA  . ALA A 1 149 ? -19.341 -1.108  16.750  1.00 10.52 ? 1750 ALA A CA  1 
ATOM   1164 C  C   . ALA A 1 149 ? -17.879 -1.515  16.574  1.00 10.73 ? 1750 ALA A C   1 
ATOM   1165 O  O   . ALA A 1 149 ? -17.289 -1.272  15.520  1.00 11.91 ? 1750 ALA A O   1 
ATOM   1166 C  CB  . ALA A 1 149 ? -19.414 0.285   17.365  1.00 14.90 ? 1750 ALA A CB  1 
ATOM   1167 N  N   . ASN A 1 150 ? -17.295 -2.124  17.603  1.00 9.24  ? 1751 ASN A N   1 
ATOM   1168 C  CA  . ASN A 1 150 ? -15.894 -2.542  17.528  1.00 11.29 ? 1751 ASN A CA  1 
ATOM   1169 C  C   . ASN A 1 150 ? -15.636 -3.444  16.330  1.00 10.82 ? 1751 ASN A C   1 
ATOM   1170 O  O   . ASN A 1 150 ? -14.658 -3.263  15.604  1.00 12.22 ? 1751 ASN A O   1 
ATOM   1171 C  CB  . ASN A 1 150 ? -15.459 -3.273  18.801  1.00 13.53 ? 1751 ASN A CB  1 
ATOM   1172 C  CG  . ASN A 1 150 ? -15.293 -2.343  19.989  1.00 14.03 ? 1751 ASN A CG  1 
ATOM   1173 O  OD1 . ASN A 1 150 ? -15.043 -1.147  19.830  1.00 13.80 ? 1751 ASN A OD1 1 
ATOM   1174 N  ND2 . ASN A 1 150 ? -15.407 -2.895  21.189  1.00 14.86 ? 1751 ASN A ND2 1 
ATOM   1175 N  N   . SER A 1 151 ? -16.505 -4.429  16.133  1.00 8.05  ? 1752 SER A N   1 
ATOM   1176 C  CA  . SER A 1 151 ? -16.354 -5.351  15.013  1.00 8.44  ? 1752 SER A CA  1 
ATOM   1177 C  C   . SER A 1 151 ? -16.667 -4.658  13.693  1.00 8.98  ? 1752 SER A C   1 
ATOM   1178 O  O   . SER A 1 151 ? -16.032 -4.925  12.678  1.00 9.67  ? 1752 SER A O   1 
ATOM   1179 C  CB  . SER A 1 151 ? -17.269 -6.561  15.205  1.00 16.99 ? 1752 SER A CB  1 
ATOM   1180 O  OG  . SER A 1 151 ? -16.896 -7.274  16.371  1.00 23.03 ? 1752 SER A OG  1 
ATOM   1181 N  N   . MET A 1 152 ? -17.650 -3.764  13.711  1.00 8.25  ? 1753 MET A N   1 
ATOM   1182 C  CA  . MET A 1 152 ? -18.035 -3.024  12.515  1.00 9.61  ? 1753 MET A CA  1 
ATOM   1183 C  C   . MET A 1 152 ? -16.888 -2.144  12.025  1.00 10.73 ? 1753 MET A C   1 
ATOM   1184 O  O   . MET A 1 152 ? -16.643 -2.044  10.823  1.00 10.39 ? 1753 MET A O   1 
ATOM   1185 C  CB  . MET A 1 152 ? -19.251 -2.146  12.809  1.00 10.48 ? 1753 MET A CB  1 
ATOM   1186 C  CG  . MET A 1 152 ? -20.537 -2.922  13.050  1.00 12.51 ? 1753 MET A CG  1 
ATOM   1187 S  SD  . MET A 1 152 ? -21.228 -3.595  11.534  1.00 20.73 ? 1753 MET A SD  1 
ATOM   1188 C  CE  . MET A 1 152 ? -22.071 -2.144  10.894  1.00 18.39 ? 1753 MET A CE  1 
ATOM   1189 N  N   . VAL A 1 153 ? -16.190 -1.507  12.960  1.00 14.57 ? 1754 VAL A N   1 
ATOM   1190 C  CA  . VAL A 1 153 ? -15.073 -0.635  12.609  1.00 14.75 ? 1754 VAL A CA  1 
ATOM   1191 C  C   . VAL A 1 153 ? -13.901 -1.434  12.060  1.00 14.05 ? 1754 VAL A C   1 
ATOM   1192 O  O   . VAL A 1 153 ? -13.287 -1.047  11.067  1.00 4.95  ? 1754 VAL A O   1 
ATOM   1193 C  CB  . VAL A 1 153 ? -14.605 0.193   13.830  1.00 18.69 ? 1754 VAL A CB  1 
ATOM   1194 C  CG1 . VAL A 1 153 ? -13.315 0.940   13.501  1.00 18.87 ? 1754 VAL A CG1 1 
ATOM   1195 C  CG2 . VAL A 1 153 ? -15.692 1.187   14.222  1.00 18.86 ? 1754 VAL A CG2 1 
ATOM   1196 N  N   . LYS A 1 154 ? -13.585 -2.547  12.711  1.00 7.40  ? 1755 LYS A N   1 
ATOM   1197 C  CA  . LYS A 1 154 ? -12.485 -3.394  12.269  1.00 7.37  ? 1755 LYS A CA  1 
ATOM   1198 C  C   . LYS A 1 154 ? -12.754 -3.886  10.853  1.00 7.80  ? 1755 LYS A C   1 
ATOM   1199 O  O   . LYS A 1 154 ? -11.877 -3.835  9.990   1.00 7.19  ? 1755 LYS A O   1 
ATOM   1200 C  CB  . LYS A 1 154 ? -12.323 -4.596  13.204  1.00 9.70  ? 1755 LYS A CB  1 
ATOM   1201 C  CG  . LYS A 1 154 ? -11.245 -5.576  12.747  1.00 11.12 ? 1755 LYS A CG  1 
ATOM   1202 C  CD  . LYS A 1 154 ? -10.986 -6.670  13.773  1.00 13.43 ? 1755 LYS A CD  1 
ATOM   1203 C  CE  . LYS A 1 154 ? -9.945  -7.657  13.253  1.00 15.78 ? 1755 LYS A CE  1 
ATOM   1204 N  NZ  . LYS A 1 154 ? -9.628  -8.733  14.239  1.00 18.12 ? 1755 LYS A NZ  1 
ATOM   1205 N  N   . SER A 1 155 ? -13.972 -4.363  10.621  1.00 7.09  ? 1756 SER A N   1 
ATOM   1206 C  CA  . SER A 1 155 ? -14.343 -4.861  9.303   1.00 7.29  ? 1756 SER A CA  1 
ATOM   1207 C  C   . SER A 1 155 ? -14.351 -3.779  8.233   1.00 7.80  ? 1756 SER A C   1 
ATOM   1208 O  O   . SER A 1 155 ? -13.945 -4.028  7.094   1.00 8.41  ? 1756 SER A O   1 
ATOM   1209 C  CB  . SER A 1 155 ? -15.708 -5.550  9.371   1.00 9.39  ? 1756 SER A CB  1 
ATOM   1210 O  OG  . SER A 1 155 ? -15.596 -6.764  10.096  1.00 10.02 ? 1756 SER A OG  1 
ATOM   1211 N  N   . PHE A 1 156 ? -14.808 -2.582  8.595   1.00 7.32  ? 1757 PHE A N   1 
ATOM   1212 C  CA  . PHE A 1 156 ? -14.850 -1.466  7.655   1.00 8.22  ? 1757 PHE A CA  1 
ATOM   1213 C  C   . PHE A 1 156 ? -13.426 -1.149  7.197   1.00 7.49  ? 1757 PHE A C   1 
ATOM   1214 O  O   . PHE A 1 156 ? -13.185 -0.933  6.015   1.00 8.93  ? 1757 PHE A O   1 
ATOM   1215 C  CB  . PHE A 1 156 ? -15.473 -0.233  8.322   1.00 8.57  ? 1757 PHE A CB  1 
ATOM   1216 C  CG  . PHE A 1 156 ? -15.658 0.941   7.393   1.00 10.94 ? 1757 PHE A CG  1 
ATOM   1217 C  CD1 . PHE A 1 156 ? -16.484 0.843   6.280   1.00 10.87 ? 1757 PHE A CD1 1 
ATOM   1218 C  CD2 . PHE A 1 156 ? -15.029 2.156   7.654   1.00 15.55 ? 1757 PHE A CD2 1 
ATOM   1219 C  CE1 . PHE A 1 156 ? -16.684 1.936   5.435   1.00 16.17 ? 1757 PHE A CE1 1 
ATOM   1220 C  CE2 . PHE A 1 156 ? -15.221 3.260   6.814   1.00 14.28 ? 1757 PHE A CE2 1 
ATOM   1221 C  CZ  . PHE A 1 156 ? -16.050 3.149   5.704   1.00 18.27 ? 1757 PHE A CZ  1 
ATOM   1222 N  N   . PHE A 1 157 ? -12.487 -1.130  8.136   1.00 6.33  ? 1758 PHE A N   1 
ATOM   1223 C  CA  . PHE A 1 157 ? -11.091 -0.860  7.799   1.00 6.06  ? 1758 PHE A CA  1 
ATOM   1224 C  C   . PHE A 1 157 ? -10.531 -1.937  6.869   1.00 6.14  ? 1758 PHE A C   1 
ATOM   1225 O  O   . PHE A 1 157 ? -9.891  -1.638  5.856   1.00 8.02  ? 1758 PHE A O   1 
ATOM   1226 C  CB  . PHE A 1 157 ? -10.244 -0.790  9.075   1.00 7.22  ? 1758 PHE A CB  1 
ATOM   1227 C  CG  . PHE A 1 157 ? -8.768  -0.732  8.821   1.00 8.19  ? 1758 PHE A CG  1 
ATOM   1228 C  CD1 . PHE A 1 157 ? -8.214  0.313   8.092   1.00 10.94 ? 1758 PHE A CD1 1 
ATOM   1229 C  CD2 . PHE A 1 157 ? -7.931  -1.737  9.295   1.00 10.09 ? 1758 PHE A CD2 1 
ATOM   1230 C  CE1 . PHE A 1 157 ? -6.850  0.355   7.838   1.00 12.38 ? 1758 PHE A CE1 1 
ATOM   1231 C  CE2 . PHE A 1 157 ? -6.566  -1.705  9.047   1.00 12.97 ? 1758 PHE A CE2 1 
ATOM   1232 C  CZ  . PHE A 1 157 ? -6.023  -0.661  8.320   1.00 8.99  ? 1758 PHE A CZ  1 
ATOM   1233 N  N   . ILE A 1 158 ? -10.767 -3.197  7.214   1.00 6.90  ? 1759 ILE A N   1 
ATOM   1234 C  CA  . ILE A 1 158 ? -10.261 -4.290  6.398   1.00 5.90  ? 1759 ILE A CA  1 
ATOM   1235 C  C   . ILE A 1 158 ? -10.813 -4.206  4.983   1.00 6.64  ? 1759 ILE A C   1 
ATOM   1236 O  O   . ILE A 1 158 ? -10.077 -4.405  4.014   1.00 7.23  ? 1759 ILE A O   1 
ATOM   1237 C  CB  . ILE A 1 158 ? -10.595 -5.647  7.048   1.00 5.85  ? 1759 ILE A CB  1 
ATOM   1238 C  CG1 . ILE A 1 158 ? -9.767  -5.797  8.329   1.00 7.82  ? 1759 ILE A CG1 1 
ATOM   1239 C  CG2 . ILE A 1 158 ? -10.316 -6.795  6.074   1.00 6.83  ? 1759 ILE A CG2 1 
ATOM   1240 C  CD1 . ILE A 1 158 ? -10.129 -7.011  9.176   1.00 10.24 ? 1759 ILE A CD1 1 
ATOM   1241 N  N   . ARG A 1 159 ? -12.102 -3.889  4.854   1.00 7.78  ? 1760 ARG A N   1 
ATOM   1242 C  CA  . ARG A 1 159 ? -12.698 -3.769  3.528   1.00 9.76  ? 1760 ARG A CA  1 
ATOM   1243 C  C   . ARG A 1 159 ? -12.071 -2.644  2.718   1.00 9.56  ? 1760 ARG A C   1 
ATOM   1244 O  O   . ARG A 1 159 ? -11.875 -2.784  1.519   1.00 10.01 ? 1760 ARG A O   1 
ATOM   1245 C  CB  . ARG A 1 159 ? -14.208 -3.530  3.613   1.00 12.25 ? 1760 ARG A CB  1 
ATOM   1246 C  CG  . ARG A 1 159 ? -15.019 -4.769  3.936   1.00 18.33 ? 1760 ARG A CG  1 
ATOM   1247 C  CD  . ARG A 1 159 ? -16.474 -4.594  3.509   1.00 16.87 ? 1760 ARG A CD  1 
ATOM   1248 N  NE  . ARG A 1 159 ? -17.181 -3.579  4.291   1.00 17.25 ? 1760 ARG A NE  1 
ATOM   1249 C  CZ  . ARG A 1 159 ? -17.534 -3.729  5.565   1.00 19.26 ? 1760 ARG A CZ  1 
ATOM   1250 N  NH1 . ARG A 1 159 ? -17.249 -4.853  6.210   1.00 16.39 ? 1760 ARG A NH1 1 
ATOM   1251 N  NH2 . ARG A 1 159 ? -18.181 -2.759  6.194   1.00 21.54 ? 1760 ARG A NH2 1 
ATOM   1252 N  N   . GLN A 1 160 ? -11.763 -1.523  3.366   1.00 11.05 ? 1761 GLN A N   1 
ATOM   1253 C  CA  . GLN A 1 160 ? -11.155 -0.406  2.649   1.00 10.62 ? 1761 GLN A CA  1 
ATOM   1254 C  C   . GLN A 1 160 ? -9.756  -0.775  2.156   1.00 10.00 ? 1761 GLN A C   1 
ATOM   1255 O  O   . GLN A 1 160 ? -9.371  -0.446  1.033   1.00 9.29  ? 1761 GLN A O   1 
ATOM   1256 C  CB  . GLN A 1 160 ? -11.068 0.832   3.545   1.00 10.75 ? 1761 GLN A CB  1 
ATOM   1257 C  CG  . GLN A 1 160 ? -12.412 1.378   4.002   1.00 15.19 ? 1761 GLN A CG  1 
ATOM   1258 C  CD  . GLN A 1 160 ? -13.381 1.601   2.855   1.00 20.17 ? 1761 GLN A CD  1 
ATOM   1259 O  OE1 . GLN A 1 160 ? -13.019 2.151   1.812   1.00 17.80 ? 1761 GLN A OE1 1 
ATOM   1260 N  NE2 . GLN A 1 160 ? -14.626 1.179   3.046   1.00 25.55 ? 1761 GLN A NE2 1 
ATOM   1261 N  N   . MET A 1 161 ? -8.997  -1.455  3.007   1.00 8.53  ? 1762 MET A N   1 
ATOM   1262 C  CA  . MET A 1 161 ? -7.646  -1.866  2.648   1.00 8.44  ? 1762 MET A CA  1 
ATOM   1263 C  C   . MET A 1 161 ? -7.653  -2.896  1.523   1.00 9.89  ? 1762 MET A C   1 
ATOM   1264 O  O   . MET A 1 161 ? -6.790  -2.870  0.648   1.00 11.10 ? 1762 MET A O   1 
ATOM   1265 C  CB  . MET A 1 161 ? -6.930  -2.426  3.876   1.00 10.21 ? 1762 MET A CB  1 
ATOM   1266 C  CG  . MET A 1 161 ? -6.535  -1.357  4.882   1.00 10.68 ? 1762 MET A CG  1 
ATOM   1267 S  SD  . MET A 1 161 ? -5.194  -0.289  4.279   1.00 10.71 ? 1762 MET A SD  1 
ATOM   1268 C  CE  . MET A 1 161 ? -3.808  -1.407  4.415   1.00 11.54 ? 1762 MET A CE  1 
ATOM   1269 N  N   . GLU A 1 162 ? -8.629  -3.796  1.533   1.00 9.14  ? 1763 GLU A N   1 
ATOM   1270 C  CA  . GLU A 1 162 ? -8.709  -4.817  0.492   1.00 10.90 ? 1763 GLU A CA  1 
ATOM   1271 C  C   . GLU A 1 162 ? -9.103  -4.211  -0.852  1.00 12.07 ? 1763 GLU A C   1 
ATOM   1272 O  O   . GLU A 1 162 ? -8.697  -4.702  -1.909  1.00 13.35 ? 1763 GLU A O   1 
ATOM   1273 C  CB  . GLU A 1 162 ? -9.694  -5.913  0.909   1.00 11.91 ? 1763 GLU A CB  1 
ATOM   1274 C  CG  . GLU A 1 162 ? -9.217  -6.687  2.128   1.00 10.29 ? 1763 GLU A CG  1 
ATOM   1275 C  CD  . GLU A 1 162 ? -10.237 -7.687  2.646   1.00 14.77 ? 1763 GLU A CD  1 
ATOM   1276 O  OE1 . GLU A 1 162 ? -11.446 -7.387  2.583   1.00 17.47 ? 1763 GLU A OE1 1 
ATOM   1277 O  OE2 . GLU A 1 162 ? -9.818  -8.762  3.138   1.00 13.34 ? 1763 GLU A OE2 1 
ATOM   1278 N  N   . ARG A 1 163 ? -9.885  -3.135  -0.807  1.00 10.88 ? 1764 ARG A N   1 
ATOM   1279 C  CA  . ARG A 1 163 ? -10.313 -2.454  -2.027  1.00 12.06 ? 1764 ARG A CA  1 
ATOM   1280 C  C   . ARG A 1 163 ? -9.123  -1.774  -2.709  1.00 13.11 ? 1764 ARG A C   1 
ATOM   1281 O  O   . ARG A 1 163 ? -8.909  -1.920  -3.912  1.00 14.65 ? 1764 ARG A O   1 
ATOM   1282 C  CB  . ARG A 1 163 ? -11.376 -1.398  -1.699  1.00 15.42 ? 1764 ARG A CB  1 
ATOM   1283 C  CG  . ARG A 1 163 ? -11.782 -0.544  -2.892  1.00 20.70 ? 1764 ARG A CG  1 
ATOM   1284 C  CD  . ARG A 1 163 ? -12.704 0.606   -2.500  1.00 26.27 ? 1764 ARG A CD  1 
ATOM   1285 N  NE  . ARG A 1 163 ? -13.090 1.388   -3.672  1.00 34.87 ? 1764 ARG A NE  1 
ATOM   1286 C  CZ  . ARG A 1 163 ? -13.897 2.444   -3.643  1.00 34.82 ? 1764 ARG A CZ  1 
ATOM   1287 N  NH1 . ARG A 1 163 ? -14.413 2.859   -2.494  1.00 37.45 ? 1764 ARG A NH1 1 
ATOM   1288 N  NH2 . ARG A 1 163 ? -14.191 3.082   -4.768  1.00 38.03 ? 1764 ARG A NH2 1 
ATOM   1289 N  N   . VAL A 1 164 ? -8.343  -1.044  -1.924  1.00 10.56 ? 1765 VAL A N   1 
ATOM   1290 C  CA  . VAL A 1 164 ? -7.197  -0.304  -2.444  1.00 10.63 ? 1765 VAL A CA  1 
ATOM   1291 C  C   . VAL A 1 164 ? -5.907  -1.116  -2.605  1.00 10.21 ? 1765 VAL A C   1 
ATOM   1292 O  O   . VAL A 1 164 ? -5.152  -0.903  -3.560  1.00 10.96 ? 1765 VAL A O   1 
ATOM   1293 C  CB  . VAL A 1 164 ? -6.924  0.927   -1.553  1.00 12.49 ? 1765 VAL A CB  1 
ATOM   1294 C  CG1 . VAL A 1 164 ? -5.807  1.769   -2.146  1.00 15.79 ? 1765 VAL A CG1 1 
ATOM   1295 C  CG2 . VAL A 1 164 ? -8.201  1.759   -1.426  1.00 15.86 ? 1765 VAL A CG2 1 
ATOM   1296 N  N   . PHE A 1 165 ? -5.658  -2.042  -1.682  1.00 8.78  ? 1766 PHE A N   1 
ATOM   1297 C  CA  . PHE A 1 165 ? -4.455  -2.886  -1.714  1.00 8.10  ? 1766 PHE A CA  1 
ATOM   1298 C  C   . PHE A 1 165 ? -4.846  -4.373  -1.632  1.00 9.78  ? 1766 PHE A C   1 
ATOM   1299 O  O   . PHE A 1 165 ? -4.580  -5.042  -0.632  1.00 8.72  ? 1766 PHE A O   1 
ATOM   1300 C  CB  . PHE A 1 165 ? -3.547  -2.547  -0.527  1.00 8.25  ? 1766 PHE A CB  1 
ATOM   1301 C  CG  . PHE A 1 165 ? -3.163  -1.087  -0.435  1.00 8.79  ? 1766 PHE A CG  1 
ATOM   1302 C  CD1 . PHE A 1 165 ? -2.341  -0.506  -1.392  1.00 12.28 ? 1766 PHE A CD1 1 
ATOM   1303 C  CD2 . PHE A 1 165 ? -3.605  -0.307  0.632   1.00 7.91  ? 1766 PHE A CD2 1 
ATOM   1304 C  CE1 . PHE A 1 165 ? -1.957  0.834   -1.289  1.00 12.36 ? 1766 PHE A CE1 1 
ATOM   1305 C  CE2 . PHE A 1 165 ? -3.229  1.035   0.747   1.00 10.12 ? 1766 PHE A CE2 1 
ATOM   1306 C  CZ  . PHE A 1 165 ? -2.401  1.605   -0.219  1.00 9.90  ? 1766 PHE A CZ  1 
ATOM   1307 N  N   . PRO A 1 166 ? -5.347  -4.918  -2.698  1.00 11.64 ? 1767 PRO A N   1 
ATOM   1308 C  CA  . PRO A 1 166 ? -5.873  -6.286  -2.672  1.00 12.29 ? 1767 PRO A CA  1 
ATOM   1309 C  C   . PRO A 1 166 ? -4.771  -7.370  -2.448  1.00 11.38 ? 1767 PRO A C   1 
ATOM   1310 O  O   . PRO A 1 166 ? -5.072  -8.362  -2.031  1.00 11.70 ? 1767 PRO A O   1 
ATOM   1311 C  CB  . PRO A 1 166 ? -6.484  -6.453  -4.053  1.00 15.84 ? 1767 PRO A CB  1 
ATOM   1312 C  CG  . PRO A 1 166 ? -6.162  -5.404  -4.778  1.00 15.43 ? 1767 PRO A CG  1 
ATOM   1313 C  CD  . PRO A 1 166 ? -5.668  -4.250  -3.954  1.00 13.03 ? 1767 PRO A CD  1 
ATOM   1314 N  N   . TRP A 1 167 ? -3.550  -7.008  -2.797  1.00 10.16 ? 1768 TRP A N   1 
ATOM   1315 C  CA  . TRP A 1 167 ? -2.389  -7.886  -2.636  1.00 9.31  ? 1768 TRP A CA  1 
ATOM   1316 C  C   . TRP A 1 167 ? -1.814  -7.877  -1.220  1.00 9.46  ? 1768 TRP A C   1 
ATOM   1317 O  O   . TRP A 1 167 ? -0.941  -8.685  -0.899  1.00 10.19 ? 1768 TRP A O   1 
ATOM   1318 C  CB  . TRP A 1 167 ? -1.278  -7.420  -3.578  1.00 8.70  ? 1768 TRP A CB  1 
ATOM   1319 C  CG  . TRP A 1 167 ? -1.005  -5.947  -3.408  1.00 8.98  ? 1768 TRP A CG  1 
ATOM   1320 C  CD1 . TRP A 1 167 ? -1.610  -4.922  -4.076  1.00 9.85  ? 1768 TRP A CD1 1 
ATOM   1321 C  CD2 . TRP A 1 167 ? -0.145  -5.336  -2.431  1.00 11.90 ? 1768 TRP A CD2 1 
ATOM   1322 N  NE1 . TRP A 1 167 ? -1.187  -3.712  -3.575  1.00 9.47  ? 1768 TRP A NE1 1 
ATOM   1323 C  CE2 . TRP A 1 167 ? -0.290  -3.936  -2.565  1.00 10.09 ? 1768 TRP A CE2 1 
ATOM   1324 C  CE3 . TRP A 1 167 ? 0.728   -5.835  -1.456  1.00 14.27 ? 1768 TRP A CE3 1 
ATOM   1325 C  CZ2 . TRP A 1 167 ? 0.409   -3.026  -1.756  1.00 8.71  ? 1768 TRP A CZ2 1 
ATOM   1326 C  CZ3 . TRP A 1 167 ? 1.424   -4.930  -0.652  1.00 11.20 ? 1768 TRP A CZ3 1 
ATOM   1327 C  CH2 . TRP A 1 167 ? 1.257   -3.541  -0.810  1.00 12.55 ? 1768 TRP A CH2 1 
ATOM   1328 N  N   . PHE A 1 168 ? -2.297  -6.953  -0.389  1.00 7.83  ? 1769 PHE A N   1 
ATOM   1329 C  CA  . PHE A 1 168 ? -1.797  -6.763  0.972   1.00 8.02  ? 1769 PHE A CA  1 
ATOM   1330 C  C   . PHE A 1 168 ? -2.561  -7.532  2.045   1.00 8.65  ? 1769 PHE A C   1 
ATOM   1331 O  O   . PHE A 1 168 ? -3.785  -7.464  2.111   1.00 10.82 ? 1769 PHE A O   1 
ATOM   1332 C  CB  . PHE A 1 168 ? -1.811  -5.259  1.298   1.00 5.88  ? 1769 PHE A CB  1 
ATOM   1333 C  CG  . PHE A 1 168 ? -1.236  -4.923  2.637   1.00 7.53  ? 1769 PHE A CG  1 
ATOM   1334 C  CD1 . PHE A 1 168 ? 0.139   -4.949  2.847   1.00 10.12 ? 1769 PHE A CD1 1 
ATOM   1335 C  CD2 . PHE A 1 168 ? -2.072  -4.604  3.703   1.00 9.84  ? 1769 PHE A CD2 1 
ATOM   1336 C  CE1 . PHE A 1 168 ? 0.675   -4.666  4.103   1.00 13.78 ? 1769 PHE A CE1 1 
ATOM   1337 C  CE2 . PHE A 1 168 ? -1.548  -4.320  4.962   1.00 10.02 ? 1769 PHE A CE2 1 
ATOM   1338 C  CZ  . PHE A 1 168 ? -0.171  -4.351  5.163   1.00 10.25 ? 1769 PHE A CZ  1 
ATOM   1339 N  N   . SER A 1 169 ? -1.818  -8.241  2.894   1.00 8.56  ? 1770 SER A N   1 
ATOM   1340 C  CA  . SER A 1 169 ? -2.402  -9.063  3.958   1.00 10.26 ? 1770 SER A CA  1 
ATOM   1341 C  C   . SER A 1 169 ? -2.747  -8.308  5.240   1.00 11.51 ? 1770 SER A C   1 
ATOM   1342 O  O   . SER A 1 169 ? -2.123  -8.522  6.274   1.00 12.70 ? 1770 SER A O   1 
ATOM   1343 C  CB  . SER A 1 169 ? -1.453  -10.216 4.300   1.00 22.36 ? 1770 SER A CB  1 
ATOM   1344 O  OG  . SER A 1 169 ? -1.217  -11.037 3.170   1.00 29.16 ? 1770 SER A OG  1 
ATOM   1345 N  N   . VAL A 1 170 ? -3.758  -7.451  5.172   1.00 12.26 ? 1771 VAL A N   1 
ATOM   1346 C  CA  . VAL A 1 170 ? -4.189  -6.671  6.325   1.00 11.64 ? 1771 VAL A CA  1 
ATOM   1347 C  C   . VAL A 1 170 ? -4.701  -7.555  7.472   1.00 11.68 ? 1771 VAL A C   1 
ATOM   1348 O  O   . VAL A 1 170 ? -4.499  -7.245  8.646   1.00 12.22 ? 1771 VAL A O   1 
ATOM   1349 C  CB  . VAL A 1 170 ? -5.289  -5.655  5.907   1.00 12.59 ? 1771 VAL A CB  1 
ATOM   1350 C  CG1 . VAL A 1 170 ? -6.501  -6.395  5.371   1.00 13.01 ? 1771 VAL A CG1 1 
ATOM   1351 C  CG2 . VAL A 1 170 ? -5.660  -4.765  7.077   1.00 13.32 ? 1771 VAL A CG2 1 
ATOM   1352 N  N   . LYS A 1 171 ? -5.354  -8.663  7.135   1.00 12.47 ? 1772 LYS A N   1 
ATOM   1353 C  CA  . LYS A 1 171 ? -5.885  -9.566  8.157   1.00 13.68 ? 1772 LYS A CA  1 
ATOM   1354 C  C   . LYS A 1 171 ? -4.804  -10.225 9.009   1.00 15.62 ? 1772 LYS A C   1 
ATOM   1355 O  O   . LYS A 1 171 ? -5.066  -10.636 10.141  1.00 16.57 ? 1772 LYS A O   1 
ATOM   1356 C  CB  . LYS A 1 171 ? -6.738  -10.662 7.506   1.00 18.85 ? 1772 LYS A CB  1 
ATOM   1357 C  CG  . LYS A 1 171 ? -8.022  -10.161 6.857   1.00 19.70 ? 1772 LYS A CG  1 
ATOM   1358 C  CD  . LYS A 1 171 ? -8.710  -11.261 6.057   1.00 23.82 ? 1772 LYS A CD  1 
ATOM   1359 C  CE  . LYS A 1 171 ? -9.180  -12.395 6.951   1.00 29.48 ? 1772 LYS A CE  1 
ATOM   1360 N  NZ  . LYS A 1 171 ? -9.894  -13.444 6.173   1.00 34.12 ? 1772 LYS A NZ  1 
ATOM   1361 N  N   . LYS A 1 172 ? -3.592  -10.326 8.471   1.00 19.53 ? 1773 LYS A N   1 
ATOM   1362 C  CA  . LYS A 1 172 ? -2.495  -10.972 9.180   1.00 20.26 ? 1773 LYS A CA  1 
ATOM   1363 C  C   . LYS A 1 172 ? -1.638  -10.062 10.057  1.00 19.77 ? 1773 LYS A C   1 
ATOM   1364 O  O   . LYS A 1 172 ? -0.605  -10.492 10.568  1.00 15.07 ? 1773 LYS A O   1 
ATOM   1365 C  CB  . LYS A 1 172 ? -1.599  -11.708 8.178   1.00 32.07 ? 1773 LYS A CB  1 
ATOM   1366 C  CG  . LYS A 1 172 ? -2.317  -12.827 7.441   1.00 32.54 ? 1773 LYS A CG  1 
ATOM   1367 C  CD  . LYS A 1 172 ? -1.387  -13.598 6.519   1.00 32.70 ? 1773 LYS A CD  1 
ATOM   1368 C  CE  . LYS A 1 172 ? -2.113  -14.786 5.896   1.00 32.72 ? 1773 LYS A CE  1 
ATOM   1369 N  NZ  . LYS A 1 172 ? -1.265  -15.547 4.936   1.00 32.82 ? 1773 LYS A NZ  1 
ATOM   1370 N  N   . SER A 1 173 ? -2.061  -8.818  10.245  1.00 14.47 ? 1774 SER A N   1 
ATOM   1371 C  CA  . SER A 1 173 ? -1.292  -7.893  11.074  1.00 14.79 ? 1774 SER A CA  1 
ATOM   1372 C  C   . SER A 1 173 ? -0.967  -8.496  12.435  1.00 15.68 ? 1774 SER A C   1 
ATOM   1373 O  O   . SER A 1 173 ? -1.839  -9.045  13.110  1.00 14.62 ? 1774 SER A O   1 
ATOM   1374 C  CB  . SER A 1 173 ? -2.059  -6.590  11.288  1.00 12.81 ? 1774 SER A CB  1 
ATOM   1375 O  OG  . SER A 1 173 ? -1.292  -5.699  12.084  1.00 14.47 ? 1774 SER A OG  1 
ATOM   1376 N  N   . ARG A 1 174 ? 0.274   -8.329  12.877  1.00 19.29 ? 1775 ARG A N   1 
ATOM   1377 C  CA  . ARG A 1 174 ? 0.691   -8.828  14.171  1.00 19.66 ? 1775 ARG A CA  1 
ATOM   1378 C  C   . ARG A 1 174 ? 0.102   -8.088  15.310  1.00 19.24 ? 1775 ARG A C   1 
ATOM   1379 O  O   . ARG A 1 174 ? 0.154   -8.506  16.378  1.00 16.97 ? 1775 ARG A O   1 
ATOM   1380 C  CB  . ARG A 1 174 ? 2.199   -8.929  14.331  1.00 33.46 ? 1775 ARG A CB  1 
ATOM   1381 C  CG  . ARG A 1 174 ? 2.929   -7.740  14.063  1.00 34.02 ? 1775 ARG A CG  1 
ATOM   1382 C  CD  . ARG A 1 174 ? 4.478   -7.799  14.188  1.00 34.19 ? 1775 ARG A CD  1 
ATOM   1383 N  NE  . ARG A 1 174 ? 4.777   -8.090  15.459  1.00 34.18 ? 1775 ARG A NE  1 
ATOM   1384 C  CZ  . ARG A 1 174 ? 5.621   -7.516  16.228  1.00 34.34 ? 1775 ARG A CZ  1 
ATOM   1385 N  NH1 . ARG A 1 174 ? 6.503   -6.672  15.804  1.00 34.25 ? 1775 ARG A NH1 1 
ATOM   1386 N  NH2 . ARG A 1 174 ? 5.617   -7.913  17.501  1.00 34.29 ? 1775 ARG A NH2 1 
ATOM   1387 N  N   . PHE A 1 175 ? -0.506  -7.006  14.978  1.00 11.96 ? 1776 PHE A N   1 
ATOM   1388 C  CA  . PHE A 1 175 ? -1.073  -6.159  16.016  1.00 12.96 ? 1776 PHE A CA  1 
ATOM   1389 C  C   . PHE A 1 175 ? -2.561  -6.364  16.311  1.00 12.28 ? 1776 PHE A C   1 
ATOM   1390 O  O   . PHE A 1 175 ? -3.132  -5.665  17.145  1.00 13.92 ? 1776 PHE A O   1 
ATOM   1391 C  CB  . PHE A 1 175 ? -0.755  -4.699  15.695  1.00 18.95 ? 1776 PHE A CB  1 
ATOM   1392 C  CG  . PHE A 1 175 ? 0.720   -4.413  15.658  1.00 19.88 ? 1776 PHE A CG  1 
ATOM   1393 C  CD1 . PHE A 1 175 ? 1.471   -4.424  16.831  1.00 24.07 ? 1776 PHE A CD1 1 
ATOM   1394 C  CD2 . PHE A 1 175 ? 1.373   -4.200  14.447  1.00 19.66 ? 1776 PHE A CD2 1 
ATOM   1395 C  CE1 . PHE A 1 175 ? 2.853   -4.232  16.798  1.00 24.12 ? 1776 PHE A CE1 1 
ATOM   1396 C  CE2 . PHE A 1 175 ? 2.753   -4.008  14.402  1.00 25.19 ? 1776 PHE A CE2 1 
ATOM   1397 C  CZ  . PHE A 1 175 ? 3.494   -4.025  15.579  1.00 25.31 ? 1776 PHE A CZ  1 
ATOM   1398 N  N   . TRP A 1 176 ? -3.185  -7.324  15.630  1.00 13.51 ? 1777 TRP A N   1 
ATOM   1399 C  CA  . TRP A 1 176 ? -4.585  -7.646  15.897  1.00 13.59 ? 1777 TRP A CA  1 
ATOM   1400 C  C   . TRP A 1 176 ? -4.560  -8.550  17.122  1.00 16.23 ? 1777 TRP A C   1 
ATOM   1401 O  O   . TRP A 1 176 ? -3.632  -9.344  17.294  1.00 17.35 ? 1777 TRP A O   1 
ATOM   1402 C  CB  . TRP A 1 176 ? -5.226  -8.435  14.747  1.00 12.74 ? 1777 TRP A CB  1 
ATOM   1403 C  CG  . TRP A 1 176 ? -5.581  -7.647  13.534  1.00 10.80 ? 1777 TRP A CG  1 
ATOM   1404 C  CD1 . TRP A 1 176 ? -5.198  -7.907  12.252  1.00 9.13  ? 1777 TRP A CD1 1 
ATOM   1405 C  CD2 . TRP A 1 176 ? -6.413  -6.482  13.476  1.00 9.32  ? 1777 TRP A CD2 1 
ATOM   1406 N  NE1 . TRP A 1 176 ? -5.736  -6.975  11.397  1.00 9.82  ? 1777 TRP A NE1 1 
ATOM   1407 C  CE2 . TRP A 1 176 ? -6.487  -6.088  12.123  1.00 8.16  ? 1777 TRP A CE2 1 
ATOM   1408 C  CE3 . TRP A 1 176 ? -7.102  -5.733  14.437  1.00 9.27  ? 1777 TRP A CE3 1 
ATOM   1409 C  CZ2 . TRP A 1 176 ? -7.222  -4.977  11.704  1.00 9.88  ? 1777 TRP A CZ2 1 
ATOM   1410 C  CZ3 . TRP A 1 176 ? -7.836  -4.622  14.018  1.00 10.59 ? 1777 TRP A CZ3 1 
ATOM   1411 C  CH2 . TRP A 1 176 ? -7.887  -4.259  12.664  1.00 9.60  ? 1777 TRP A CH2 1 
ATOM   1412 N  N   . GLU A 1 177 ? -5.515  -8.473  17.997  1.00 27.05 ? 1778 GLU A N   1 
ATOM   1413 C  CA  . GLU A 1 177 ? -5.633  -9.361  19.123  1.00 28.04 ? 1778 GLU A CA  1 
ATOM   1414 C  C   . GLU A 1 177 ? -7.032  -9.982  19.015  1.00 28.09 ? 1778 GLU A C   1 
ATOM   1415 O  O   . GLU A 1 177 ? -7.890  -9.513  19.708  1.00 28.00 ? 1778 GLU A O   1 
ATOM   1416 C  CB  . GLU A 1 177 ? -5.454  -8.612  20.438  1.00 36.93 ? 1778 GLU A CB  1 
ATOM   1417 C  CG  . GLU A 1 177 ? -4.158  -7.715  20.546  1.00 37.32 ? 1778 GLU A CG  1 
ATOM   1418 C  CD  . GLU A 1 177 ? -3.868  -6.986  21.866  1.00 37.55 ? 1778 GLU A CD  1 
ATOM   1419 O  OE1 . GLU A 1 177 ? -4.169  -7.558  22.846  1.00 37.62 ? 1778 GLU A OE1 1 
ATOM   1420 O  OE2 . GLU A 1 177 ? -3.416  -5.856  21.833  1.00 37.58 ? 1778 GLU A OE2 1 
HETATM 1421 ZN ZN  . ZN  B 2 .   ? 17.552  -8.970  -14.271 1.00 18.03 ? 1001 ZN  A ZN  1 
HETATM 1422 ZN ZN  . ZN  C 2 .   ? 12.094  -0.505  -22.803 1.00 13.57 ? 1002 ZN  A ZN  1 
HETATM 1423 O  O   . HOH D 3 .   ? -18.681 0.829   26.723  1.00 11.42 ? 1    HOH A O   1 
HETATM 1424 O  O   . HOH D 3 .   ? 8.120   -4.447  0.571   1.00 13.07 ? 2    HOH A O   1 
HETATM 1425 O  O   . HOH D 3 .   ? -5.539  -5.182  2.062   1.00 16.57 ? 3    HOH A O   1 
HETATM 1426 O  O   . HOH D 3 .   ? 21.749  -3.098  -13.015 1.00 15.51 ? 4    HOH A O   1 
HETATM 1427 O  O   . HOH D 3 .   ? 7.966   -0.203  -0.133  1.00 14.75 ? 5    HOH A O   1 
HETATM 1428 O  O   . HOH D 3 .   ? -0.216  -7.282  -7.225  1.00 13.54 ? 6    HOH A O   1 
HETATM 1429 O  O   . HOH D 3 .   ? 3.147   -9.975  -11.160 1.00 16.47 ? 7    HOH A O   1 
HETATM 1430 O  O   . HOH D 3 .   ? -25.138 0.170   24.505  1.00 15.51 ? 8    HOH A O   1 
HETATM 1431 O  O   . HOH D 3 .   ? 4.507   -6.869  -13.285 1.00 15.86 ? 9    HOH A O   1 
HETATM 1432 O  O   . HOH D 3 .   ? -1.072  -4.367  8.960   1.00 16.49 ? 10   HOH A O   1 
HETATM 1433 O  O   . HOH D 3 .   ? -14.341 -3.341  24.271  1.00 15.08 ? 11   HOH A O   1 
HETATM 1434 O  O   . HOH D 3 .   ? -0.472  3.771   15.999  1.00 19.42 ? 12   HOH A O   1 
HETATM 1435 O  O   . HOH D 3 .   ? 0.657   -6.934  -13.970 1.00 17.59 ? 13   HOH A O   1 
HETATM 1436 O  O   . HOH D 3 .   ? 4.409   -5.257  -15.781 1.00 13.67 ? 14   HOH A O   1 
HETATM 1437 O  O   . HOH D 3 .   ? 19.878  -2.096  -11.352 1.00 13.59 ? 15   HOH A O   1 
HETATM 1438 O  O   . HOH D 3 .   ? -18.801 -2.324  8.741   1.00 21.61 ? 16   HOH A O   1 
HETATM 1439 O  O   . HOH D 3 .   ? 4.094   -11.626 -6.794  1.00 17.75 ? 17   HOH A O   1 
HETATM 1440 O  O   . HOH D 3 .   ? -2.426  -1.380  -4.759  1.00 15.94 ? 18   HOH A O   1 
HETATM 1441 O  O   . HOH D 3 .   ? -5.540  -9.908  4.372   1.00 15.56 ? 19   HOH A O   1 
HETATM 1442 O  O   . HOH D 3 .   ? -6.790  9.937   -2.698  1.00 20.01 ? 20   HOH A O   1 
HETATM 1443 O  O   . HOH D 3 .   ? -0.372  -6.925  7.952   1.00 19.58 ? 21   HOH A O   1 
HETATM 1444 O  O   . HOH D 3 .   ? 0.235   -10.372 0.785   1.00 19.69 ? 22   HOH A O   1 
HETATM 1445 O  O   . HOH D 3 .   ? -15.272 -5.840  20.862  1.00 18.52 ? 23   HOH A O   1 
HETATM 1446 O  O   . HOH D 3 .   ? 13.878  2.741   -15.603 1.00 17.69 ? 24   HOH A O   1 
HETATM 1447 O  O   . HOH D 3 .   ? 2.914   -3.827  -27.444 1.00 18.10 ? 25   HOH A O   1 
HETATM 1448 O  O   . HOH D 3 .   ? -6.858  4.165   19.829  1.00 18.75 ? 26   HOH A O   1 
HETATM 1449 O  O   . HOH D 3 .   ? 5.320   7.613   -1.961  1.00 18.45 ? 27   HOH A O   1 
HETATM 1450 O  O   . HOH D 3 .   ? 4.858   -2.744  -16.302 1.00 23.87 ? 28   HOH A O   1 
HETATM 1451 O  O   . HOH D 3 .   ? -13.251 -4.482  -0.248  1.00 20.70 ? 29   HOH A O   1 
HETATM 1452 O  O   . HOH D 3 .   ? -9.196  -7.626  16.819  1.00 19.38 ? 30   HOH A O   1 
HETATM 1453 O  O   . HOH D 3 .   ? -13.161 -8.121  10.552  1.00 19.39 ? 31   HOH A O   1 
HETATM 1454 O  O   . HOH D 3 .   ? 4.070   -0.092  -15.465 1.00 21.81 ? 32   HOH A O   1 
HETATM 1455 O  O   . HOH D 3 .   ? -20.579 6.301   10.374  1.00 21.38 ? 33   HOH A O   1 
HETATM 1456 O  O   . HOH D 3 .   ? 2.489   10.170  3.394   1.00 22.26 ? 34   HOH A O   1 
HETATM 1457 O  O   . HOH D 3 .   ? 9.459   6.513   -17.182 1.00 18.87 ? 35   HOH A O   1 
HETATM 1458 O  O   . HOH D 3 .   ? -7.575  -9.829  2.438   1.00 16.46 ? 36   HOH A O   1 
HETATM 1459 O  O   . HOH D 3 .   ? 15.365  -1.369  -16.679 1.00 19.68 ? 37   HOH A O   1 
HETATM 1460 O  O   . HOH D 3 .   ? 6.213   -11.547 -13.450 1.00 21.49 ? 38   HOH A O   1 
HETATM 1461 O  O   . HOH D 3 .   ? -2.703  -1.355  20.067  1.00 15.61 ? 39   HOH A O   1 
HETATM 1462 O  O   . HOH D 3 .   ? 7.907   -8.470  1.828   1.00 23.62 ? 40   HOH A O   1 
HETATM 1463 O  O   . HOH D 3 .   ? -7.874  -10.920 13.682  1.00 26.44 ? 41   HOH A O   1 
HETATM 1464 O  O   . HOH D 3 .   ? 1.098   -8.307  2.726   1.00 19.22 ? 42   HOH A O   1 
HETATM 1465 O  O   . HOH D 3 .   ? -17.401 -7.748  11.633  1.00 20.20 ? 43   HOH A O   1 
HETATM 1466 O  O   . HOH D 3 .   ? 9.110   -8.798  -25.382 1.00 21.93 ? 44   HOH A O   1 
HETATM 1467 O  O   . HOH D 3 .   ? 2.001   -10.182 -8.614  1.00 16.74 ? 45   HOH A O   1 
HETATM 1468 O  O   . HOH D 3 .   ? 4.239   -5.393  3.235   1.00 21.16 ? 46   HOH A O   1 
HETATM 1469 O  O   . HOH D 3 .   ? 9.019   -16.191 -16.074 1.00 28.00 ? 47   HOH A O   1 
HETATM 1470 O  O   . HOH D 3 .   ? -3.342  -11.312 12.724  1.00 24.08 ? 48   HOH A O   1 
HETATM 1471 O  O   . HOH D 3 .   ? -7.770  -10.311 11.323  1.00 25.46 ? 49   HOH A O   1 
HETATM 1472 O  O   . HOH D 3 .   ? 5.354   0.683   -0.514  1.00 20.13 ? 50   HOH A O   1 
HETATM 1473 O  O   . HOH D 3 .   ? 3.147   0.871   13.160  1.00 27.10 ? 51   HOH A O   1 
HETATM 1474 O  O   . HOH D 3 .   ? 12.813  -11.001 -9.750  1.00 23.97 ? 52   HOH A O   1 
HETATM 1475 O  O   . HOH D 3 .   ? -16.666 6.456   4.448   1.00 25.22 ? 53   HOH A O   1 
HETATM 1476 O  O   . HOH D 3 .   ? -2.121  -0.845  -7.273  1.00 19.86 ? 54   HOH A O   1 
HETATM 1477 O  O   . HOH D 3 .   ? -13.758 13.128  10.540  1.00 25.32 ? 55   HOH A O   1 
HETATM 1478 O  O   . HOH D 3 .   ? -6.702  -8.246  0.303   1.00 21.58 ? 56   HOH A O   1 
HETATM 1479 O  O   . HOH D 3 .   ? 16.874  -14.801 -15.915 1.00 25.10 ? 57   HOH A O   1 
HETATM 1480 O  O   . HOH D 3 .   ? -2.359  -13.751 3.142   1.00 23.71 ? 58   HOH A O   1 
HETATM 1481 O  O   . HOH D 3 .   ? 7.527   -22.435 -14.303 1.00 22.43 ? 59   HOH A O   1 
HETATM 1482 O  O   . HOH D 3 .   ? 14.642  -5.284  -5.856  1.00 23.65 ? 60   HOH A O   1 
HETATM 1483 O  O   . HOH D 3 .   ? -23.353 -0.210  17.481  1.00 24.81 ? 61   HOH A O   1 
HETATM 1484 O  O   . HOH D 3 .   ? 10.179  -10.697 -24.048 1.00 19.94 ? 62   HOH A O   1 
HETATM 1485 O  O   . HOH D 3 .   ? 16.700  -8.699  -25.249 1.00 30.28 ? 63   HOH A O   1 
HETATM 1486 O  O   . HOH D 3 .   ? -13.809 0.866   30.861  1.00 26.40 ? 64   HOH A O   1 
HETATM 1487 O  O   . HOH D 3 .   ? 1.604   12.644  13.342  1.00 26.65 ? 65   HOH A O   1 
HETATM 1488 O  O   . HOH D 3 .   ? 21.787  -6.720  -11.142 1.00 26.58 ? 66   HOH A O   1 
HETATM 1489 O  O   . HOH D 3 .   ? -5.662  14.617  18.841  1.00 34.24 ? 67   HOH A O   1 
HETATM 1490 O  O   . HOH D 3 .   ? -14.679 12.818  14.593  1.00 26.13 ? 68   HOH A O   1 
HETATM 1491 O  O   . HOH D 3 .   ? 15.716  0.841   -14.802 1.00 23.59 ? 69   HOH A O   1 
HETATM 1492 O  O   . HOH D 3 .   ? -17.344 -1.421  2.480   1.00 29.66 ? 70   HOH A O   1 
HETATM 1493 O  O   . HOH D 3 .   ? 12.106  13.300  -13.853 1.00 27.58 ? 71   HOH A O   1 
HETATM 1494 O  O   . HOH D 3 .   ? -18.736 -7.469  18.027  1.00 23.36 ? 72   HOH A O   1 
HETATM 1495 O  O   . HOH D 3 .   ? -12.022 7.405   -0.024  1.00 26.12 ? 73   HOH A O   1 
HETATM 1496 O  O   . HOH D 3 .   ? 21.632  -15.659 -19.772 1.00 28.63 ? 74   HOH A O   1 
HETATM 1497 O  O   . HOH D 3 .   ? -4.234  4.712   20.000  1.00 26.78 ? 75   HOH A O   1 
HETATM 1498 O  O   . HOH D 3 .   ? -20.542 -6.128  28.400  1.00 26.96 ? 76   HOH A O   1 
HETATM 1499 O  O   . HOH D 3 .   ? 0.056   0.828   -10.202 1.00 23.18 ? 77   HOH A O   1 
HETATM 1500 O  O   . HOH D 3 .   ? -10.253 -7.806  20.095  1.00 25.59 ? 78   HOH A O   1 
HETATM 1501 O  O   . HOH D 3 .   ? -2.691  14.619  1.812   1.00 29.19 ? 79   HOH A O   1 
HETATM 1502 O  O   . HOH D 3 .   ? 11.471  -13.235 -8.424  1.00 29.31 ? 80   HOH A O   1 
HETATM 1503 O  O   . HOH D 3 .   ? -12.506 10.940  18.212  1.00 22.78 ? 81   HOH A O   1 
HETATM 1504 O  O   . HOH D 3 .   ? 16.484  -18.855 -16.683 1.00 33.83 ? 82   HOH A O   1 
HETATM 1505 O  O   . HOH D 3 .   ? 4.680   4.652   12.731  1.00 29.20 ? 83   HOH A O   1 
HETATM 1506 O  O   . HOH D 3 .   ? 2.010   -7.117  -19.777 1.00 24.11 ? 84   HOH A O   1 
HETATM 1507 O  O   . HOH D 3 .   ? -16.486 3.961   25.309  1.00 28.07 ? 85   HOH A O   1 
HETATM 1508 O  O   . HOH D 3 .   ? -4.481  -1.569  24.706  1.00 30.42 ? 86   HOH A O   1 
HETATM 1509 O  O   . HOH D 3 .   ? 0.615   8.192   -10.439 1.00 28.40 ? 87   HOH A O   1 
HETATM 1510 O  O   . HOH D 3 .   ? -6.997  -1.890  -6.599  1.00 34.37 ? 88   HOH A O   1 
HETATM 1511 O  O   . HOH D 3 .   ? 24.343  -10.300 -13.644 1.00 27.17 ? 89   HOH A O   1 
HETATM 1512 O  O   . HOH D 3 .   ? -13.847 2.521   28.866  1.00 29.24 ? 90   HOH A O   1 
HETATM 1513 O  O   . HOH D 3 .   ? 11.255  -15.215 -22.694 1.00 31.35 ? 91   HOH A O   1 
HETATM 1514 O  O   . HOH D 3 .   ? -0.875  10.260  1.196   1.00 25.73 ? 92   HOH A O   1 
HETATM 1515 O  O   . HOH D 3 .   ? -6.194  -5.589  -11.169 1.00 34.52 ? 93   HOH A O   1 
HETATM 1516 O  O   . HOH D 3 .   ? -5.907  0.541   24.911  1.00 33.72 ? 94   HOH A O   1 
HETATM 1517 O  O   . HOH D 3 .   ? 9.835   2.554   4.741   1.00 31.43 ? 95   HOH A O   1 
HETATM 1518 O  O   . HOH D 3 .   ? 5.796   2.808   -20.554 1.00 30.14 ? 96   HOH A O   1 
HETATM 1519 O  O   . HOH D 3 .   ? 10.995  -6.416  -5.647  1.00 34.33 ? 97   HOH A O   1 
HETATM 1520 O  O   . HOH D 3 .   ? -2.752  13.223  17.094  1.00 31.33 ? 98   HOH A O   1 
HETATM 1521 O  O   . HOH D 3 .   ? 18.324  -14.873 -13.895 1.00 35.37 ? 99   HOH A O   1 
HETATM 1522 O  O   . HOH D 3 .   ? 7.567   1.821   5.888   1.00 29.82 ? 100  HOH A O   1 
HETATM 1523 O  O   . HOH D 3 .   ? 7.805   7.111   8.212   1.00 33.64 ? 101  HOH A O   1 
HETATM 1524 O  O   . HOH D 3 .   ? -5.688  0.416   -5.878  1.00 32.91 ? 102  HOH A O   1 
HETATM 1525 O  O   . HOH D 3 .   ? -4.314  -8.228  -8.694  1.00 37.34 ? 103  HOH A O   1 
HETATM 1526 O  O   . HOH D 3 .   ? -17.058 11.990  9.642   1.00 34.08 ? 104  HOH A O   1 
HETATM 1527 O  O   . HOH D 3 .   ? -16.991 0.966   19.279  1.00 26.85 ? 105  HOH A O   1 
HETATM 1528 O  O   . HOH D 3 .   ? -2.614  17.656  8.074   1.00 29.80 ? 106  HOH A O   1 
HETATM 1529 O  O   . HOH D 3 .   ? -14.334 -6.719  18.152  1.00 27.91 ? 107  HOH A O   1 
HETATM 1530 O  O   . HOH D 3 .   ? -0.406  11.040  17.630  1.00 35.46 ? 108  HOH A O   1 
HETATM 1531 O  O   . HOH D 3 .   ? -18.037 5.781   17.719  1.00 29.23 ? 109  HOH A O   1 
HETATM 1532 O  O   . HOH D 3 .   ? -2.277  -3.989  19.258  1.00 28.84 ? 110  HOH A O   1 
HETATM 1533 O  O   . HOH D 3 .   ? -10.138 -7.460  -3.285  1.00 33.97 ? 111  HOH A O   1 
HETATM 1534 O  O   . HOH D 3 .   ? 5.960   -8.673  -4.248  1.00 28.26 ? 112  HOH A O   1 
HETATM 1535 O  O   . HOH D 3 .   ? 4.652   -0.446  11.569  1.00 36.30 ? 113  HOH A O   1 
HETATM 1536 O  O   . HOH D 3 .   ? 4.806   -20.564 -7.048  1.00 34.38 ? 114  HOH A O   1 
HETATM 1537 O  O   . HOH D 3 .   ? 17.070  -6.291  -23.139 1.00 31.16 ? 115  HOH A O   1 
HETATM 1538 O  O   . HOH D 3 .   ? 9.785   -17.127 -21.579 1.00 38.48 ? 116  HOH A O   1 
HETATM 1539 O  O   . HOH D 3 .   ? 6.898   2.629   -28.144 1.00 32.07 ? 117  HOH A O   1 
HETATM 1540 O  O   . HOH D 3 .   ? 10.139  -19.716 -19.151 1.00 29.42 ? 118  HOH A O   1 
HETATM 1541 O  O   . HOH D 3 .   ? -7.767  6.593   18.893  1.00 31.31 ? 119  HOH A O   1 
HETATM 1542 O  O   . HOH D 3 .   ? -12.464 -1.943  27.635  1.00 31.32 ? 120  HOH A O   1 
HETATM 1543 O  O   . HOH D 3 .   ? -8.917  10.615  -1.055  1.00 31.16 ? 121  HOH A O   1 
HETATM 1544 O  O   . HOH D 3 .   ? -0.422  -6.054  -20.782 1.00 31.86 ? 122  HOH A O   1 
HETATM 1545 O  O   . HOH D 3 .   ? -4.646  -12.489 4.665   1.00 31.86 ? 123  HOH A O   1 
HETATM 1546 O  O   . HOH D 3 .   ? -7.834  4.189   22.452  1.00 31.39 ? 124  HOH A O   1 
HETATM 1547 O  O   . HOH D 3 .   ? -14.371 -11.236 10.284  1.00 31.81 ? 125  HOH A O   1 
HETATM 1548 O  O   . HOH D 3 .   ? 18.996  0.620   -12.190 1.00 31.92 ? 126  HOH A O   1 
HETATM 1549 O  O   . HOH D 3 .   ? -22.289 4.107   21.165  1.00 39.57 ? 127  HOH A O   1 
HETATM 1550 O  O   . HOH D 3 .   ? 13.492  -18.646 -12.450 1.00 29.09 ? 128  HOH A O   1 
HETATM 1551 O  O   . HOH D 3 .   ? -11.097 9.585   -1.561  1.00 32.90 ? 129  HOH A O   1 
HETATM 1552 O  O   . HOH D 3 .   ? -18.165 5.455   20.807  1.00 31.14 ? 130  HOH A O   1 
HETATM 1553 O  O   . HOH D 3 .   ? 3.053   -7.235  1.524   1.00 30.22 ? 131  HOH A O   1 
HETATM 1554 O  O   . HOH D 3 .   ? -20.496 7.238   17.307  1.00 40.47 ? 132  HOH A O   1 
HETATM 1555 O  O   . HOH D 3 .   ? 2.851   -7.172  4.609   1.00 40.38 ? 133  HOH A O   1 
HETATM 1556 O  O   . HOH D 3 .   ? -14.358 8.117   0.855   1.00 33.85 ? 134  HOH A O   1 
HETATM 1557 O  O   . HOH D 3 .   ? 19.259  -12.561 -12.760 1.00 33.18 ? 135  HOH A O   1 
HETATM 1558 O  O   . HOH D 3 .   ? 7.640   -15.608 -6.804  1.00 27.79 ? 136  HOH A O   1 
HETATM 1559 O  O   . HOH D 3 .   ? 6.117   10.093  -1.995  1.00 39.40 ? 137  HOH A O   1 
HETATM 1560 O  O   . HOH D 3 .   ? 7.117   16.838  4.095   1.00 32.17 ? 138  HOH A O   1 
HETATM 1561 O  O   . HOH D 3 .   ? 1.782   10.744  -11.876 1.00 40.57 ? 139  HOH A O   1 
HETATM 1562 O  O   . HOH D 3 .   ? 6.222   11.303  -6.406  1.00 28.75 ? 140  HOH A O   1 
HETATM 1563 O  O   . HOH D 3 .   ? -8.874  -11.990 20.387  1.00 28.60 ? 141  HOH A O   1 
HETATM 1564 O  O   . HOH D 3 .   ? -11.448 -10.651 14.597  1.00 33.96 ? 142  HOH A O   1 
HETATM 1565 O  O   . HOH D 3 .   ? -7.721  2.453   -5.475  1.00 33.20 ? 143  HOH A O   1 
HETATM 1566 O  O   . HOH D 3 .   ? -7.420  -4.824  -8.266  1.00 31.44 ? 144  HOH A O   1 
HETATM 1567 O  O   . HOH D 3 .   ? 19.402  -7.660  -26.121 1.00 39.91 ? 145  HOH A O   1 
HETATM 1568 O  O   . HOH D 3 .   ? 10.483  6.527   7.747   1.00 31.02 ? 146  HOH A O   1 
HETATM 1569 O  O   . HOH D 3 .   ? -5.466  -12.033 14.260  1.00 35.65 ? 147  HOH A O   1 
HETATM 1570 O  O   . HOH D 3 .   ? -21.136 2.776   19.344  1.00 35.50 ? 148  HOH A O   1 
HETATM 1571 O  O   . HOH D 3 .   ? -12.624 -10.673 17.125  1.00 41.96 ? 149  HOH A O   1 
# 
